data_4C3O
#
_entry.id   4C3O
#
_cell.length_a   115.460
_cell.length_b   122.210
_cell.length_c   227.820
_cell.angle_alpha   90.00
_cell.angle_beta   95.56
_cell.angle_gamma   90.00
#
_symmetry.space_group_name_H-M   'I 1 2 1'
#
loop_
_entity.id
_entity.type
_entity.pdbx_description
1 polymer 'HYDROGENASE-1 LARGE SUBUNIT'
2 polymer 'HYDROGENASE-1 SMALL SUBUNIT'
3 non-polymer formyl[bis(hydrocyanato-1kappaC)]ironnickel(Fe-Ni)
4 non-polymer 'CHLORIDE ION'
5 non-polymer 'MAGNESIUM ION'
6 non-polymer 'IRON/SULFUR CLUSTER'
7 non-polymer 'FE3-S4 CLUSTER'
8 non-polymer 'FE4-S3 CLUSTER'
9 non-polymer 'SULFATE ION'
10 water water
#
loop_
_entity_poly.entity_id
_entity_poly.type
_entity_poly.pdbx_seq_one_letter_code
_entity_poly.pdbx_strand_id
1 'polypeptide(L)'
;MAYPYQTQGFTLDNSGRRIVVDPVTRIEGHMRCEVNIDSNNVITNAVSTGTMWRGLEVILKGRDPRDAWAFVERICGVCT
GTHALTSIRAVENALGIAIPDNANCIRNMMQATLHVHDHLVHFYHLHALDWVDVVAALKADPHQTSAIAQSLSAWPLSSP
GYFRDLQNRLKRFIESGQLGPFRNGYWGHPAMKLPPEANLLAVAHYLEALDFQKEIVKIHTVFGGKNPHPNWLVGGVPCA
INLDETGAVGAVNMERLNLVSSIIQKARQFCEQVYLPDVLLIASYYKDWAKIGGGLSSMNLLAYGEFPDNPNDYSASNLL
LPRGAIINGRFDEIHPVDLTAPDEIQEFVTHSWYTYGNGNNDKGLHPWDGLTEPQLVMGEHYKGTKTFIEQVDESAKYSW
IKSPRWKGHAMEVGPLARYLIGYHQNKPEFKEPVDQLLSVLKLPKEALFSTLGRTAARALESVWAGNTLQYFFDRLMRNL
KSGDTATANVTLWEPDTWPTSAKGVGFSEAPRGALGHWIKIANQKIDSYQCVVPTTWNAGPRDDKGQIGAYEAALMGTKL
AVPDQPLEILRTLHSFDPCLACSTH
;
A,C,E
2 'polypeptide(L)'
;LENKPRTPVIWLHGLECTCCTESFIRSAHPLAKDAILSLISLDYDDTIMAAAGQQAEQALADVMREYKGNYIVAVEGNAP
LNEDGMFCILAGEPFLEKLKRVSADAKAIIAWGSCASWGCVQAARPNPTKATPVHKLITDKPIIKVPGCPPIPEVMSAVI
TYMLAFDRIPPLDRLGRPKMFYGQRIHDKCYRRAHFDAGQFVEAWDDEGARKGYCLYKMGCKGPTTYNACSTVRWNDGVS
FPIQSGHGCLGCSEDGFWDYGSFYSRATGSRSHHHHHHH
;
B,D,F
#
# COMPACT_ATOMS: atom_id res chain seq x y z
N TYR A 3 -44.30 8.58 33.37
CA TYR A 3 -44.17 9.29 34.68
C TYR A 3 -43.46 10.59 34.49
N PRO A 4 -44.22 11.71 34.30
CA PRO A 4 -43.61 13.04 34.47
C PRO A 4 -43.10 13.24 35.89
N TYR A 5 -41.80 12.97 36.06
CA TYR A 5 -41.11 12.94 37.38
C TYR A 5 -39.90 13.89 37.40
N GLN A 6 -39.49 14.28 38.62
CA GLN A 6 -38.42 15.27 38.81
C GLN A 6 -37.33 14.80 39.78
N THR A 7 -36.10 14.89 39.31
CA THR A 7 -34.94 14.49 40.05
C THR A 7 -33.95 15.70 39.97
N GLN A 8 -33.31 16.08 41.07
CA GLN A 8 -32.09 16.90 40.97
C GLN A 8 -32.28 18.28 40.33
N GLY A 9 -33.30 19.02 40.76
CA GLY A 9 -33.55 20.37 40.25
C GLY A 9 -34.36 20.37 38.96
N PHE A 10 -33.93 19.55 38.01
CA PHE A 10 -34.58 19.43 36.70
C PHE A 10 -35.88 18.66 36.82
N THR A 11 -36.79 18.92 35.88
CA THR A 11 -38.05 18.21 35.84
C THR A 11 -38.22 17.61 34.43
N LEU A 12 -38.54 16.32 34.38
CA LEU A 12 -38.45 15.51 33.16
C LEU A 12 -39.81 15.13 32.59
N ASP A 13 -40.05 15.46 31.31
CA ASP A 13 -41.31 15.13 30.66
C ASP A 13 -41.11 14.36 29.37
N ASN A 14 -41.75 13.18 29.30
CA ASN A 14 -41.56 12.23 28.21
C ASN A 14 -42.61 12.41 27.12
N SER A 15 -43.39 13.50 27.21
CA SER A 15 -44.33 13.91 26.15
C SER A 15 -43.79 15.14 25.43
N GLY A 16 -44.40 15.47 24.30
CA GLY A 16 -43.85 16.48 23.39
C GLY A 16 -43.08 15.80 22.27
N ARG A 17 -42.65 16.57 21.27
CA ARG A 17 -41.98 15.99 20.09
C ARG A 17 -40.72 15.24 20.49
N ARG A 18 -40.29 14.28 19.67
CA ARG A 18 -39.00 13.61 19.94
C ARG A 18 -37.96 13.62 18.82
N ILE A 19 -36.93 14.44 19.02
CA ILE A 19 -35.79 14.52 18.13
C ILE A 19 -34.84 13.36 18.40
N VAL A 20 -34.22 12.85 17.33
CA VAL A 20 -33.20 11.80 17.42
C VAL A 20 -31.86 12.21 16.77
N VAL A 21 -30.75 11.97 17.46
CA VAL A 21 -29.42 12.20 16.89
C VAL A 21 -28.63 10.90 16.97
N ASP A 22 -28.46 10.27 15.80
CA ASP A 22 -27.76 9.00 15.65
C ASP A 22 -27.42 8.86 14.18
N PRO A 23 -26.14 8.88 13.83
CA PRO A 23 -24.98 8.87 14.72
C PRO A 23 -24.70 10.23 15.31
N VAL A 24 -24.11 10.26 16.51
CA VAL A 24 -23.55 11.50 17.05
C VAL A 24 -22.11 11.53 16.59
N THR A 25 -21.79 12.45 15.69
CA THR A 25 -20.46 12.56 15.14
C THR A 25 -19.59 13.53 15.92
N ARG A 26 -18.33 13.60 15.51
CA ARG A 26 -17.32 14.46 16.12
C ARG A 26 -17.17 14.10 17.61
N ILE A 27 -17.10 12.79 17.78
CA ILE A 27 -16.79 12.16 19.03
C ILE A 27 -16.01 10.90 18.74
N GLU A 28 -15.45 10.29 19.77
CA GLU A 28 -14.86 8.99 19.59
C GLU A 28 -16.00 8.00 19.66
N GLY A 29 -16.03 7.10 18.69
CA GLY A 29 -16.97 5.97 18.68
C GLY A 29 -18.46 6.28 18.50
N HIS A 30 -19.30 5.41 19.07
CA HIS A 30 -20.70 5.38 18.72
C HIS A 30 -21.61 5.74 19.89
N MET A 31 -22.30 6.87 19.73
CA MET A 31 -23.38 7.27 20.62
C MET A 31 -24.69 7.46 19.86
N ARG A 32 -25.79 7.47 20.62
CA ARG A 32 -27.13 7.88 20.14
C ARG A 32 -27.79 8.76 21.20
N CYS A 33 -28.08 10.01 20.85
CA CYS A 33 -28.81 10.86 21.78
C CYS A 33 -30.25 10.95 21.33
N GLU A 34 -31.18 10.84 22.28
CA GLU A 34 -32.59 11.18 22.04
C GLU A 34 -33.09 12.23 23.04
N VAL A 35 -33.88 13.17 22.53
CA VAL A 35 -34.42 14.23 23.32
C VAL A 35 -35.87 14.47 23.04
N ASN A 36 -36.62 14.94 24.05
CA ASN A 36 -37.99 15.46 23.85
C ASN A 36 -38.02 16.98 23.94
N ILE A 37 -38.82 17.60 23.09
CA ILE A 37 -39.03 19.03 23.19
C ILE A 37 -40.48 19.32 23.55
N ASP A 38 -40.68 20.45 24.23
CA ASP A 38 -42.00 20.98 24.48
C ASP A 38 -42.44 21.74 23.23
N SER A 39 -43.69 22.20 23.25
CA SER A 39 -44.27 23.05 22.20
C SER A 39 -43.39 24.27 21.89
N ASN A 40 -42.66 24.75 22.89
CA ASN A 40 -41.81 25.96 22.81
C ASN A 40 -40.36 25.72 22.33
N ASN A 41 -40.03 24.48 21.96
CA ASN A 41 -38.66 24.08 21.54
C ASN A 41 -37.59 24.07 22.65
N VAL A 42 -37.99 23.75 23.87
CA VAL A 42 -37.06 23.57 25.00
C VAL A 42 -37.04 22.10 25.39
N ILE A 43 -35.86 21.59 25.69
CA ILE A 43 -35.69 20.17 25.97
C ILE A 43 -36.28 19.77 27.33
N THR A 44 -37.37 19.02 27.31
CA THR A 44 -38.01 18.58 28.54
C THR A 44 -37.45 17.22 28.98
N ASN A 45 -36.79 16.53 28.06
CA ASN A 45 -36.20 15.23 28.36
C ASN A 45 -34.99 14.98 27.48
N ALA A 46 -33.99 14.32 28.05
CA ALA A 46 -32.73 13.97 27.34
C ALA A 46 -32.28 12.56 27.72
N VAL A 47 -31.80 11.81 26.72
CA VAL A 47 -31.52 10.38 26.87
C VAL A 47 -30.17 9.98 26.25
N SER A 48 -29.32 9.30 27.00
CA SER A 48 -27.95 9.00 26.52
C SER A 48 -27.63 7.53 26.36
N THR A 49 -27.74 7.08 25.11
CA THR A 49 -27.52 5.69 24.73
C THR A 49 -26.12 5.48 24.12
N GLY A 50 -25.29 4.68 24.79
CA GLY A 50 -24.06 4.17 24.22
C GLY A 50 -24.36 3.06 23.22
N THR A 51 -23.87 3.20 21.98
CA THR A 51 -24.23 2.27 20.92
C THR A 51 -23.19 1.17 20.60
N MET A 52 -22.23 0.91 21.49
CA MET A 52 -21.23 -0.13 21.23
C MET A 52 -20.76 -0.87 22.49
N TRP A 53 -20.08 -2.00 22.30
CA TRP A 53 -19.40 -2.68 23.41
C TRP A 53 -18.50 -3.75 22.85
N ARG A 54 -17.40 -4.02 23.57
CA ARG A 54 -16.39 -5.00 23.17
C ARG A 54 -16.03 -5.99 24.26
N GLY A 55 -15.91 -5.47 25.49
CA GLY A 55 -15.78 -6.30 26.66
C GLY A 55 -14.36 -6.69 26.98
N LEU A 56 -13.55 -5.72 27.38
CA LEU A 56 -12.21 -6.04 27.80
C LEU A 56 -12.30 -6.61 29.22
N GLU A 57 -13.14 -5.99 30.04
CA GLU A 57 -13.40 -6.49 31.38
C GLU A 57 -13.48 -8.05 31.40
N VAL A 58 -13.93 -8.62 30.29
CA VAL A 58 -14.05 -10.08 30.13
C VAL A 58 -12.81 -10.72 29.49
N ILE A 59 -12.32 -10.10 28.44
CA ILE A 59 -11.19 -10.61 27.70
C ILE A 59 -9.92 -10.79 28.55
N LEU A 60 -9.79 -10.02 29.63
CA LEU A 60 -8.59 -10.05 30.43
C LEU A 60 -8.54 -11.20 31.45
N LYS A 61 -9.63 -11.95 31.61
CA LYS A 61 -9.62 -13.00 32.63
C LYS A 61 -8.55 -14.01 32.29
N GLY A 62 -7.65 -14.25 33.24
CA GLY A 62 -6.66 -15.32 33.10
C GLY A 62 -5.44 -14.99 32.28
N ARG A 63 -5.18 -13.70 32.10
CA ARG A 63 -4.01 -13.25 31.35
C ARG A 63 -3.00 -12.78 32.37
N ASP A 64 -1.80 -12.51 31.86
CA ASP A 64 -0.70 -12.08 32.72
C ASP A 64 -0.85 -10.60 33.05
N PRO A 65 -0.92 -10.25 34.35
CA PRO A 65 -1.07 -8.84 34.74
C PRO A 65 -0.03 -7.88 34.12
N ARG A 66 1.13 -8.43 33.76
CA ARG A 66 2.17 -7.66 33.08
C ARG A 66 1.79 -7.29 31.64
N ASP A 67 0.98 -8.15 30.99
CA ASP A 67 0.42 -7.93 29.64
C ASP A 67 -0.82 -7.02 29.60
N ALA A 68 -1.45 -6.86 30.76
CA ALA A 68 -2.74 -6.15 30.87
C ALA A 68 -2.74 -4.80 30.22
N TRP A 69 -1.77 -3.95 30.54
CA TRP A 69 -1.74 -2.58 29.96
C TRP A 69 -1.90 -2.58 28.41
N ALA A 70 -1.34 -3.59 27.73
CA ALA A 70 -1.34 -3.60 26.28
C ALA A 70 -2.70 -3.87 25.69
N PHE A 71 -3.48 -4.73 26.34
CA PHE A 71 -4.88 -4.93 25.98
C PHE A 71 -5.71 -3.69 26.26
N VAL A 72 -5.73 -3.25 27.54
CA VAL A 72 -6.55 -2.12 27.94
C VAL A 72 -6.17 -0.82 27.22
N GLU A 73 -4.92 -0.72 26.80
CA GLU A 73 -4.52 0.38 25.97
C GLU A 73 -5.46 0.50 24.77
N ARG A 74 -5.81 -0.65 24.18
CA ARG A 74 -6.64 -0.66 22.96
C ARG A 74 -8.13 -0.41 23.28
N ILE A 75 -8.43 0.06 24.48
CA ILE A 75 -9.79 0.52 24.79
C ILE A 75 -10.04 1.76 23.96
N CYS A 76 -8.99 2.52 23.70
CA CYS A 76 -9.18 3.80 23.06
C CYS A 76 -7.85 4.33 22.52
N GLY A 77 -7.91 4.83 21.31
CA GLY A 77 -6.76 5.42 20.65
C GLY A 77 -6.74 6.94 20.63
N VAL A 78 -7.84 7.55 21.08
CA VAL A 78 -7.88 9.00 21.21
C VAL A 78 -7.29 9.39 22.57
N CYS A 79 -7.83 8.73 23.61
CA CYS A 79 -7.49 8.89 25.04
C CYS A 79 -6.25 7.94 25.22
N THR A 80 -5.23 7.99 24.32
CA THR A 80 -4.20 6.90 24.26
C THR A 80 -3.09 6.88 25.32
N GLY A 81 -3.03 5.76 26.02
CA GLY A 81 -2.00 5.57 27.03
C GLY A 81 -2.50 5.78 28.43
N THR A 82 -3.64 6.45 28.60
CA THR A 82 -4.13 6.76 29.95
C THR A 82 -4.63 5.48 30.59
N HIS A 83 -4.98 4.52 29.73
CA HIS A 83 -5.46 3.23 30.20
C HIS A 83 -4.34 2.29 30.58
N ALA A 84 -3.30 2.28 29.76
CA ALA A 84 -2.11 1.51 30.08
C ALA A 84 -1.49 1.95 31.41
N LEU A 85 -1.35 3.27 31.53
CA LEU A 85 -0.78 3.91 32.73
C LEU A 85 -1.52 3.56 33.99
N THR A 86 -2.86 3.54 33.88
CA THR A 86 -3.70 3.12 35.00
C THR A 86 -3.48 1.62 35.28
N SER A 87 -3.40 0.83 34.24
CA SER A 87 -3.26 -0.61 34.40
C SER A 87 -2.02 -0.91 35.18
N ILE A 88 -0.88 -0.42 34.71
CA ILE A 88 0.40 -0.70 35.39
C ILE A 88 0.38 -0.20 36.84
N ARG A 89 -0.24 0.96 37.06
CA ARG A 89 -0.39 1.48 38.40
C ARG A 89 -1.13 0.48 39.26
N ALA A 90 -2.20 -0.08 38.71
CA ALA A 90 -3.07 -1.02 39.41
C ALA A 90 -2.31 -2.25 39.79
N VAL A 91 -1.60 -2.82 38.82
CA VAL A 91 -0.78 -4.00 39.06
C VAL A 91 0.25 -3.68 40.13
N GLU A 92 0.99 -2.60 39.89
CA GLU A 92 2.04 -2.16 40.80
C GLU A 92 1.49 -1.94 42.18
N ASN A 93 0.30 -1.36 42.22
CA ASN A 93 -0.42 -1.19 43.49
C ASN A 93 -0.65 -2.53 44.22
N ALA A 94 -1.22 -3.49 43.52
CA ALA A 94 -1.47 -4.81 44.07
C ALA A 94 -0.21 -5.54 44.56
N LEU A 95 0.83 -5.54 43.73
CA LEU A 95 2.05 -6.33 44.00
C LEU A 95 3.07 -5.58 44.88
N GLY A 96 2.92 -4.26 44.95
CA GLY A 96 3.69 -3.41 45.85
C GLY A 96 4.97 -2.92 45.20
N ILE A 97 4.93 -2.69 43.92
CA ILE A 97 6.13 -2.33 43.19
C ILE A 97 6.42 -0.84 43.25
N ALA A 98 7.67 -0.49 43.54
CA ALA A 98 8.10 0.89 43.51
C ALA A 98 8.92 1.21 42.26
N ILE A 99 8.39 2.09 41.40
CA ILE A 99 9.12 2.52 40.21
C ILE A 99 10.05 3.66 40.55
N PRO A 100 11.20 3.75 39.86
CA PRO A 100 12.19 4.79 40.07
C PRO A 100 11.75 6.17 39.62
N ASP A 101 12.54 7.18 39.98
CA ASP A 101 12.10 8.55 39.75
C ASP A 101 11.96 8.86 38.27
N ASN A 102 12.96 8.46 37.49
CA ASN A 102 12.93 8.75 36.05
C ASN A 102 11.73 8.12 35.37
N ALA A 103 11.29 6.96 35.86
CA ALA A 103 10.11 6.34 35.31
C ALA A 103 8.86 7.19 35.61
N ASN A 104 8.69 7.56 36.88
CA ASN A 104 7.57 8.42 37.29
C ASN A 104 7.55 9.70 36.49
N CYS A 105 8.73 10.25 36.19
CA CYS A 105 8.89 11.48 35.38
C CYS A 105 8.39 11.25 33.97
N ILE A 106 9.00 10.29 33.29
CA ILE A 106 8.64 9.97 31.93
C ILE A 106 7.15 9.69 31.81
N ARG A 107 6.62 8.84 32.69
CA ARG A 107 5.20 8.55 32.62
C ARG A 107 4.39 9.83 32.64
N ASN A 108 4.65 10.67 33.65
CA ASN A 108 3.95 11.94 33.78
C ASN A 108 4.10 12.83 32.57
N MET A 109 5.28 12.81 31.94
CA MET A 109 5.49 13.53 30.67
C MET A 109 4.60 13.00 29.55
N MET A 110 4.49 11.68 29.47
CA MET A 110 3.67 11.05 28.44
C MET A 110 2.18 11.27 28.66
N GLN A 111 1.77 11.33 29.93
CA GLN A 111 0.39 11.61 30.24
C GLN A 111 0.09 13.10 29.98
N ALA A 112 1.05 13.98 30.28
CA ALA A 112 0.90 15.39 30.04
C ALA A 112 0.83 15.66 28.55
N THR A 113 1.62 14.92 27.80
CA THR A 113 1.62 15.04 26.35
C THR A 113 0.28 14.63 25.77
N LEU A 114 -0.29 13.52 26.23
CA LEU A 114 -1.70 13.19 25.90
C LEU A 114 -2.68 14.33 26.18
N HIS A 115 -2.69 14.82 27.42
CA HIS A 115 -3.56 15.92 27.82
C HIS A 115 -3.51 17.09 26.87
N VAL A 116 -2.30 17.53 26.54
CA VAL A 116 -2.14 18.64 25.64
C VAL A 116 -2.70 18.27 24.28
N HIS A 117 -2.24 17.15 23.74
CA HIS A 117 -2.56 16.78 22.38
C HIS A 117 -4.06 16.54 22.24
N ASP A 118 -4.60 15.74 23.14
CA ASP A 118 -6.04 15.44 23.15
C ASP A 118 -6.90 16.68 23.18
N HIS A 119 -6.69 17.52 24.18
CA HIS A 119 -7.44 18.79 24.29
C HIS A 119 -7.37 19.65 23.03
N LEU A 120 -6.20 19.78 22.44
CA LEU A 120 -6.06 20.56 21.22
C LEU A 120 -6.82 19.96 20.01
N VAL A 121 -6.60 18.67 19.75
CA VAL A 121 -7.30 17.99 18.65
C VAL A 121 -8.78 18.03 18.88
N HIS A 122 -9.21 17.84 20.13
CA HIS A 122 -10.65 17.91 20.46
C HIS A 122 -11.28 19.26 20.18
N PHE A 123 -10.61 20.35 20.55
CA PHE A 123 -11.24 21.64 20.36
C PHE A 123 -11.46 21.94 18.89
N TYR A 124 -10.41 21.84 18.12
CA TYR A 124 -10.46 22.20 16.72
C TYR A 124 -11.18 21.16 15.89
N HIS A 125 -10.80 19.91 16.03
CA HIS A 125 -11.27 18.94 15.07
C HIS A 125 -12.55 18.21 15.44
N LEU A 126 -12.98 18.35 16.68
CA LEU A 126 -14.22 17.75 17.10
C LEU A 126 -15.25 18.83 17.44
N HIS A 127 -14.86 19.82 18.24
CA HIS A 127 -15.81 20.76 18.83
C HIS A 127 -16.04 22.04 17.97
N ALA A 128 -15.00 22.51 17.30
CA ALA A 128 -14.99 23.85 16.71
C ALA A 128 -16.11 24.07 15.73
N LEU A 129 -16.39 23.08 14.90
CA LEU A 129 -17.41 23.21 13.84
C LEU A 129 -18.86 23.28 14.39
N ASP A 130 -19.00 23.27 15.71
CA ASP A 130 -20.28 23.62 16.32
C ASP A 130 -20.42 25.12 16.46
N TRP A 131 -19.29 25.83 16.53
CA TRP A 131 -19.29 27.26 16.71
C TRP A 131 -18.79 28.04 15.49
N VAL A 132 -18.29 27.33 14.47
CA VAL A 132 -17.64 27.98 13.33
C VAL A 132 -18.33 27.66 11.99
N ASP A 133 -18.83 28.69 11.33
CA ASP A 133 -19.44 28.56 10.03
C ASP A 133 -18.32 28.66 9.01
N VAL A 134 -18.05 27.53 8.36
CA VAL A 134 -16.96 27.44 7.39
C VAL A 134 -17.21 28.29 6.15
N VAL A 135 -18.43 28.27 5.62
CA VAL A 135 -18.72 29.03 4.38
C VAL A 135 -18.71 30.52 4.71
N ALA A 136 -19.29 30.90 5.84
CA ALA A 136 -19.25 32.27 6.28
C ALA A 136 -17.85 32.84 6.08
N ALA A 137 -16.84 32.03 6.41
CA ALA A 137 -15.45 32.47 6.35
C ALA A 137 -15.06 33.00 4.97
N LEU A 138 -15.73 32.50 3.94
CA LEU A 138 -15.47 32.94 2.56
C LEU A 138 -15.83 34.39 2.36
N LYS A 139 -16.76 34.90 3.16
CA LYS A 139 -17.16 36.31 3.11
C LYS A 139 -16.10 37.26 3.63
N ALA A 140 -15.17 36.77 4.43
CA ALA A 140 -14.28 37.60 5.24
C ALA A 140 -13.31 38.47 4.47
N ASP A 141 -12.84 39.53 5.13
CA ASP A 141 -11.79 40.40 4.62
C ASP A 141 -10.52 39.93 5.28
N PRO A 142 -9.54 39.49 4.47
CA PRO A 142 -8.22 39.09 4.95
C PRO A 142 -7.52 40.15 5.79
N HIS A 143 -7.53 41.40 5.33
CA HIS A 143 -6.76 42.42 6.01
C HIS A 143 -7.27 42.61 7.44
N GLN A 144 -8.59 42.53 7.66
CA GLN A 144 -9.14 42.62 9.04
C GLN A 144 -8.88 41.33 9.82
N THR A 145 -9.16 40.21 9.18
CA THR A 145 -8.84 38.90 9.76
C THR A 145 -7.45 38.87 10.40
N SER A 146 -6.44 39.23 9.60
CA SER A 146 -5.08 39.47 10.09
C SER A 146 -5.09 40.38 11.31
N ALA A 147 -5.66 41.58 11.15
CA ALA A 147 -5.62 42.57 12.22
C ALA A 147 -6.21 42.03 13.51
N ILE A 148 -7.28 41.24 13.38
CA ILE A 148 -7.95 40.62 14.53
C ILE A 148 -7.05 39.62 15.21
N ALA A 149 -6.58 38.67 14.42
CA ALA A 149 -5.66 37.63 14.87
C ALA A 149 -4.38 38.15 15.52
N GLN A 150 -3.98 39.38 15.16
CA GLN A 150 -2.76 39.99 15.66
C GLN A 150 -3.01 40.76 16.94
N SER A 151 -4.21 41.29 17.09
CA SER A 151 -4.58 41.95 18.33
C SER A 151 -5.08 40.93 19.33
N LEU A 152 -5.22 39.69 18.89
CA LEU A 152 -5.62 38.61 19.78
C LEU A 152 -4.40 37.92 20.41
N SER A 153 -3.25 37.94 19.71
CA SER A 153 -2.04 37.16 20.12
C SER A 153 -0.79 37.33 19.26
N ALA A 154 0.34 36.96 19.88
CA ALA A 154 1.69 37.14 19.31
C ALA A 154 2.12 36.02 18.35
N TRP A 155 1.22 35.07 18.14
CA TRP A 155 1.40 34.04 17.13
C TRP A 155 1.69 34.70 15.78
N PRO A 156 2.79 34.27 15.16
CA PRO A 156 3.36 34.88 13.99
C PRO A 156 2.66 34.64 12.67
N LEU A 157 1.87 33.57 12.57
CA LEU A 157 1.20 33.22 11.31
C LEU A 157 -0.12 33.96 11.19
N SER A 158 0.00 35.19 10.70
CA SER A 158 -1.08 36.14 10.70
C SER A 158 -1.11 37.11 9.50
N SER A 159 -0.20 36.92 8.55
CA SER A 159 -0.12 37.85 7.43
C SER A 159 -1.43 37.85 6.67
N PRO A 160 -1.84 39.01 6.18
CA PRO A 160 -3.05 39.06 5.34
C PRO A 160 -2.95 38.14 4.13
N GLY A 161 -1.76 38.09 3.51
CA GLY A 161 -1.54 37.19 2.38
C GLY A 161 -1.89 35.74 2.72
N TYR A 162 -1.38 35.27 3.83
CA TYR A 162 -1.68 33.93 4.30
C TYR A 162 -3.15 33.66 4.41
N PHE A 163 -3.91 34.64 4.90
CA PHE A 163 -5.36 34.46 5.01
C PHE A 163 -6.04 34.43 3.63
N ARG A 164 -5.79 35.45 2.78
CA ARG A 164 -6.25 35.49 1.35
C ARG A 164 -6.06 34.15 0.68
N ASP A 165 -4.87 33.57 0.84
CA ASP A 165 -4.50 32.35 0.13
C ASP A 165 -5.26 31.16 0.67
N LEU A 166 -5.27 31.02 1.98
CA LEU A 166 -6.11 30.00 2.61
C LEU A 166 -7.58 30.18 2.25
N GLN A 167 -8.03 31.43 2.18
CA GLN A 167 -9.41 31.71 1.81
C GLN A 167 -9.71 31.24 0.39
N ASN A 168 -8.85 31.60 -0.54
CA ASN A 168 -8.98 31.17 -1.92
C ASN A 168 -8.93 29.64 -2.09
N ARG A 169 -8.09 28.98 -1.31
CA ARG A 169 -8.08 27.53 -1.27
C ARG A 169 -9.41 26.95 -0.78
N LEU A 170 -9.91 27.50 0.32
CA LEU A 170 -11.15 27.05 0.92
C LEU A 170 -12.29 27.25 -0.05
N LYS A 171 -12.30 28.40 -0.72
CA LYS A 171 -13.30 28.75 -1.75
C LYS A 171 -13.31 27.73 -2.87
N ARG A 172 -12.15 27.45 -3.46
CA ARG A 172 -12.07 26.43 -4.49
C ARG A 172 -12.59 25.06 -4.01
N PHE A 173 -12.26 24.70 -2.78
CA PHE A 173 -12.76 23.45 -2.19
C PHE A 173 -14.29 23.40 -2.16
N ILE A 174 -14.92 24.47 -1.68
CA ILE A 174 -16.38 24.54 -1.51
C ILE A 174 -17.05 24.61 -2.88
N GLU A 175 -16.51 25.45 -3.75
CA GLU A 175 -17.03 25.59 -5.11
C GLU A 175 -16.81 24.38 -5.99
N SER A 176 -15.90 23.49 -5.60
CA SER A 176 -15.74 22.19 -6.25
C SER A 176 -17.00 21.31 -6.16
N GLY A 177 -17.87 21.58 -5.19
CA GLY A 177 -19.04 20.74 -4.91
C GLY A 177 -18.65 19.39 -4.30
N GLN A 178 -17.55 19.34 -3.54
CA GLN A 178 -17.14 18.13 -2.84
C GLN A 178 -16.66 18.45 -1.41
N LEU A 179 -17.61 18.78 -0.55
CA LEU A 179 -17.25 19.34 0.76
C LEU A 179 -16.58 18.35 1.77
N GLY A 180 -16.56 17.06 1.47
CA GLY A 180 -15.99 16.07 2.37
C GLY A 180 -16.52 16.18 3.80
N PRO A 181 -15.65 16.57 4.74
CA PRO A 181 -16.06 16.77 6.13
C PRO A 181 -17.07 17.90 6.31
N PHE A 182 -17.08 18.89 5.41
CA PHE A 182 -18.02 20.00 5.56
C PHE A 182 -19.38 19.72 4.90
N ARG A 183 -19.54 18.55 4.28
CA ARG A 183 -20.79 18.19 3.60
C ARG A 183 -21.99 18.23 4.54
N ASN A 184 -23.07 18.89 4.12
CA ASN A 184 -24.31 19.05 4.89
C ASN A 184 -24.06 19.55 6.31
N GLY A 185 -23.01 20.34 6.47
CA GLY A 185 -22.69 20.92 7.77
C GLY A 185 -23.67 22.02 8.11
N TYR A 186 -23.61 22.49 9.34
CA TYR A 186 -24.65 23.39 9.87
C TYR A 186 -24.42 24.88 9.56
N TRP A 187 -24.05 25.18 8.33
CA TRP A 187 -23.64 26.52 7.93
C TRP A 187 -24.85 27.42 7.65
N GLY A 188 -24.87 28.61 8.21
CA GLY A 188 -26.01 29.47 8.08
C GLY A 188 -27.00 29.30 9.21
N HIS A 189 -26.82 28.27 10.03
CA HIS A 189 -27.63 28.07 11.23
C HIS A 189 -27.64 29.39 12.00
N PRO A 190 -28.79 29.74 12.57
CA PRO A 190 -28.92 30.99 13.31
C PRO A 190 -28.16 31.07 14.64
N ALA A 191 -27.83 29.91 15.19
CA ALA A 191 -27.03 29.78 16.38
C ALA A 191 -25.55 29.97 16.12
N MET A 192 -25.12 29.83 14.86
CA MET A 192 -23.74 30.23 14.47
C MET A 192 -23.71 31.69 14.66
N LYS A 193 -22.69 32.22 15.32
CA LYS A 193 -22.83 33.58 15.78
C LYS A 193 -21.61 34.44 15.68
N LEU A 194 -20.63 34.06 14.87
CA LEU A 194 -19.41 34.89 14.80
C LEU A 194 -19.24 35.42 13.40
N PRO A 195 -18.66 36.61 13.28
CA PRO A 195 -18.52 37.25 11.97
C PRO A 195 -17.56 36.47 11.09
N PRO A 196 -17.62 36.74 9.78
CA PRO A 196 -16.73 36.08 8.82
C PRO A 196 -15.22 36.20 9.08
N GLU A 197 -14.78 37.25 9.77
CA GLU A 197 -13.34 37.41 10.07
C GLU A 197 -12.86 36.40 11.11
N ALA A 198 -13.62 36.29 12.19
CA ALA A 198 -13.36 35.31 13.26
C ALA A 198 -13.59 33.90 12.74
N ASN A 199 -14.44 33.78 11.73
CA ASN A 199 -14.67 32.50 11.09
C ASN A 199 -13.44 32.03 10.30
N LEU A 200 -12.91 32.90 9.45
CA LEU A 200 -11.77 32.53 8.64
C LEU A 200 -10.61 32.19 9.57
N LEU A 201 -10.45 33.05 10.58
CA LEU A 201 -9.40 32.89 11.57
C LEU A 201 -9.43 31.50 12.13
N ALA A 202 -10.56 31.13 12.74
CA ALA A 202 -10.73 29.81 13.35
C ALA A 202 -10.37 28.69 12.37
N VAL A 203 -10.85 28.83 11.15
CA VAL A 203 -10.63 27.80 10.18
C VAL A 203 -9.14 27.63 9.93
N ALA A 204 -8.42 28.74 9.81
CA ALA A 204 -6.96 28.69 9.63
C ALA A 204 -6.31 27.95 10.75
N HIS A 205 -6.70 28.29 11.97
CA HIS A 205 -6.13 27.65 13.14
C HIS A 205 -6.50 26.14 13.24
N TYR A 206 -7.75 25.82 12.93
CA TYR A 206 -8.18 24.44 12.72
C TYR A 206 -7.18 23.70 11.85
N LEU A 207 -6.82 24.27 10.71
CA LEU A 207 -5.88 23.59 9.80
C LEU A 207 -4.45 23.56 10.36
N GLU A 208 -4.03 24.66 10.96
CA GLU A 208 -2.73 24.74 11.58
C GLU A 208 -2.57 23.68 12.65
N ALA A 209 -3.64 23.54 13.44
CA ALA A 209 -3.68 22.56 14.52
C ALA A 209 -3.53 21.17 13.94
N LEU A 210 -4.26 20.89 12.87
CA LEU A 210 -4.23 19.56 12.26
C LEU A 210 -2.82 19.18 11.83
N ASP A 211 -2.05 20.15 11.37
CA ASP A 211 -0.66 19.90 10.99
C ASP A 211 0.21 19.78 12.20
N PHE A 212 0.02 20.68 13.18
CA PHE A 212 0.92 20.71 14.35
C PHE A 212 0.73 19.57 15.38
N GLN A 213 -0.52 19.20 15.64
CA GLN A 213 -0.78 18.14 16.60
C GLN A 213 0.13 16.95 16.40
N LYS A 214 0.37 16.59 15.14
CA LYS A 214 1.19 15.40 14.80
C LYS A 214 2.56 15.36 15.45
N GLU A 215 3.05 16.54 15.89
CA GLU A 215 4.37 16.72 16.52
C GLU A 215 4.35 16.40 18.01
N ILE A 216 3.42 17.05 18.71
CA ILE A 216 3.26 16.90 20.13
C ILE A 216 3.44 15.44 20.54
N VAL A 217 2.82 14.52 19.81
CA VAL A 217 2.91 13.10 20.13
C VAL A 217 4.28 12.42 19.90
N LYS A 218 5.28 13.10 19.36
CA LYS A 218 6.59 12.47 19.25
C LYS A 218 7.23 12.21 20.60
N ILE A 219 6.87 13.00 21.61
CA ILE A 219 7.31 12.68 22.96
C ILE A 219 6.93 11.24 23.33
N HIS A 220 5.68 10.84 23.08
CA HIS A 220 5.23 9.43 23.15
C HIS A 220 6.15 8.56 22.31
N THR A 221 6.37 8.95 21.06
CA THR A 221 7.21 8.16 20.18
C THR A 221 8.61 7.87 20.77
N VAL A 222 9.25 8.88 21.35
CA VAL A 222 10.61 8.69 21.89
C VAL A 222 10.66 7.67 23.05
N PHE A 223 9.74 7.84 24.03
CA PHE A 223 9.69 7.00 25.23
C PHE A 223 8.82 5.72 25.08
N GLY A 224 7.79 5.80 24.25
CA GLY A 224 6.81 4.72 24.09
C GLY A 224 6.95 3.89 22.82
N GLY A 225 7.59 4.50 21.82
CA GLY A 225 7.92 3.82 20.57
C GLY A 225 7.09 4.25 19.40
N LYS A 226 5.88 4.73 19.68
CA LYS A 226 4.90 5.03 18.64
C LYS A 226 3.69 5.71 19.23
N ASN A 227 3.00 6.49 18.42
CA ASN A 227 1.71 7.06 18.75
C ASN A 227 0.84 6.96 17.48
N PRO A 228 -0.40 6.49 17.62
CA PRO A 228 -1.04 6.07 18.85
C PRO A 228 -0.53 4.72 19.38
N HIS A 229 -1.00 4.39 20.58
CA HIS A 229 -0.70 3.14 21.26
C HIS A 229 0.79 2.94 21.53
N PRO A 230 1.41 3.87 22.28
CA PRO A 230 2.76 3.65 22.78
C PRO A 230 2.81 2.51 23.82
N ASN A 231 4.03 2.14 24.22
CA ASN A 231 4.24 1.02 25.10
C ASN A 231 4.64 1.45 26.50
N TRP A 232 4.25 0.65 27.49
CA TRP A 232 4.53 0.96 28.90
C TRP A 232 5.16 -0.27 29.56
N LEU A 233 5.38 -0.22 30.88
CA LEU A 233 6.04 -1.35 31.55
C LEU A 233 5.73 -1.42 33.05
N VAL A 234 5.34 -2.61 33.51
CA VAL A 234 5.14 -2.83 34.93
C VAL A 234 6.50 -2.80 35.62
N GLY A 235 6.70 -1.85 36.52
CA GLY A 235 8.01 -1.67 37.17
C GLY A 235 8.75 -0.44 36.72
N GLY A 236 8.37 0.12 35.58
CA GLY A 236 8.80 1.46 35.21
C GLY A 236 8.52 1.90 33.79
N VAL A 237 9.61 2.05 33.05
CA VAL A 237 9.55 2.30 31.63
C VAL A 237 10.56 1.45 30.85
N PRO A 238 10.25 1.09 29.60
CA PRO A 238 11.22 0.39 28.74
C PRO A 238 12.28 1.28 28.13
N CYS A 239 12.04 2.57 27.99
CA CYS A 239 12.99 3.47 27.35
C CYS A 239 14.15 3.71 28.28
N ALA A 240 15.07 2.73 28.34
CA ALA A 240 16.18 2.79 29.26
C ALA A 240 17.12 3.92 28.83
N ILE A 241 17.78 4.53 29.83
CA ILE A 241 18.55 5.75 29.62
C ILE A 241 20.05 5.46 29.65
N ASN A 242 20.75 6.04 28.68
CA ASN A 242 22.19 5.96 28.66
C ASN A 242 22.75 7.16 27.91
N LEU A 243 23.14 8.18 28.66
CA LEU A 243 23.52 9.47 28.08
C LEU A 243 24.92 9.49 27.55
N ASP A 244 25.84 8.83 28.26
CA ASP A 244 27.24 9.10 28.04
C ASP A 244 28.16 7.92 27.90
N GLU A 245 27.70 6.71 28.17
CA GLU A 245 28.56 5.54 28.02
C GLU A 245 28.40 4.88 26.65
N THR A 246 29.36 4.03 26.31
CA THR A 246 29.36 3.33 25.04
C THR A 246 28.03 2.65 24.81
N GLY A 247 27.45 2.83 23.64
CA GLY A 247 26.20 2.17 23.34
C GLY A 247 25.00 3.08 23.55
N ALA A 248 25.24 4.35 23.85
CA ALA A 248 24.17 5.29 24.13
C ALA A 248 23.24 5.50 22.94
N VAL A 249 23.73 5.21 21.74
CA VAL A 249 22.90 5.16 20.54
C VAL A 249 21.81 4.07 20.53
N GLY A 250 21.92 3.09 21.42
CA GLY A 250 20.83 2.12 21.61
C GLY A 250 19.91 2.44 22.79
N ALA A 251 19.84 3.71 23.17
CA ALA A 251 19.13 4.17 24.37
C ALA A 251 18.66 5.61 24.30
N VAL A 252 17.77 5.98 25.22
CA VAL A 252 17.46 7.39 25.44
C VAL A 252 18.76 8.06 25.79
N ASN A 253 19.16 9.01 24.98
CA ASN A 253 20.46 9.66 25.14
C ASN A 253 20.28 11.16 25.04
N MET A 254 21.36 11.90 24.85
CA MET A 254 21.29 13.36 24.87
C MET A 254 20.57 13.91 23.66
N GLU A 255 20.70 13.24 22.50
CA GLU A 255 20.05 13.69 21.26
C GLU A 255 18.51 13.53 21.28
N ARG A 256 18.07 12.41 21.86
CA ARG A 256 16.66 12.16 22.09
C ARG A 256 16.07 13.16 23.03
N LEU A 257 16.74 13.36 24.18
CA LEU A 257 16.24 14.28 25.17
C LEU A 257 16.16 15.69 24.60
N ASN A 258 17.09 16.04 23.72
CA ASN A 258 17.02 17.32 23.04
C ASN A 258 15.74 17.43 22.21
N LEU A 259 15.46 16.41 21.42
CA LEU A 259 14.27 16.42 20.58
C LEU A 259 13.02 16.63 21.43
N VAL A 260 12.93 15.86 22.51
CA VAL A 260 11.81 15.96 23.42
C VAL A 260 11.70 17.36 23.97
N SER A 261 12.81 17.90 24.42
CA SER A 261 12.81 19.24 24.92
C SER A 261 12.23 20.18 23.87
N SER A 262 12.65 19.96 22.64
CA SER A 262 12.34 20.86 21.55
C SER A 262 10.84 20.92 21.24
N ILE A 263 10.22 19.74 21.32
CA ILE A 263 8.80 19.51 21.08
C ILE A 263 7.93 20.17 22.15
N ILE A 264 8.35 20.03 23.40
CA ILE A 264 7.61 20.56 24.54
C ILE A 264 7.42 22.04 24.37
N GLN A 265 8.49 22.71 24.02
CA GLN A 265 8.46 24.13 23.94
C GLN A 265 7.43 24.52 22.85
N LYS A 266 7.44 23.81 21.73
CA LYS A 266 6.53 24.10 20.62
C LYS A 266 5.05 23.92 20.98
N ALA A 267 4.77 22.86 21.73
CA ALA A 267 3.42 22.55 22.16
C ALA A 267 2.84 23.63 23.08
N ARG A 268 3.63 24.07 24.05
CA ARG A 268 3.16 25.06 24.98
C ARG A 268 2.95 26.34 24.23
N GLN A 269 3.81 26.59 23.26
CA GLN A 269 3.71 27.81 22.47
C GLN A 269 2.42 27.78 21.66
N PHE A 270 2.02 26.61 21.21
CA PHE A 270 0.83 26.49 20.38
C PHE A 270 -0.41 26.64 21.22
N CYS A 271 -0.47 25.99 22.37
CA CYS A 271 -1.58 26.17 23.26
C CYS A 271 -1.67 27.60 23.81
N GLU A 272 -0.53 28.23 24.07
CA GLU A 272 -0.53 29.55 24.69
C GLU A 272 -0.96 30.65 23.71
N GLN A 273 -0.54 30.51 22.47
CA GLN A 273 -0.71 31.57 21.47
C GLN A 273 -1.88 31.36 20.50
N VAL A 274 -2.26 30.11 20.30
CA VAL A 274 -3.28 29.75 19.34
C VAL A 274 -4.55 29.29 20.03
N TYR A 275 -4.50 28.17 20.74
CA TYR A 275 -5.70 27.49 21.27
C TYR A 275 -6.41 28.38 22.28
N LEU A 276 -5.80 28.60 23.44
CA LEU A 276 -6.48 29.33 24.53
C LEU A 276 -7.10 30.67 24.10
N PRO A 277 -6.35 31.52 23.39
CA PRO A 277 -6.90 32.76 22.83
C PRO A 277 -8.14 32.58 21.94
N ASP A 278 -8.10 31.61 21.03
CA ASP A 278 -9.22 31.44 20.11
C ASP A 278 -10.45 31.03 20.90
N VAL A 279 -10.28 30.35 22.03
CA VAL A 279 -11.41 30.07 22.89
C VAL A 279 -11.99 31.37 23.45
N LEU A 280 -11.12 32.28 23.90
CA LEU A 280 -11.53 33.59 24.45
C LEU A 280 -12.26 34.47 23.41
N LEU A 281 -11.80 34.39 22.16
CA LEU A 281 -12.43 35.09 21.07
C LEU A 281 -13.79 34.47 20.83
N ILE A 282 -13.76 33.18 20.57
CA ILE A 282 -14.98 32.46 20.28
C ILE A 282 -15.96 32.58 21.45
N ALA A 283 -15.45 32.49 22.67
CA ALA A 283 -16.30 32.62 23.85
C ALA A 283 -17.05 33.94 23.83
N SER A 284 -16.31 35.03 23.63
CA SER A 284 -16.87 36.36 23.66
C SER A 284 -18.15 36.52 22.80
N TYR A 285 -18.20 35.86 21.64
CA TYR A 285 -19.38 35.91 20.77
C TYR A 285 -20.54 35.07 21.27
N TYR A 286 -20.21 33.98 21.96
CA TYR A 286 -21.19 33.08 22.53
C TYR A 286 -21.27 33.27 24.06
N LYS A 287 -21.26 34.52 24.52
CA LYS A 287 -21.24 34.79 25.96
C LYS A 287 -22.47 34.24 26.70
N ASP A 288 -23.57 34.07 25.98
CA ASP A 288 -24.80 33.61 26.60
C ASP A 288 -24.76 32.09 26.80
N TRP A 289 -23.80 31.43 26.14
CA TRP A 289 -23.58 29.98 26.35
C TRP A 289 -22.93 29.69 27.70
N ALA A 290 -22.67 30.75 28.47
CA ALA A 290 -22.30 30.63 29.87
C ALA A 290 -23.48 30.24 30.74
N LYS A 291 -24.69 30.36 30.20
CA LYS A 291 -25.90 30.06 30.97
C LYS A 291 -26.56 28.78 30.48
N ILE A 292 -25.95 28.10 29.51
CA ILE A 292 -26.49 26.86 28.96
C ILE A 292 -25.53 25.71 29.20
N GLY A 293 -26.08 24.61 29.67
CA GLY A 293 -25.34 23.36 29.77
C GLY A 293 -24.55 23.13 31.05
N GLY A 294 -24.99 23.71 32.16
CA GLY A 294 -24.37 23.42 33.44
C GLY A 294 -24.57 21.96 33.80
N GLY A 295 -25.83 21.53 33.79
CA GLY A 295 -26.18 20.20 34.24
C GLY A 295 -25.72 20.04 35.66
N LEU A 296 -24.89 19.04 35.88
CA LEU A 296 -24.45 18.76 37.24
C LEU A 296 -23.28 19.63 37.73
N SER A 297 -22.60 20.34 36.82
CA SER A 297 -21.38 21.09 37.15
C SER A 297 -21.48 22.08 38.32
N SER A 298 -22.66 22.66 38.51
CA SER A 298 -22.87 23.63 39.59
C SER A 298 -23.07 22.97 40.95
N MET A 299 -23.15 21.65 40.96
CA MET A 299 -23.59 20.91 42.12
C MET A 299 -22.56 19.87 42.57
N ASN A 300 -22.21 18.99 41.64
CA ASN A 300 -21.49 17.75 41.95
C ASN A 300 -20.31 17.47 41.03
N LEU A 301 -19.11 17.42 41.59
CA LEU A 301 -17.89 17.19 40.79
C LEU A 301 -17.02 16.11 41.40
N LEU A 302 -16.25 15.44 40.55
CA LEU A 302 -15.38 14.37 41.01
C LEU A 302 -14.08 14.33 40.24
N ALA A 303 -12.97 14.12 40.97
CA ALA A 303 -11.67 13.86 40.35
C ALA A 303 -10.76 13.08 41.33
N TYR A 304 -9.89 12.23 40.78
CA TYR A 304 -8.98 11.38 41.58
C TYR A 304 -7.56 11.94 41.71
N GLY A 305 -7.26 12.98 40.96
CA GLY A 305 -5.92 13.57 40.94
C GLY A 305 -4.97 12.83 40.00
N GLU A 306 -3.82 13.46 39.75
CA GLU A 306 -2.87 12.97 38.74
C GLU A 306 -1.54 13.69 38.86
N PHE A 307 -0.51 13.09 38.25
CA PHE A 307 0.85 13.63 38.21
C PHE A 307 1.51 13.69 39.58
N PRO A 308 1.83 12.51 40.14
CA PRO A 308 2.60 12.53 41.38
C PRO A 308 3.96 13.18 41.14
N ASP A 309 4.37 14.04 42.05
CA ASP A 309 5.64 14.75 41.91
C ASP A 309 6.79 13.77 42.22
N ASN A 310 6.85 13.36 43.48
CA ASN A 310 7.71 12.27 43.91
C ASN A 310 7.14 10.91 43.50
N PRO A 311 8.02 9.95 43.20
CA PRO A 311 7.56 8.67 42.73
C PRO A 311 6.86 7.89 43.81
N ASN A 312 5.89 7.09 43.41
CA ASN A 312 5.19 6.17 44.30
C ASN A 312 4.43 6.80 45.42
N ASP A 313 4.13 8.10 45.34
CA ASP A 313 3.28 8.70 46.36
C ASP A 313 2.01 9.13 45.69
N TYR A 314 0.98 8.30 45.71
CA TYR A 314 -0.30 8.71 45.12
C TYR A 314 -1.25 9.35 46.14
N SER A 315 -0.67 10.00 47.17
CA SER A 315 -1.40 10.81 48.15
C SER A 315 -1.82 12.08 47.44
N ALA A 316 -2.98 12.65 47.77
CA ALA A 316 -3.38 13.95 47.21
C ALA A 316 -2.28 15.01 47.39
N SER A 317 -1.70 15.03 48.59
CA SER A 317 -0.57 15.90 48.93
C SER A 317 0.51 15.94 47.82
N ASN A 318 0.68 14.86 47.05
CA ASN A 318 1.75 14.77 46.03
C ASN A 318 1.28 14.79 44.56
N LEU A 319 -0.03 14.81 44.36
CA LEU A 319 -0.63 14.82 43.03
C LEU A 319 -0.91 16.27 42.58
N LEU A 320 -0.12 16.73 41.62
CA LEU A 320 -0.19 18.08 41.06
C LEU A 320 -1.59 18.51 40.56
N LEU A 321 -2.36 17.55 40.03
CA LEU A 321 -3.74 17.81 39.61
C LEU A 321 -4.74 17.45 40.74
N PRO A 322 -5.78 18.28 40.95
CA PRO A 322 -6.59 18.14 42.15
C PRO A 322 -7.30 16.80 42.30
N ARG A 323 -7.42 16.33 43.53
CA ARG A 323 -8.24 15.16 43.87
C ARG A 323 -9.34 15.60 44.83
N GLY A 324 -10.54 15.03 44.72
CA GLY A 324 -11.66 15.34 45.63
C GLY A 324 -13.08 15.15 45.08
N ALA A 325 -14.08 15.49 45.90
CA ALA A 325 -15.49 15.27 45.56
C ALA A 325 -16.43 16.31 46.15
N ILE A 326 -17.15 17.02 45.28
CA ILE A 326 -18.12 18.04 45.70
C ILE A 326 -19.55 17.49 45.67
N ILE A 327 -20.39 18.06 46.52
CA ILE A 327 -21.76 17.61 46.71
C ILE A 327 -22.69 18.83 46.85
N ASN A 328 -23.69 18.92 46.00
CA ASN A 328 -24.80 19.86 46.19
C ASN A 328 -24.42 21.34 46.24
N GLY A 329 -23.38 21.70 45.51
CA GLY A 329 -22.92 23.09 45.49
C GLY A 329 -22.23 23.49 46.79
N ARG A 330 -21.82 22.49 47.58
CA ARG A 330 -21.04 22.75 48.78
C ARG A 330 -19.55 22.68 48.46
N PHE A 331 -19.05 23.77 47.89
CA PHE A 331 -17.64 23.87 47.49
C PHE A 331 -16.74 24.18 48.70
N ASP A 332 -17.34 24.76 49.75
CA ASP A 332 -16.68 24.84 51.06
C ASP A 332 -16.22 23.45 51.56
N GLU A 333 -17.02 22.40 51.30
CA GLU A 333 -16.74 21.02 51.77
C GLU A 333 -16.30 20.11 50.62
N ILE A 334 -14.98 19.99 50.45
CA ILE A 334 -14.34 19.23 49.34
C ILE A 334 -14.00 17.84 49.85
N HIS A 335 -14.92 16.89 49.75
CA HIS A 335 -14.74 15.56 50.36
C HIS A 335 -13.65 14.74 49.66
N PRO A 336 -12.81 14.04 50.45
CA PRO A 336 -11.71 13.29 49.90
C PRO A 336 -12.20 11.95 49.37
N VAL A 337 -11.46 11.42 48.41
CA VAL A 337 -11.90 10.27 47.66
C VAL A 337 -11.11 9.02 48.03
N ASP A 338 -11.85 7.91 48.24
CA ASP A 338 -11.31 6.64 48.67
C ASP A 338 -11.80 5.47 47.78
N LEU A 339 -10.87 4.92 46.99
CA LEU A 339 -11.23 3.88 46.03
C LEU A 339 -11.28 2.49 46.64
N THR A 340 -10.71 2.30 47.83
CA THR A 340 -10.83 1.01 48.54
C THR A 340 -12.21 0.86 49.15
N ALA A 341 -12.81 1.99 49.54
CA ALA A 341 -14.10 1.98 50.21
C ALA A 341 -15.18 1.40 49.30
N PRO A 342 -15.89 0.36 49.77
CA PRO A 342 -16.86 -0.39 48.98
C PRO A 342 -18.22 0.31 48.86
N ASP A 343 -18.62 1.03 49.91
CA ASP A 343 -19.84 1.84 49.85
C ASP A 343 -19.64 3.18 49.14
N GLU A 344 -18.41 3.47 48.74
CA GLU A 344 -18.08 4.76 48.14
C GLU A 344 -18.38 4.75 46.66
N ILE A 345 -17.53 4.08 45.91
CA ILE A 345 -17.47 4.28 44.48
C ILE A 345 -18.07 3.07 43.74
N GLN A 346 -19.24 3.27 43.13
CA GLN A 346 -20.06 2.16 42.65
C GLN A 346 -20.64 2.39 41.28
N GLU A 347 -20.99 1.30 40.60
CA GLU A 347 -21.71 1.41 39.33
C GLU A 347 -22.92 0.43 39.21
N PHE A 348 -24.11 1.02 39.04
CA PHE A 348 -25.38 0.32 38.87
C PHE A 348 -25.57 0.04 37.38
N VAL A 349 -26.38 -0.95 37.05
CA VAL A 349 -26.70 -1.21 35.63
C VAL A 349 -28.17 -1.02 35.38
N THR A 350 -28.90 -0.64 36.42
CA THR A 350 -30.36 -0.66 36.41
C THR A 350 -30.94 -0.31 35.04
N HIS A 351 -30.48 0.78 34.44
CA HIS A 351 -30.94 1.20 33.10
C HIS A 351 -29.90 0.96 31.96
N SER A 352 -29.18 -0.17 32.04
CA SER A 352 -28.09 -0.51 31.11
C SER A 352 -28.16 -1.98 30.72
N TRP A 353 -27.67 -2.31 29.53
CA TRP A 353 -27.84 -3.68 28.95
C TRP A 353 -26.90 -4.72 29.52
N TYR A 354 -26.71 -4.68 30.84
CA TYR A 354 -26.02 -5.74 31.57
C TYR A 354 -26.98 -6.31 32.64
N THR A 355 -26.58 -7.42 33.25
CA THR A 355 -27.31 -8.00 34.38
C THR A 355 -26.36 -8.19 35.56
N TYR A 356 -26.94 -8.27 36.73
CA TYR A 356 -26.20 -8.53 37.95
C TYR A 356 -26.80 -9.76 38.64
N GLY A 357 -27.59 -10.54 37.89
CA GLY A 357 -28.39 -11.63 38.48
C GLY A 357 -29.79 -11.13 38.79
N ASN A 358 -30.68 -12.00 39.27
CA ASN A 358 -32.10 -11.62 39.44
C ASN A 358 -32.31 -10.82 40.72
N GLY A 359 -33.15 -9.80 40.62
CA GLY A 359 -33.50 -8.99 41.78
C GLY A 359 -32.33 -8.18 42.28
N ASN A 360 -31.16 -8.34 41.67
CA ASN A 360 -29.98 -7.52 41.95
C ASN A 360 -29.85 -6.33 41.01
N ASN A 361 -30.81 -6.16 40.10
CA ASN A 361 -30.69 -5.12 39.08
C ASN A 361 -30.67 -3.71 39.67
N ASP A 362 -31.48 -3.51 40.72
CA ASP A 362 -31.49 -2.26 41.45
C ASP A 362 -30.24 -2.05 42.33
N LYS A 363 -29.46 -3.10 42.57
CA LYS A 363 -28.32 -3.03 43.48
C LYS A 363 -27.08 -2.61 42.72
N GLY A 364 -26.23 -1.85 43.42
CA GLY A 364 -25.04 -1.21 42.84
C GLY A 364 -23.76 -1.84 43.35
N LEU A 365 -22.72 -1.86 42.51
CA LEU A 365 -21.53 -2.67 42.81
C LEU A 365 -20.24 -1.87 42.74
N HIS A 366 -19.43 -1.99 43.78
CA HIS A 366 -18.06 -1.53 43.78
C HIS A 366 -17.32 -2.37 42.73
N PRO A 367 -16.31 -1.78 42.04
CA PRO A 367 -15.68 -2.46 40.90
C PRO A 367 -14.86 -3.74 41.22
N TRP A 368 -14.39 -3.89 42.45
CA TRP A 368 -13.71 -5.12 42.85
C TRP A 368 -14.68 -6.30 42.80
N ASP A 369 -15.97 -6.00 43.05
CA ASP A 369 -17.08 -6.97 42.96
C ASP A 369 -17.84 -6.91 41.64
N GLY A 370 -17.53 -5.91 40.82
CA GLY A 370 -18.28 -5.60 39.61
C GLY A 370 -18.36 -6.74 38.61
N LEU A 371 -19.37 -6.68 37.74
CA LEU A 371 -19.68 -7.80 36.87
C LEU A 371 -20.17 -7.31 35.52
N THR A 372 -19.43 -7.67 34.47
CA THR A 372 -19.76 -7.23 33.12
C THR A 372 -20.32 -8.40 32.34
N GLU A 373 -21.59 -8.71 32.59
CA GLU A 373 -22.29 -9.74 31.83
C GLU A 373 -23.45 -9.10 31.10
N PRO A 374 -23.43 -9.17 29.74
CA PRO A 374 -24.36 -8.39 28.95
C PRO A 374 -25.71 -9.04 28.85
N GLN A 375 -26.75 -8.22 28.81
CA GLN A 375 -28.13 -8.69 28.70
C GLN A 375 -28.93 -7.62 27.94
N LEU A 376 -29.03 -7.83 26.63
CA LEU A 376 -29.68 -6.90 25.74
C LEU A 376 -31.15 -7.22 25.76
N VAL A 377 -31.95 -6.31 26.30
CA VAL A 377 -33.40 -6.44 26.32
C VAL A 377 -34.03 -5.04 26.48
N MET A 378 -35.03 -4.76 25.63
CA MET A 378 -35.66 -3.47 25.57
C MET A 378 -36.97 -3.65 26.35
N GLY A 379 -37.53 -2.57 26.86
CA GLY A 379 -38.74 -2.66 27.66
C GLY A 379 -40.02 -2.38 26.89
N GLU A 380 -41.11 -2.28 27.65
CA GLU A 380 -42.48 -2.02 27.16
C GLU A 380 -42.66 -0.94 26.07
N HIS A 381 -42.25 0.31 26.33
CA HIS A 381 -42.46 1.43 25.39
C HIS A 381 -41.36 1.51 24.29
N TYR A 382 -40.70 0.37 24.01
CA TYR A 382 -39.68 0.30 22.98
C TYR A 382 -40.27 0.38 21.58
N LYS A 383 -39.56 0.99 20.64
CA LYS A 383 -40.01 1.07 19.24
C LYS A 383 -38.93 0.60 18.27
N GLY A 384 -39.25 -0.46 17.50
CA GLY A 384 -38.33 -1.03 16.51
C GLY A 384 -38.36 -2.56 16.49
N THR A 385 -37.23 -3.14 16.09
CA THR A 385 -37.06 -4.59 15.98
C THR A 385 -35.78 -4.99 16.75
N LYS A 386 -35.29 -6.21 16.55
CA LYS A 386 -33.96 -6.59 17.03
C LYS A 386 -32.87 -5.96 16.16
N THR A 387 -33.09 -5.97 14.85
CA THR A 387 -32.22 -5.29 13.89
C THR A 387 -32.46 -3.77 13.76
N PHE A 388 -33.47 -3.21 14.45
CA PHE A 388 -33.77 -1.75 14.28
C PHE A 388 -34.25 -1.00 15.53
N ILE A 389 -33.87 0.26 15.63
CA ILE A 389 -34.28 1.12 16.74
C ILE A 389 -34.89 2.40 16.21
N GLU A 390 -36.21 2.50 16.31
CA GLU A 390 -36.89 3.76 16.03
C GLU A 390 -36.88 4.69 17.25
N GLN A 391 -36.97 4.10 18.43
CA GLN A 391 -37.03 4.87 19.65
C GLN A 391 -36.77 3.98 20.88
N VAL A 392 -35.89 4.43 21.75
CA VAL A 392 -35.39 3.64 22.87
C VAL A 392 -36.29 3.77 24.10
N ASP A 393 -36.42 2.70 24.89
CA ASP A 393 -37.23 2.81 26.10
C ASP A 393 -36.40 3.05 27.32
N GLU A 394 -36.41 4.29 27.78
CA GLU A 394 -35.55 4.74 28.88
C GLU A 394 -36.08 4.32 30.25
N SER A 395 -37.36 3.99 30.33
CA SER A 395 -37.93 3.46 31.59
C SER A 395 -37.30 2.13 31.97
N ALA A 396 -36.73 1.43 30.98
CA ALA A 396 -36.10 0.13 31.21
C ALA A 396 -34.59 0.28 30.99
N LYS A 397 -33.99 -0.62 30.23
CA LYS A 397 -32.56 -0.57 29.93
C LYS A 397 -32.36 0.05 28.56
N TYR A 398 -31.36 0.94 28.46
CA TYR A 398 -31.22 1.84 27.30
C TYR A 398 -29.80 2.30 26.87
N SER A 399 -28.75 1.58 27.27
CA SER A 399 -27.35 2.01 27.01
C SER A 399 -26.41 0.84 27.21
N TRP A 400 -25.25 0.90 26.57
CA TRP A 400 -24.20 -0.10 26.77
C TRP A 400 -23.22 0.40 27.82
N ILE A 401 -23.56 1.51 28.44
CA ILE A 401 -22.74 2.14 29.44
C ILE A 401 -23.34 1.83 30.80
N LYS A 402 -22.46 1.46 31.72
CA LYS A 402 -22.82 1.26 33.11
C LYS A 402 -22.99 2.63 33.77
N SER A 403 -23.79 2.71 34.84
CA SER A 403 -24.08 4.00 35.51
C SER A 403 -23.25 4.14 36.81
N PRO A 404 -22.10 4.85 36.78
CA PRO A 404 -21.31 4.97 38.00
C PRO A 404 -21.74 6.16 38.89
N ARG A 405 -21.71 5.89 40.20
CA ARG A 405 -22.08 6.86 41.24
C ARG A 405 -21.11 6.86 42.44
N TRP A 406 -21.00 8.03 43.08
CA TRP A 406 -20.12 8.25 44.24
C TRP A 406 -20.98 8.46 45.46
N LYS A 407 -20.96 7.48 46.38
CA LYS A 407 -21.88 7.43 47.52
C LYS A 407 -23.31 7.68 47.05
N GLY A 408 -23.65 7.11 45.89
CA GLY A 408 -25.00 7.21 45.31
C GLY A 408 -25.34 8.52 44.63
N HIS A 409 -24.39 9.43 44.52
CA HIS A 409 -24.60 10.71 43.84
C HIS A 409 -24.05 10.62 42.44
N ALA A 410 -24.86 11.02 41.47
CA ALA A 410 -24.39 11.21 40.11
C ALA A 410 -23.42 12.38 40.03
N MET A 411 -22.27 12.16 39.40
CA MET A 411 -21.22 13.17 39.34
C MET A 411 -20.92 13.55 37.91
N GLU A 412 -20.29 14.71 37.78
CA GLU A 412 -19.65 15.15 36.53
C GLU A 412 -18.18 15.13 36.72
N VAL A 413 -17.48 14.53 35.77
CA VAL A 413 -16.02 14.48 35.79
C VAL A 413 -15.44 15.28 34.64
N GLY A 414 -14.12 15.34 34.54
CA GLY A 414 -13.47 16.06 33.44
C GLY A 414 -12.74 17.30 33.87
N PRO A 415 -12.24 18.09 32.89
CA PRO A 415 -11.43 19.29 33.15
C PRO A 415 -12.14 20.26 34.06
N LEU A 416 -13.35 20.64 33.70
CA LEU A 416 -14.13 21.55 34.53
C LEU A 416 -14.20 21.10 35.99
N ALA A 417 -14.38 19.80 36.19
CA ALA A 417 -14.46 19.23 37.53
C ALA A 417 -13.19 19.45 38.36
N ARG A 418 -12.06 18.97 37.86
CA ARG A 418 -10.78 19.23 38.50
C ARG A 418 -10.59 20.72 38.71
N TYR A 419 -10.83 21.47 37.63
CA TYR A 419 -10.57 22.90 37.63
C TYR A 419 -11.42 23.60 38.68
N LEU A 420 -12.62 23.10 38.92
CA LEU A 420 -13.45 23.63 40.01
C LEU A 420 -12.98 23.18 41.40
N ILE A 421 -12.52 21.94 41.53
CA ILE A 421 -12.09 21.48 42.85
C ILE A 421 -10.76 22.13 43.22
N GLY A 422 -9.83 22.16 42.26
CA GLY A 422 -8.60 22.93 42.44
C GLY A 422 -8.80 24.40 42.75
N TYR A 423 -9.81 25.00 42.12
CA TYR A 423 -10.15 26.40 42.38
C TYR A 423 -10.54 26.60 43.84
N HIS A 424 -11.46 25.78 44.35
CA HIS A 424 -11.93 25.94 45.72
C HIS A 424 -11.02 25.33 46.76
N GLN A 425 -10.09 24.50 46.29
CA GLN A 425 -8.91 24.10 47.08
C GLN A 425 -7.92 25.28 47.23
N ASN A 426 -8.16 26.34 46.48
CA ASN A 426 -7.44 27.60 46.55
C ASN A 426 -5.99 27.52 46.08
N LYS A 427 -5.78 26.68 45.06
CA LYS A 427 -4.46 26.52 44.46
C LYS A 427 -4.38 27.50 43.31
N PRO A 428 -3.43 28.45 43.38
CA PRO A 428 -3.40 29.55 42.42
C PRO A 428 -2.98 29.12 41.02
N GLU A 429 -2.40 27.92 40.89
CA GLU A 429 -2.05 27.32 39.59
C GLU A 429 -3.30 27.11 38.73
N PHE A 430 -4.45 26.98 39.39
CA PHE A 430 -5.78 26.88 38.74
C PHE A 430 -6.66 28.09 38.99
N LYS A 431 -6.68 28.60 40.20
CA LYS A 431 -7.50 29.75 40.50
C LYS A 431 -7.17 30.91 39.56
N GLU A 432 -5.93 31.38 39.57
CA GLU A 432 -5.58 32.62 38.85
C GLU A 432 -5.94 32.59 37.37
N PRO A 433 -5.45 31.59 36.63
CA PRO A 433 -5.83 31.49 35.22
C PRO A 433 -7.35 31.41 34.96
N VAL A 434 -8.11 30.77 35.84
CA VAL A 434 -9.58 30.77 35.74
C VAL A 434 -10.09 32.20 35.96
N ASP A 435 -9.53 32.87 36.95
CA ASP A 435 -9.97 34.21 37.30
C ASP A 435 -9.66 35.19 36.18
N GLN A 436 -8.43 35.14 35.63
CA GLN A 436 -8.07 36.02 34.48
C GLN A 436 -8.93 35.73 33.22
N LEU A 437 -9.42 34.50 33.07
CA LEU A 437 -10.30 34.18 31.95
C LEU A 437 -11.64 34.85 32.12
N LEU A 438 -12.18 34.73 33.32
CA LEU A 438 -13.42 35.38 33.63
C LEU A 438 -13.30 36.91 33.46
N SER A 439 -12.16 37.47 33.85
CA SER A 439 -11.97 38.89 33.72
C SER A 439 -12.08 39.39 32.27
N VAL A 440 -11.33 38.77 31.36
CA VAL A 440 -11.34 39.23 29.95
C VAL A 440 -12.69 39.02 29.27
N LEU A 441 -13.42 37.99 29.64
CA LEU A 441 -14.77 37.80 29.10
C LEU A 441 -15.80 38.57 29.89
N LYS A 442 -15.41 39.17 31.01
CA LYS A 442 -16.32 39.92 31.87
C LYS A 442 -17.52 39.08 32.30
N LEU A 443 -17.23 37.90 32.85
CA LEU A 443 -18.24 36.99 33.37
C LEU A 443 -17.95 36.61 34.81
N PRO A 444 -18.96 36.14 35.57
CA PRO A 444 -18.75 35.80 36.96
C PRO A 444 -18.39 34.35 37.18
N LYS A 445 -18.00 34.02 38.41
CA LYS A 445 -17.67 32.65 38.84
C LYS A 445 -18.62 31.59 38.25
N GLU A 446 -19.91 31.89 38.27
CA GLU A 446 -20.95 30.92 37.92
C GLU A 446 -20.99 30.58 36.42
N ALA A 447 -20.46 31.46 35.59
CA ALA A 447 -20.38 31.18 34.16
C ALA A 447 -19.64 29.86 33.87
N LEU A 448 -18.69 29.50 34.72
CA LEU A 448 -18.02 28.20 34.61
C LEU A 448 -18.99 27.04 34.53
N PHE A 449 -20.15 27.18 35.19
CA PHE A 449 -21.14 26.09 35.29
C PHE A 449 -21.95 25.93 33.98
N SER A 450 -21.25 25.67 32.89
CA SER A 450 -21.86 25.69 31.58
C SER A 450 -20.98 25.08 30.47
N THR A 451 -21.65 24.77 29.37
CA THR A 451 -21.00 24.27 28.18
C THR A 451 -19.84 25.18 27.79
N LEU A 452 -19.99 26.49 27.96
CA LEU A 452 -18.92 27.44 27.67
C LEU A 452 -17.81 27.27 28.69
N GLY A 453 -18.18 27.27 29.96
CA GLY A 453 -17.19 27.14 31.01
C GLY A 453 -16.42 25.84 30.89
N ARG A 454 -17.16 24.78 30.56
CA ARG A 454 -16.59 23.44 30.39
C ARG A 454 -15.53 23.39 29.28
N THR A 455 -15.80 24.16 28.23
CA THR A 455 -14.90 24.31 27.09
C THR A 455 -13.69 25.18 27.44
N ALA A 456 -13.93 26.22 28.24
CA ALA A 456 -12.86 27.08 28.71
C ALA A 456 -11.88 26.29 29.61
N ALA A 457 -12.47 25.57 30.57
CA ALA A 457 -11.70 24.72 31.46
C ALA A 457 -10.70 23.87 30.67
N ARG A 458 -11.15 23.27 29.58
CA ARG A 458 -10.29 22.42 28.79
C ARG A 458 -9.13 23.19 28.26
N ALA A 459 -9.38 24.37 27.70
CA ALA A 459 -8.27 25.16 27.15
C ALA A 459 -7.26 25.54 28.24
N LEU A 460 -7.76 26.08 29.33
CA LEU A 460 -6.90 26.45 30.42
C LEU A 460 -5.92 25.31 30.79
N GLU A 461 -6.44 24.10 30.88
CA GLU A 461 -5.65 22.91 31.19
C GLU A 461 -4.55 22.62 30.19
N SER A 462 -4.80 22.83 28.91
CA SER A 462 -3.77 22.50 27.90
C SER A 462 -2.49 23.28 28.14
N VAL A 463 -2.70 24.49 28.61
CA VAL A 463 -1.56 25.32 28.90
C VAL A 463 -0.91 24.78 30.17
N TRP A 464 -1.72 24.61 31.21
CA TRP A 464 -1.24 24.03 32.45
C TRP A 464 -0.50 22.74 32.17
N ALA A 465 -1.14 21.83 31.43
CA ALA A 465 -0.57 20.50 31.18
C ALA A 465 0.75 20.63 30.43
N GLY A 466 0.81 21.59 29.52
CA GLY A 466 2.06 21.94 28.87
C GLY A 466 3.18 22.29 29.85
N ASN A 467 2.88 23.07 30.88
CA ASN A 467 3.88 23.51 31.84
C ASN A 467 4.35 22.36 32.71
N THR A 468 3.39 21.49 33.06
CA THR A 468 3.65 20.33 33.86
C THR A 468 4.58 19.42 33.09
N LEU A 469 4.31 19.28 31.78
CA LEU A 469 5.14 18.50 30.90
C LEU A 469 6.59 18.96 30.96
N GLN A 470 6.80 20.26 30.86
CA GLN A 470 8.13 20.85 30.98
C GLN A 470 8.69 20.57 32.35
N TYR A 471 7.88 20.80 33.39
CA TYR A 471 8.29 20.53 34.76
C TYR A 471 8.82 19.11 34.99
N PHE A 472 8.14 18.10 34.46
CA PHE A 472 8.59 16.73 34.65
C PHE A 472 9.81 16.40 33.79
N PHE A 473 9.92 17.04 32.64
CA PHE A 473 11.18 17.01 31.88
C PHE A 473 12.30 17.67 32.67
N ASP A 474 12.01 18.80 33.32
CA ASP A 474 13.03 19.49 34.11
C ASP A 474 13.46 18.62 35.26
N ARG A 475 12.52 17.96 35.91
CA ARG A 475 12.90 17.04 37.00
C ARG A 475 13.66 15.81 36.50
N LEU A 476 13.30 15.23 35.36
CA LEU A 476 14.10 14.13 34.80
C LEU A 476 15.54 14.56 34.65
N MET A 477 15.72 15.78 34.14
CA MET A 477 17.05 16.31 33.89
C MET A 477 17.85 16.57 35.15
N ARG A 478 17.22 17.06 36.23
CA ARG A 478 17.99 17.19 37.45
C ARG A 478 18.36 15.83 38.08
N ASN A 479 17.54 14.82 37.83
CA ASN A 479 17.90 13.46 38.20
C ASN A 479 19.18 13.03 37.53
N LEU A 480 19.25 13.23 36.22
CA LEU A 480 20.41 12.75 35.46
C LEU A 480 21.67 13.56 35.77
N LYS A 481 21.51 14.86 35.97
CA LYS A 481 22.65 15.70 36.40
C LYS A 481 23.23 15.15 37.68
N SER A 482 22.37 14.62 38.54
CA SER A 482 22.83 14.05 39.78
C SER A 482 23.11 12.54 39.69
N GLY A 483 23.16 11.99 38.48
CA GLY A 483 23.63 10.61 38.24
C GLY A 483 22.63 9.46 38.26
N ASP A 484 21.36 9.78 38.49
CA ASP A 484 20.31 8.78 38.68
C ASP A 484 19.78 8.57 37.29
N THR A 485 20.02 7.38 36.73
CA THR A 485 19.56 7.06 35.37
C THR A 485 18.66 5.82 35.31
N ALA A 486 18.25 5.35 36.48
CA ALA A 486 17.42 4.18 36.61
C ALA A 486 16.08 4.39 35.95
N THR A 487 15.61 3.38 35.22
CA THR A 487 14.27 3.39 34.61
C THR A 487 13.30 2.26 35.02
N ALA A 488 13.76 1.25 35.77
CA ALA A 488 12.92 0.10 36.06
C ALA A 488 13.35 -0.76 37.23
N ASN A 489 12.39 -0.99 38.13
CA ASN A 489 12.50 -1.97 39.21
C ASN A 489 12.00 -3.35 38.70
N VAL A 490 12.85 -4.36 38.85
CA VAL A 490 12.66 -5.67 38.25
C VAL A 490 12.55 -6.77 39.30
N THR A 491 12.40 -6.37 40.54
CA THR A 491 12.47 -7.34 41.62
C THR A 491 11.22 -8.22 41.67
N LEU A 492 10.09 -7.71 41.20
CA LEU A 492 8.89 -8.51 41.13
C LEU A 492 8.44 -8.65 39.68
N TRP A 493 9.40 -8.68 38.77
CA TRP A 493 9.09 -8.91 37.37
C TRP A 493 8.75 -10.36 37.12
N GLU A 494 9.29 -11.25 37.96
CA GLU A 494 9.02 -12.69 37.80
C GLU A 494 7.76 -13.08 38.57
N PRO A 495 6.83 -13.79 37.92
CA PRO A 495 5.54 -13.99 38.59
C PRO A 495 5.57 -14.95 39.77
N ASP A 496 6.56 -15.85 39.83
CA ASP A 496 6.70 -16.76 40.98
C ASP A 496 7.09 -15.99 42.23
N THR A 497 7.35 -14.68 42.08
CA THR A 497 7.70 -13.82 43.21
C THR A 497 6.50 -13.13 43.78
N TRP A 498 5.32 -13.35 43.21
CA TRP A 498 4.16 -12.58 43.62
C TRP A 498 3.42 -13.26 44.73
N PRO A 499 2.66 -12.48 45.53
CA PRO A 499 1.65 -13.05 46.43
C PRO A 499 0.86 -14.04 45.61
N THR A 500 0.29 -15.03 46.29
CA THR A 500 -0.54 -16.00 45.61
C THR A 500 -1.87 -15.36 45.14
N SER A 501 -2.37 -14.38 45.90
CA SER A 501 -3.47 -13.52 45.45
C SER A 501 -3.37 -12.12 46.04
N ALA A 502 -3.86 -11.13 45.28
CA ALA A 502 -3.73 -9.71 45.61
C ALA A 502 -4.76 -8.80 44.86
N LYS A 503 -5.42 -7.89 45.60
CA LYS A 503 -6.29 -6.83 45.05
C LYS A 503 -5.42 -5.64 44.68
N GLY A 504 -5.90 -4.79 43.79
CA GLY A 504 -5.19 -3.54 43.47
C GLY A 504 -6.05 -2.47 42.80
N VAL A 505 -5.71 -1.20 43.04
CA VAL A 505 -6.37 -0.10 42.34
C VAL A 505 -5.34 0.68 41.60
N GLY A 506 -5.61 0.91 40.33
CA GLY A 506 -4.83 1.84 39.55
C GLY A 506 -5.75 2.99 39.22
N PHE A 507 -5.22 4.21 39.29
CA PHE A 507 -6.01 5.37 38.93
C PHE A 507 -5.21 6.42 38.24
N SER A 508 -5.93 7.24 37.51
CA SER A 508 -5.34 8.30 36.73
C SER A 508 -6.42 9.33 36.47
N GLU A 509 -5.98 10.51 36.09
CA GLU A 509 -6.90 11.52 35.66
C GLU A 509 -6.60 11.68 34.18
N ALA A 510 -7.45 11.07 33.38
CA ALA A 510 -7.35 11.09 31.95
C ALA A 510 -7.92 12.39 31.42
N PRO A 511 -7.70 12.68 30.13
CA PRO A 511 -8.17 13.97 29.56
C PRO A 511 -9.65 14.30 29.80
N ARG A 512 -10.50 13.29 29.74
CA ARG A 512 -11.95 13.44 29.82
C ARG A 512 -12.46 13.35 31.26
N GLY A 513 -11.66 12.76 32.15
CA GLY A 513 -11.91 12.85 33.59
C GLY A 513 -11.27 11.74 34.43
N ALA A 514 -12.02 11.28 35.43
CA ALA A 514 -11.48 10.40 36.44
C ALA A 514 -11.61 8.91 36.08
N LEU A 515 -10.44 8.29 35.93
CA LEU A 515 -10.31 6.93 35.44
C LEU A 515 -9.74 6.03 36.52
N GLY A 516 -10.36 4.87 36.69
CA GLY A 516 -9.89 3.87 37.65
C GLY A 516 -9.98 2.45 37.12
N HIS A 517 -9.04 1.62 37.55
CA HIS A 517 -9.00 0.19 37.23
C HIS A 517 -8.91 -0.64 38.49
N TRP A 518 -9.84 -1.57 38.65
CA TRP A 518 -9.91 -2.39 39.85
C TRP A 518 -9.63 -3.89 39.56
N ILE A 519 -8.34 -4.20 39.59
CA ILE A 519 -7.79 -5.53 39.29
C ILE A 519 -7.69 -6.44 40.52
N LYS A 520 -7.93 -7.74 40.32
CA LYS A 520 -7.59 -8.78 41.31
C LYS A 520 -6.67 -9.85 40.68
N ILE A 521 -5.49 -10.08 41.27
CA ILE A 521 -4.58 -11.14 40.81
C ILE A 521 -4.74 -12.39 41.67
N ALA A 522 -4.69 -13.56 41.02
CA ALA A 522 -4.85 -14.86 41.69
C ALA A 522 -4.20 -15.98 40.89
N ASN A 523 -3.23 -16.63 41.53
CA ASN A 523 -2.41 -17.64 40.88
C ASN A 523 -1.74 -17.15 39.61
N GLN A 524 -1.05 -16.02 39.76
CA GLN A 524 -0.24 -15.42 38.68
C GLN A 524 -1.04 -14.92 37.49
N LYS A 525 -2.36 -14.93 37.63
CA LYS A 525 -3.29 -14.65 36.57
C LYS A 525 -4.27 -13.58 37.01
N ILE A 526 -4.92 -12.92 36.07
CA ILE A 526 -5.96 -11.97 36.41
C ILE A 526 -7.27 -12.67 36.72
N ASP A 527 -7.92 -12.26 37.82
CA ASP A 527 -9.19 -12.85 38.25
C ASP A 527 -10.33 -11.87 37.94
N SER A 528 -10.33 -10.69 38.57
CA SER A 528 -11.20 -9.57 38.16
C SER A 528 -10.40 -8.65 37.29
N TYR A 529 -11.09 -7.85 36.51
CA TYR A 529 -10.51 -6.63 35.95
C TYR A 529 -11.64 -5.72 35.52
N GLN A 530 -11.79 -4.61 36.23
CA GLN A 530 -12.96 -3.76 36.07
C GLN A 530 -12.57 -2.31 35.87
N CYS A 531 -13.15 -1.69 34.84
CA CYS A 531 -12.80 -0.32 34.45
C CYS A 531 -13.99 0.61 34.64
N VAL A 532 -13.73 1.74 35.31
CA VAL A 532 -14.70 2.82 35.44
C VAL A 532 -14.05 4.07 34.88
N VAL A 533 -14.44 4.36 33.64
CA VAL A 533 -13.80 5.34 32.81
C VAL A 533 -14.63 6.64 32.79
N PRO A 534 -13.98 7.80 32.58
CA PRO A 534 -14.62 9.09 32.79
C PRO A 534 -15.89 9.22 32.03
N THR A 535 -15.85 8.96 30.73
CA THR A 535 -17.04 9.09 29.92
C THR A 535 -18.13 8.07 30.33
N THR A 536 -17.75 7.02 31.04
CA THR A 536 -18.74 6.20 31.73
C THR A 536 -19.51 7.05 32.76
N TRP A 537 -18.82 7.82 33.59
CA TRP A 537 -19.49 8.65 34.59
C TRP A 537 -20.52 9.56 33.94
N ASN A 538 -20.06 10.24 32.89
CA ASN A 538 -20.77 11.36 32.29
C ASN A 538 -21.94 10.93 31.38
N ALA A 539 -21.65 10.01 30.46
CA ALA A 539 -22.63 9.49 29.47
C ALA A 539 -23.50 8.37 30.05
N GLY A 540 -23.18 7.98 31.27
CA GLY A 540 -23.91 6.94 31.95
C GLY A 540 -25.40 7.19 31.98
N PRO A 541 -26.20 6.11 31.81
CA PRO A 541 -27.66 6.20 31.89
C PRO A 541 -28.10 6.55 33.28
N ARG A 542 -29.39 6.40 33.55
CA ARG A 542 -29.93 6.58 34.88
C ARG A 542 -29.64 5.37 35.77
N ASP A 543 -30.09 5.45 37.02
CA ASP A 543 -29.81 4.41 38.02
C ASP A 543 -31.07 4.01 38.82
N ASP A 544 -30.90 3.05 39.73
CA ASP A 544 -31.96 2.60 40.64
C ASP A 544 -32.88 3.73 41.05
N LYS A 545 -32.26 4.85 41.46
CA LYS A 545 -32.95 6.03 41.98
C LYS A 545 -33.78 6.78 40.95
N GLY A 546 -33.47 6.58 39.66
CA GLY A 546 -34.08 7.35 38.57
C GLY A 546 -33.33 8.65 38.28
N GLN A 547 -32.11 8.74 38.79
CA GLN A 547 -31.36 10.01 38.77
C GLN A 547 -30.48 10.11 37.52
N ILE A 548 -30.53 11.26 36.86
CA ILE A 548 -29.90 11.40 35.55
C ILE A 548 -28.41 11.69 35.65
N GLY A 549 -27.71 11.47 34.54
CA GLY A 549 -26.25 11.65 34.43
C GLY A 549 -25.83 13.00 33.88
N ALA A 550 -24.54 13.29 33.97
CA ALA A 550 -24.04 14.63 33.61
C ALA A 550 -24.44 15.13 32.21
N TYR A 551 -24.49 14.22 31.22
CA TYR A 551 -24.79 14.58 29.83
C TYR A 551 -26.23 14.98 29.65
N GLU A 552 -27.12 14.10 30.06
CA GLU A 552 -28.58 14.35 30.01
C GLU A 552 -28.93 15.67 30.72
N ALA A 553 -28.40 15.85 31.93
CA ALA A 553 -28.66 17.03 32.73
C ALA A 553 -28.32 18.31 32.02
N ALA A 554 -27.28 18.27 31.20
CA ALA A 554 -26.71 19.48 30.60
C ALA A 554 -27.45 19.90 29.34
N LEU A 555 -28.13 18.95 28.73
CA LEU A 555 -28.97 19.24 27.60
C LEU A 555 -30.28 19.86 28.04
N MET A 556 -30.63 19.68 29.31
CA MET A 556 -32.00 19.90 29.75
C MET A 556 -32.63 21.27 29.48
N GLY A 557 -31.96 22.36 29.78
CA GLY A 557 -32.61 23.65 29.54
C GLY A 557 -32.65 24.12 28.10
N THR A 558 -32.01 23.37 27.20
CA THR A 558 -31.55 23.93 25.93
C THR A 558 -32.68 24.19 24.97
N LYS A 559 -32.65 25.37 24.35
CA LYS A 559 -33.63 25.75 23.35
C LYS A 559 -33.07 25.38 21.99
N LEU A 560 -33.85 24.62 21.21
CA LEU A 560 -33.49 24.26 19.82
C LEU A 560 -34.04 25.27 18.80
N ALA A 561 -33.18 26.18 18.35
CA ALA A 561 -33.55 27.22 17.38
C ALA A 561 -34.17 26.59 16.14
N VAL A 562 -33.53 25.54 15.63
CA VAL A 562 -34.08 24.64 14.62
C VAL A 562 -34.01 23.21 15.15
N PRO A 563 -35.15 22.49 15.18
CA PRO A 563 -35.13 21.14 15.74
C PRO A 563 -34.59 20.10 14.74
N ASP A 564 -35.00 20.19 13.48
CA ASP A 564 -34.48 19.32 12.40
C ASP A 564 -32.96 19.26 12.44
N GLN A 565 -32.31 20.41 12.67
CA GLN A 565 -30.86 20.54 12.74
C GLN A 565 -30.42 20.85 14.19
N PRO A 566 -30.09 19.83 14.99
CA PRO A 566 -29.75 20.00 16.41
C PRO A 566 -28.31 20.44 16.75
N LEU A 567 -27.86 21.55 16.17
CA LEU A 567 -26.52 22.10 16.44
C LEU A 567 -26.31 22.40 17.91
N GLU A 568 -27.37 22.85 18.55
CA GLU A 568 -27.34 23.19 19.96
C GLU A 568 -26.96 22.00 20.86
N ILE A 569 -27.47 20.82 20.51
CA ILE A 569 -27.28 19.62 21.31
C ILE A 569 -25.85 19.17 21.17
N LEU A 570 -25.35 19.23 19.95
CA LEU A 570 -23.97 18.87 19.68
C LEU A 570 -22.96 19.72 20.48
N ARG A 571 -23.17 21.04 20.53
CA ARG A 571 -22.35 21.90 21.39
C ARG A 571 -22.18 21.31 22.78
N THR A 572 -23.28 21.22 23.53
CA THR A 572 -23.26 20.75 24.89
C THR A 572 -22.57 19.39 24.99
N LEU A 573 -23.08 18.39 24.26
CA LEU A 573 -22.46 17.03 24.24
C LEU A 573 -20.94 17.03 23.94
N HIS A 574 -20.53 17.76 22.91
CA HIS A 574 -19.13 17.86 22.58
C HIS A 574 -18.31 18.52 23.70
N SER A 575 -18.88 19.43 24.48
CA SER A 575 -18.15 20.06 25.57
C SER A 575 -17.70 19.06 26.63
N PHE A 576 -18.39 17.93 26.76
CA PHE A 576 -17.96 16.85 27.66
C PHE A 576 -16.86 15.94 27.08
N ASP A 577 -16.45 16.22 25.84
CA ASP A 577 -15.43 15.45 25.12
C ASP A 577 -15.73 13.94 25.05
N PRO A 578 -16.90 13.57 24.50
CA PRO A 578 -17.34 12.17 24.62
C PRO A 578 -16.41 11.26 23.91
N CYS A 579 -16.13 10.15 24.58
CA CYS A 579 -15.43 9.02 24.03
C CYS A 579 -16.12 7.75 24.49
N LEU A 580 -16.75 7.05 23.56
CA LEU A 580 -17.62 5.94 23.93
C LEU A 580 -16.97 4.57 23.92
N ALA A 581 -16.00 4.38 23.04
CA ALA A 581 -15.11 3.25 23.20
C ALA A 581 -14.66 3.25 24.67
N CYS A 582 -14.11 4.41 25.06
CA CYS A 582 -13.58 4.71 26.36
C CYS A 582 -14.75 4.32 27.40
N SER A 583 -15.97 4.87 27.24
CA SER A 583 -17.11 4.62 28.17
C SER A 583 -17.56 3.19 28.43
N THR A 584 -17.62 2.41 27.35
CA THR A 584 -18.20 1.06 27.32
C THR A 584 -17.17 -0.01 27.63
N HIS A 585 -15.92 0.33 27.30
CA HIS A 585 -14.82 -0.62 27.15
C HIS A 585 -15.24 -1.97 26.57
N LYS B 4 -10.19 19.41 -11.24
CA LYS B 4 -9.88 18.00 -10.86
C LYS B 4 -10.96 17.43 -9.93
N PRO B 5 -11.69 16.37 -10.37
CA PRO B 5 -12.49 15.73 -9.32
C PRO B 5 -11.57 14.89 -8.43
N ARG B 6 -11.92 14.75 -7.15
CA ARG B 6 -11.12 13.99 -6.19
C ARG B 6 -11.82 12.67 -5.84
N THR B 7 -11.04 11.59 -5.72
CA THR B 7 -11.57 10.24 -5.48
C THR B 7 -12.33 10.22 -4.19
N PRO B 8 -13.63 9.93 -4.23
CA PRO B 8 -14.34 9.98 -2.97
C PRO B 8 -14.01 8.79 -2.10
N VAL B 9 -13.97 9.02 -0.79
CA VAL B 9 -13.61 8.01 0.19
C VAL B 9 -14.62 8.05 1.31
N ILE B 10 -15.26 6.93 1.57
CA ILE B 10 -16.23 6.82 2.64
C ILE B 10 -15.55 6.04 3.76
N TRP B 11 -15.38 6.67 4.92
CA TRP B 11 -14.64 6.06 6.03
C TRP B 11 -15.61 5.62 7.13
N LEU B 12 -15.71 4.32 7.32
CA LEU B 12 -16.62 3.76 8.29
C LEU B 12 -15.96 3.35 9.59
N HIS B 13 -16.70 3.51 10.68
CA HIS B 13 -16.26 3.06 11.97
C HIS B 13 -17.22 2.00 12.45
N GLY B 14 -16.69 0.81 12.72
CA GLY B 14 -17.44 -0.28 13.33
C GLY B 14 -17.07 -0.43 14.81
N LEU B 15 -16.76 -1.65 15.26
CA LEU B 15 -16.19 -1.85 16.59
C LEU B 15 -14.71 -1.53 16.49
N GLU B 16 -14.19 -0.75 17.45
CA GLU B 16 -12.91 -0.04 17.30
C GLU B 16 -12.63 0.84 18.52
N CYS B 17 -11.39 1.28 18.62
CA CYS B 17 -10.96 2.29 19.57
C CYS B 17 -10.55 3.61 18.89
N THR B 18 -10.96 3.77 17.62
CA THR B 18 -10.73 4.97 16.77
C THR B 18 -9.25 5.27 16.50
N CYS B 19 -8.39 4.26 16.58
CA CYS B 19 -6.95 4.53 16.66
C CYS B 19 -6.31 4.64 15.31
N CYS B 20 -6.83 3.96 14.30
CA CYS B 20 -6.28 4.20 12.96
C CYS B 20 -6.66 5.58 12.35
N THR B 21 -7.83 6.11 12.73
CA THR B 21 -8.23 7.47 12.34
C THR B 21 -7.22 8.41 12.97
N GLU B 22 -6.91 8.20 14.26
CA GLU B 22 -5.93 9.05 14.97
C GLU B 22 -4.59 8.95 14.27
N SER B 23 -4.19 7.72 13.92
CA SER B 23 -2.91 7.46 13.19
C SER B 23 -2.81 8.15 11.83
N PHE B 24 -3.90 8.12 11.07
CA PHE B 24 -3.98 8.76 9.78
C PHE B 24 -3.60 10.23 9.88
N ILE B 25 -4.11 10.96 10.90
CA ILE B 25 -3.90 12.41 10.94
C ILE B 25 -2.44 12.78 11.31
N ARG B 26 -1.73 11.81 11.86
CA ARG B 26 -0.29 11.98 12.20
C ARG B 26 0.62 11.98 10.97
N SER B 27 0.04 11.79 9.79
CA SER B 27 0.77 11.80 8.53
C SER B 27 1.44 13.14 8.31
N ALA B 28 2.68 13.06 7.88
CA ALA B 28 3.54 14.25 7.69
C ALA B 28 3.75 14.62 6.25
N HIS B 29 3.91 13.62 5.40
CA HIS B 29 4.04 13.81 3.94
C HIS B 29 3.26 12.68 3.27
N PRO B 30 2.06 12.99 2.76
CA PRO B 30 1.34 14.24 2.84
C PRO B 30 0.65 14.49 4.17
N LEU B 31 0.46 15.77 4.50
CA LEU B 31 -0.35 16.13 5.65
C LEU B 31 -1.80 15.65 5.42
N ALA B 32 -2.41 15.12 6.47
CA ALA B 32 -3.83 14.82 6.42
C ALA B 32 -4.66 16.01 5.96
N LYS B 33 -4.20 17.23 6.27
CA LYS B 33 -4.86 18.44 5.75
C LYS B 33 -4.84 18.47 4.24
N ASP B 34 -3.68 18.15 3.70
CA ASP B 34 -3.43 18.17 2.28
C ASP B 34 -4.11 16.98 1.57
N ALA B 35 -4.19 15.84 2.24
CA ALA B 35 -5.02 14.75 1.72
C ALA B 35 -6.49 15.16 1.66
N ILE B 36 -7.03 15.64 2.77
CA ILE B 36 -8.43 15.99 2.83
C ILE B 36 -8.86 17.08 1.82
N LEU B 37 -8.05 18.15 1.73
CA LEU B 37 -8.39 19.27 0.87
C LEU B 37 -8.04 19.05 -0.60
N SER B 38 -7.04 18.19 -0.89
CA SER B 38 -6.45 18.12 -2.27
C SER B 38 -6.29 16.76 -2.99
N LEU B 39 -6.13 15.67 -2.24
CA LEU B 39 -5.98 14.33 -2.83
C LEU B 39 -7.26 13.52 -2.93
N ILE B 40 -8.06 13.56 -1.86
CA ILE B 40 -9.28 12.77 -1.80
C ILE B 40 -10.48 13.64 -1.44
N SER B 41 -11.66 13.06 -1.42
CA SER B 41 -12.79 13.71 -0.80
C SER B 41 -13.24 12.82 0.34
N LEU B 42 -12.83 13.19 1.55
CA LEU B 42 -13.20 12.44 2.73
C LEU B 42 -14.67 12.74 3.09
N ASP B 43 -15.58 12.06 2.39
CA ASP B 43 -17.00 12.45 2.28
C ASP B 43 -17.92 12.02 3.42
N TYR B 44 -17.60 10.90 4.08
CA TYR B 44 -18.26 10.52 5.35
C TYR B 44 -17.14 10.13 6.25
N ASP B 45 -17.12 10.66 7.47
CA ASP B 45 -16.18 10.18 8.51
C ASP B 45 -16.67 10.59 9.91
N ASP B 46 -17.30 9.62 10.60
CA ASP B 46 -17.87 9.84 11.93
C ASP B 46 -17.02 10.82 12.77
N THR B 47 -15.73 10.55 12.84
CA THR B 47 -14.88 11.26 13.79
C THR B 47 -14.72 12.79 13.54
N ILE B 48 -14.67 13.24 12.29
CA ILE B 48 -14.38 14.66 12.06
C ILE B 48 -15.41 15.45 11.28
N MET B 49 -16.41 14.78 10.72
CA MET B 49 -17.37 15.45 9.85
C MET B 49 -18.31 16.41 10.59
N ALA B 50 -18.59 17.55 9.96
CA ALA B 50 -19.42 18.60 10.55
C ALA B 50 -20.80 18.09 10.90
N ALA B 51 -21.36 17.30 10.01
CA ALA B 51 -22.77 16.90 10.11
C ALA B 51 -23.00 15.75 11.07
N ALA B 52 -24.20 15.71 11.68
CA ALA B 52 -24.60 14.63 12.57
C ALA B 52 -25.98 14.09 12.19
N GLY B 53 -26.34 12.98 12.82
CA GLY B 53 -27.72 12.43 12.80
C GLY B 53 -28.26 12.22 11.42
N GLN B 54 -29.46 12.71 11.18
CA GLN B 54 -30.04 12.63 9.84
C GLN B 54 -29.21 13.40 8.81
N GLN B 55 -28.69 14.57 9.20
CA GLN B 55 -27.86 15.38 8.30
C GLN B 55 -26.62 14.60 7.83
N ALA B 56 -26.12 13.73 8.70
CA ALA B 56 -24.91 12.95 8.43
C ALA B 56 -25.22 11.80 7.52
N GLU B 57 -26.32 11.10 7.81
CA GLU B 57 -26.75 9.99 6.97
C GLU B 57 -27.08 10.47 5.57
N GLN B 58 -27.75 11.62 5.50
CA GLN B 58 -28.15 12.20 4.23
C GLN B 58 -26.91 12.42 3.40
N ALA B 59 -25.92 13.06 4.00
CA ALA B 59 -24.68 13.34 3.30
C ALA B 59 -24.06 12.08 2.70
N LEU B 60 -24.14 10.96 3.41
CA LEU B 60 -23.63 9.70 2.89
C LEU B 60 -24.46 9.22 1.68
N ALA B 61 -25.76 9.12 1.89
CA ALA B 61 -26.66 8.75 0.82
C ALA B 61 -26.36 9.58 -0.44
N ASP B 62 -26.23 10.90 -0.27
CA ASP B 62 -25.86 11.84 -1.35
C ASP B 62 -24.66 11.35 -2.15
N VAL B 63 -23.57 10.98 -1.45
CA VAL B 63 -22.29 10.66 -2.11
C VAL B 63 -22.30 9.25 -2.73
N MET B 64 -23.15 8.38 -2.22
CA MET B 64 -23.21 7.01 -2.72
C MET B 64 -24.01 7.04 -4.00
N ARG B 65 -25.21 7.59 -3.89
CA ARG B 65 -26.08 7.82 -5.04
C ARG B 65 -25.30 8.53 -6.14
N GLU B 66 -24.58 9.57 -5.76
CA GLU B 66 -23.94 10.43 -6.74
C GLU B 66 -22.66 9.84 -7.33
N TYR B 67 -21.78 9.31 -6.48
CA TYR B 67 -20.48 8.78 -6.94
C TYR B 67 -20.48 7.25 -7.00
N LYS B 68 -21.64 6.66 -7.24
CA LYS B 68 -21.84 5.19 -7.17
C LYS B 68 -20.93 4.38 -8.08
N GLY B 69 -20.41 3.28 -7.54
CA GLY B 69 -19.49 2.42 -8.27
C GLY B 69 -18.07 2.96 -8.42
N ASN B 70 -17.83 4.23 -8.09
CA ASN B 70 -16.52 4.88 -8.20
C ASN B 70 -15.82 5.24 -6.89
N TYR B 71 -16.57 5.24 -5.77
CA TYR B 71 -15.98 5.57 -4.48
C TYR B 71 -15.26 4.41 -3.77
N ILE B 72 -14.24 4.75 -2.99
CA ILE B 72 -13.52 3.80 -2.15
C ILE B 72 -14.12 3.80 -0.75
N VAL B 73 -14.34 2.61 -0.19
CA VAL B 73 -14.71 2.51 1.22
C VAL B 73 -13.50 2.15 2.07
N ALA B 74 -13.19 3.03 3.01
CA ALA B 74 -12.22 2.71 4.05
C ALA B 74 -12.98 2.27 5.29
N VAL B 75 -12.57 1.15 5.86
CA VAL B 75 -13.26 0.60 7.01
C VAL B 75 -12.29 0.50 8.15
N GLU B 76 -12.58 1.15 9.26
CA GLU B 76 -11.78 0.93 10.46
C GLU B 76 -12.72 0.40 11.51
N GLY B 77 -12.22 -0.50 12.32
CA GLY B 77 -13.09 -1.31 13.13
C GLY B 77 -13.61 -2.54 12.38
N ASN B 78 -14.22 -3.45 13.15
CA ASN B 78 -14.87 -4.63 12.60
C ASN B 78 -16.36 -4.71 13.00
N ALA B 79 -17.01 -5.83 12.72
CA ALA B 79 -18.42 -6.00 12.96
C ALA B 79 -18.73 -7.17 13.88
N PRO B 80 -19.46 -6.93 14.98
CA PRO B 80 -19.92 -7.98 15.84
C PRO B 80 -21.15 -8.67 15.28
N LEU B 81 -21.19 -10.00 15.44
CA LEU B 81 -22.25 -10.85 14.88
C LEU B 81 -23.26 -11.26 15.93
N ASN B 82 -22.80 -11.47 17.16
CA ASN B 82 -23.66 -11.85 18.27
C ASN B 82 -24.65 -10.77 18.63
N GLU B 83 -25.70 -11.18 19.33
CA GLU B 83 -26.86 -10.34 19.57
C GLU B 83 -27.29 -9.61 18.26
N ASP B 84 -27.38 -10.38 17.16
CA ASP B 84 -27.82 -9.93 15.81
C ASP B 84 -27.16 -8.64 15.34
N GLY B 85 -25.90 -8.45 15.76
CA GLY B 85 -25.11 -7.32 15.33
C GLY B 85 -25.26 -6.05 16.15
N MET B 86 -26.13 -6.09 17.17
CA MET B 86 -26.47 -4.92 18.01
C MET B 86 -25.52 -4.62 19.17
N PHE B 87 -24.34 -5.26 19.13
CA PHE B 87 -23.18 -4.82 19.90
C PHE B 87 -22.47 -3.64 19.22
N CYS B 88 -23.03 -3.18 18.10
CA CYS B 88 -22.52 -2.02 17.39
C CYS B 88 -23.61 -1.38 16.51
N ILE B 89 -24.11 -0.21 16.90
CA ILE B 89 -25.38 0.33 16.39
C ILE B 89 -25.23 1.75 15.79
N LEU B 90 -25.26 1.82 14.45
CA LEU B 90 -25.18 3.11 13.73
C LEU B 90 -26.48 3.50 13.07
N ALA B 91 -27.06 4.59 13.57
CA ALA B 91 -28.34 5.08 13.10
C ALA B 91 -29.42 4.00 13.27
N GLY B 92 -29.44 3.43 14.47
CA GLY B 92 -30.47 2.47 14.88
C GLY B 92 -30.29 1.10 14.28
N GLU B 93 -29.26 0.94 13.48
CA GLU B 93 -29.07 -0.27 12.71
C GLU B 93 -27.73 -0.89 12.99
N PRO B 94 -27.67 -2.23 12.96
CA PRO B 94 -26.41 -2.89 13.26
C PRO B 94 -25.38 -2.44 12.26
N PHE B 95 -24.12 -2.44 12.68
CA PHE B 95 -23.07 -1.88 11.83
C PHE B 95 -22.96 -2.76 10.61
N LEU B 96 -23.19 -4.05 10.81
CA LEU B 96 -23.12 -5.00 9.72
C LEU B 96 -23.94 -4.60 8.46
N GLU B 97 -25.17 -4.11 8.62
CA GLU B 97 -26.00 -3.71 7.45
C GLU B 97 -25.35 -2.52 6.79
N LYS B 98 -25.02 -1.52 7.60
CA LYS B 98 -24.45 -0.29 7.09
C LYS B 98 -23.21 -0.58 6.24
N LEU B 99 -22.37 -1.49 6.73
CA LEU B 99 -21.21 -1.96 5.98
C LEU B 99 -21.62 -2.56 4.65
N LYS B 100 -22.53 -3.53 4.66
CA LYS B 100 -22.95 -4.21 3.42
C LYS B 100 -23.54 -3.23 2.40
N ARG B 101 -24.41 -2.36 2.88
CA ARG B 101 -25.08 -1.37 2.02
C ARG B 101 -24.07 -0.43 1.36
N VAL B 102 -23.14 0.11 2.15
CA VAL B 102 -22.14 1.02 1.62
C VAL B 102 -21.15 0.32 0.67
N SER B 103 -20.75 -0.90 1.00
CA SER B 103 -19.70 -1.54 0.21
C SER B 103 -20.24 -2.29 -0.99
N ALA B 104 -21.54 -2.51 -1.06
CA ALA B 104 -22.08 -3.14 -2.26
C ALA B 104 -21.81 -2.28 -3.49
N ASP B 105 -21.84 -0.95 -3.33
CA ASP B 105 -21.72 -0.03 -4.47
C ASP B 105 -20.32 0.57 -4.61
N ALA B 106 -19.35 -0.02 -3.93
CA ALA B 106 -18.01 0.56 -3.86
C ALA B 106 -17.05 -0.03 -4.89
N LYS B 107 -16.06 0.76 -5.27
CA LYS B 107 -15.08 0.40 -6.29
C LYS B 107 -14.08 -0.56 -5.68
N ALA B 108 -13.66 -0.28 -4.45
CA ALA B 108 -12.70 -1.12 -3.68
C ALA B 108 -12.73 -0.77 -2.21
N ILE B 109 -12.21 -1.67 -1.39
CA ILE B 109 -12.27 -1.52 0.06
C ILE B 109 -10.92 -1.55 0.70
N ILE B 110 -10.57 -0.51 1.44
CA ILE B 110 -9.41 -0.57 2.28
C ILE B 110 -9.86 -0.92 3.73
N ALA B 111 -9.20 -1.91 4.31
CA ALA B 111 -9.43 -2.31 5.68
C ALA B 111 -8.30 -1.76 6.52
N TRP B 112 -8.53 -0.60 7.13
CA TRP B 112 -7.54 -0.01 8.03
C TRP B 112 -7.40 -0.80 9.34
N GLY B 113 -6.19 -1.19 9.65
CA GLY B 113 -5.85 -1.65 10.99
C GLY B 113 -6.13 -3.10 11.19
N SER B 114 -5.77 -3.59 12.36
CA SER B 114 -5.92 -4.99 12.69
C SER B 114 -7.36 -5.32 12.99
N CYS B 115 -8.12 -4.36 13.50
CA CYS B 115 -9.55 -4.58 13.74
C CYS B 115 -10.26 -5.00 12.46
N ALA B 116 -10.24 -4.12 11.46
CA ALA B 116 -10.90 -4.39 10.19
C ALA B 116 -10.26 -5.56 9.41
N SER B 117 -8.96 -5.75 9.62
CA SER B 117 -8.24 -6.78 8.88
C SER B 117 -8.40 -8.17 9.46
N TRP B 118 -8.32 -8.30 10.78
CA TRP B 118 -8.23 -9.62 11.45
C TRP B 118 -9.22 -9.85 12.58
N GLY B 119 -9.44 -8.81 13.40
CA GLY B 119 -10.21 -8.87 14.64
C GLY B 119 -9.67 -7.94 15.72
N CYS B 120 -8.33 -7.89 15.89
CA CYS B 120 -7.64 -7.20 17.03
C CYS B 120 -8.25 -7.54 18.43
N VAL B 121 -8.24 -6.59 19.34
CA VAL B 121 -8.43 -6.87 20.78
C VAL B 121 -9.84 -7.40 21.13
N GLN B 122 -10.89 -6.88 20.48
CA GLN B 122 -12.28 -7.32 20.76
C GLN B 122 -12.48 -8.80 20.43
N ALA B 123 -11.65 -9.27 19.51
CA ALA B 123 -11.71 -10.62 18.98
C ALA B 123 -10.74 -11.58 19.68
N ALA B 124 -9.95 -11.06 20.59
CA ALA B 124 -9.15 -11.91 21.49
C ALA B 124 -10.01 -12.75 22.44
N ARG B 125 -9.54 -13.95 22.72
CA ARG B 125 -10.23 -14.92 23.59
C ARG B 125 -10.84 -14.27 24.84
N PRO B 126 -12.14 -14.51 25.10
CA PRO B 126 -13.07 -15.41 24.41
C PRO B 126 -13.99 -14.69 23.43
N ASN B 127 -13.59 -13.51 22.95
CA ASN B 127 -14.34 -12.77 21.92
C ASN B 127 -15.86 -12.80 22.16
N PRO B 128 -16.32 -12.15 23.24
CA PRO B 128 -17.72 -12.21 23.58
C PRO B 128 -18.65 -11.59 22.53
N THR B 129 -18.20 -10.52 21.91
CA THR B 129 -19.04 -9.80 20.98
C THR B 129 -19.04 -10.42 19.58
N LYS B 130 -18.35 -11.54 19.39
CA LYS B 130 -18.26 -12.23 18.08
C LYS B 130 -17.81 -11.28 16.99
N ALA B 131 -16.71 -10.61 17.26
CA ALA B 131 -16.16 -9.57 16.38
C ALA B 131 -15.48 -10.22 15.21
N THR B 132 -15.85 -9.76 14.03
CA THR B 132 -15.53 -10.46 12.77
C THR B 132 -15.04 -9.43 11.74
N PRO B 133 -13.91 -9.70 11.08
CA PRO B 133 -13.26 -8.72 10.20
C PRO B 133 -13.98 -8.50 8.88
N VAL B 134 -13.56 -7.50 8.13
CA VAL B 134 -14.30 -7.09 6.94
C VAL B 134 -14.40 -8.26 5.97
N HIS B 135 -13.24 -8.80 5.60
CA HIS B 135 -13.14 -9.77 4.50
C HIS B 135 -13.90 -11.09 4.71
N LYS B 136 -14.22 -11.42 5.95
CA LYS B 136 -15.05 -12.56 6.22
C LYS B 136 -16.51 -12.19 6.01
N LEU B 137 -16.83 -10.92 5.85
CA LEU B 137 -18.22 -10.49 5.66
C LEU B 137 -18.48 -9.95 4.26
N ILE B 138 -17.56 -9.15 3.72
CA ILE B 138 -17.64 -8.68 2.35
C ILE B 138 -16.66 -9.49 1.46
N THR B 139 -17.21 -10.19 0.48
CA THR B 139 -16.44 -11.16 -0.27
C THR B 139 -16.65 -11.02 -1.78
N ASP B 140 -17.30 -9.96 -2.21
CA ASP B 140 -17.56 -9.76 -3.64
C ASP B 140 -16.89 -8.50 -4.14
N LYS B 141 -15.97 -7.98 -3.33
CA LYS B 141 -15.23 -6.75 -3.61
C LYS B 141 -13.79 -6.93 -3.20
N PRO B 142 -12.88 -6.26 -3.89
CA PRO B 142 -11.43 -6.33 -3.57
C PRO B 142 -11.06 -5.64 -2.26
N ILE B 143 -10.30 -6.33 -1.43
CA ILE B 143 -9.97 -5.79 -0.12
C ILE B 143 -8.48 -5.66 0.05
N ILE B 144 -8.04 -4.47 0.36
CA ILE B 144 -6.67 -4.22 0.78
C ILE B 144 -6.70 -4.19 2.31
N LYS B 145 -5.96 -5.10 2.90
CA LYS B 145 -5.75 -5.13 4.34
C LYS B 145 -4.49 -4.34 4.65
N VAL B 146 -4.59 -3.32 5.49
CA VAL B 146 -3.42 -2.56 5.90
C VAL B 146 -3.38 -2.66 7.41
N PRO B 147 -2.84 -3.77 7.92
CA PRO B 147 -2.97 -4.08 9.36
C PRO B 147 -1.95 -3.40 10.31
N GLY B 148 -2.05 -3.73 11.60
CA GLY B 148 -1.27 -3.10 12.65
C GLY B 148 -2.23 -2.37 13.56
N CYS B 149 -1.87 -2.22 14.82
CA CYS B 149 -2.72 -1.59 15.82
C CYS B 149 -2.03 -0.38 16.41
N PRO B 150 -2.02 0.76 15.68
CA PRO B 150 -2.55 0.99 14.35
C PRO B 150 -1.52 0.75 13.30
N PRO B 151 -1.92 0.93 12.02
CA PRO B 151 -0.93 1.05 10.99
C PRO B 151 -0.07 2.25 11.25
N ILE B 152 1.05 2.27 10.56
CA ILE B 152 1.98 3.40 10.59
C ILE B 152 1.38 4.57 9.83
N PRO B 153 1.25 5.71 10.49
CA PRO B 153 0.78 6.91 9.83
C PRO B 153 1.24 7.09 8.39
N GLU B 154 2.54 7.06 8.13
CA GLU B 154 3.04 7.36 6.75
C GLU B 154 2.88 6.18 5.78
N VAL B 155 2.61 4.98 6.31
CA VAL B 155 2.23 3.84 5.48
C VAL B 155 0.83 4.06 4.94
N MET B 156 -0.10 4.38 5.84
CA MET B 156 -1.49 4.63 5.47
C MET B 156 -1.53 5.64 4.34
N SER B 157 -0.78 6.72 4.50
CA SER B 157 -0.82 7.82 3.55
C SER B 157 -0.13 7.44 2.27
N ALA B 158 0.93 6.68 2.36
CA ALA B 158 1.64 6.26 1.15
C ALA B 158 0.84 5.24 0.33
N VAL B 159 0.10 4.36 1.00
CA VAL B 159 -0.82 3.47 0.27
C VAL B 159 -1.87 4.25 -0.55
N ILE B 160 -2.49 5.27 0.04
CA ILE B 160 -3.51 6.07 -0.66
C ILE B 160 -2.88 6.84 -1.78
N THR B 161 -1.76 7.49 -1.52
CA THR B 161 -1.13 8.30 -2.58
C THR B 161 -0.63 7.43 -3.73
N TYR B 162 -0.25 6.20 -3.44
CA TYR B 162 0.15 5.25 -4.46
C TYR B 162 -1.01 4.89 -5.34
N MET B 163 -2.14 4.58 -4.72
CA MET B 163 -3.32 4.12 -5.44
C MET B 163 -3.82 5.20 -6.34
N LEU B 164 -3.83 6.43 -5.84
CA LEU B 164 -4.26 7.58 -6.65
C LEU B 164 -3.30 7.84 -7.79
N ALA B 165 -2.02 7.74 -7.52
CA ALA B 165 -1.01 8.11 -8.49
C ALA B 165 -0.90 7.14 -9.64
N PHE B 166 -0.96 5.86 -9.29
CA PHE B 166 -0.76 4.79 -10.26
C PHE B 166 -2.09 4.20 -10.69
N ASP B 167 -3.17 4.61 -10.02
CA ASP B 167 -4.51 4.19 -10.38
C ASP B 167 -4.54 2.68 -10.48
N ARG B 168 -4.15 2.04 -9.37
CA ARG B 168 -3.97 0.60 -9.32
C ARG B 168 -4.16 0.15 -7.87
N ILE B 169 -4.55 -1.11 -7.69
CA ILE B 169 -4.40 -1.75 -6.38
C ILE B 169 -2.93 -2.19 -6.29
N PRO B 170 -2.24 -1.83 -5.22
CA PRO B 170 -0.87 -2.33 -5.11
C PRO B 170 -0.77 -3.86 -5.04
N PRO B 171 0.41 -4.41 -5.33
CA PRO B 171 0.66 -5.84 -5.18
C PRO B 171 0.35 -6.36 -3.77
N LEU B 172 -0.56 -7.33 -3.65
CA LEU B 172 -0.88 -7.88 -2.33
C LEU B 172 -0.19 -9.22 -2.12
N ASP B 173 -0.03 -9.60 -0.85
CA ASP B 173 0.48 -10.93 -0.48
C ASP B 173 -0.73 -11.86 -0.34
N ARG B 174 -0.54 -13.04 0.24
CA ARG B 174 -1.63 -14.02 0.35
C ARG B 174 -2.71 -13.60 1.35
N LEU B 175 -2.44 -12.59 2.14
CA LEU B 175 -3.39 -12.14 3.15
C LEU B 175 -4.05 -10.85 2.70
N GLY B 176 -3.62 -10.31 1.56
CA GLY B 176 -4.19 -9.07 1.05
C GLY B 176 -3.48 -7.82 1.55
N ARG B 177 -2.22 -7.98 1.93
CA ARG B 177 -1.47 -6.86 2.44
C ARG B 177 -0.57 -6.30 1.35
N PRO B 178 -0.49 -4.98 1.23
CA PRO B 178 0.42 -4.42 0.28
C PRO B 178 1.86 -4.87 0.55
N LYS B 179 2.47 -5.52 -0.43
CA LYS B 179 3.80 -6.11 -0.24
C LYS B 179 4.84 -5.05 0.04
N MET B 180 4.68 -3.91 -0.63
CA MET B 180 5.56 -2.79 -0.42
C MET B 180 5.96 -2.59 1.05
N PHE B 181 4.99 -2.68 1.97
CA PHE B 181 5.27 -2.41 3.39
C PHE B 181 5.19 -3.66 4.26
N TYR B 182 4.27 -4.56 3.96
CA TYR B 182 4.10 -5.76 4.80
C TYR B 182 4.79 -6.98 4.20
N GLY B 183 5.68 -6.74 3.24
CA GLY B 183 6.38 -7.84 2.56
C GLY B 183 7.53 -8.46 3.34
N GLN B 184 8.09 -7.72 4.30
CA GLN B 184 9.27 -8.18 5.01
C GLN B 184 9.13 -8.09 6.51
N ARG B 185 9.72 -9.06 7.19
CA ARG B 185 9.70 -9.10 8.63
C ARG B 185 10.40 -7.90 9.25
N ILE B 186 9.78 -7.34 10.30
CA ILE B 186 10.45 -6.37 11.12
C ILE B 186 11.86 -6.85 11.43
N HIS B 187 11.94 -8.10 11.87
CA HIS B 187 13.22 -8.71 12.29
C HIS B 187 14.27 -8.83 11.19
N ASP B 188 13.84 -8.89 9.94
CA ASP B 188 14.75 -9.00 8.80
C ASP B 188 15.22 -7.62 8.33
N LYS B 189 14.78 -6.56 9.01
CA LYS B 189 15.34 -5.22 8.80
C LYS B 189 15.44 -4.46 10.11
N CYS B 190 15.64 -5.21 11.19
CA CYS B 190 15.79 -4.61 12.50
C CYS B 190 17.24 -4.22 12.73
N TYR B 191 17.44 -3.03 13.31
CA TYR B 191 18.80 -2.52 13.59
C TYR B 191 19.53 -3.27 14.73
N ARG B 192 18.76 -3.81 15.66
CA ARG B 192 19.34 -4.51 16.82
C ARG B 192 19.74 -5.93 16.45
N ARG B 193 19.61 -6.24 15.17
CA ARG B 193 19.70 -7.62 14.70
C ARG B 193 21.09 -8.14 14.88
N ALA B 194 22.06 -7.29 14.57
CA ALA B 194 23.46 -7.59 14.87
C ALA B 194 23.66 -8.31 16.20
N HIS B 195 22.98 -7.81 17.23
CA HIS B 195 23.07 -8.33 18.58
C HIS B 195 22.44 -9.69 18.75
N PHE B 196 21.24 -9.85 18.21
CA PHE B 196 20.56 -11.13 18.18
C PHE B 196 21.52 -12.14 17.65
N ASP B 197 22.05 -11.87 16.47
CA ASP B 197 23.00 -12.77 15.79
C ASP B 197 24.25 -13.09 16.58
N ALA B 198 24.65 -12.19 17.47
CA ALA B 198 25.85 -12.38 18.29
C ALA B 198 25.50 -12.73 19.74
N GLY B 199 24.23 -13.04 19.98
CA GLY B 199 23.78 -13.52 21.30
C GLY B 199 23.79 -12.45 22.36
N GLN B 200 23.67 -11.20 21.95
CA GLN B 200 23.74 -10.12 22.88
C GLN B 200 22.30 -9.76 23.20
N PHE B 201 21.83 -10.07 24.42
CA PHE B 201 20.43 -9.83 24.78
C PHE B 201 20.14 -8.98 26.03
N VAL B 202 18.99 -8.34 26.03
CA VAL B 202 18.44 -7.83 27.27
C VAL B 202 17.88 -9.03 27.93
N GLU B 203 18.32 -9.25 29.17
CA GLU B 203 17.87 -10.38 30.00
C GLU B 203 16.85 -9.92 31.05
N ALA B 204 16.99 -8.70 31.51
CA ALA B 204 15.97 -8.07 32.32
C ALA B 204 16.05 -6.57 32.12
N TRP B 205 14.97 -5.87 32.44
CA TRP B 205 14.89 -4.46 32.10
C TRP B 205 16.04 -3.67 32.78
N ASP B 206 16.46 -2.63 32.07
CA ASP B 206 17.51 -1.73 32.52
C ASP B 206 18.80 -2.43 32.92
N ASP B 207 19.07 -3.59 32.34
CA ASP B 207 20.38 -4.22 32.55
C ASP B 207 21.41 -3.63 31.57
N GLU B 208 22.67 -4.01 31.71
CA GLU B 208 23.72 -3.48 30.83
C GLU B 208 23.33 -3.67 29.38
N GLY B 209 22.65 -4.77 29.09
CA GLY B 209 22.12 -5.02 27.76
C GLY B 209 21.15 -3.96 27.26
N ALA B 210 20.07 -3.73 28.02
CA ALA B 210 19.08 -2.73 27.66
C ALA B 210 19.72 -1.38 27.40
N ARG B 211 20.63 -0.96 28.27
CA ARG B 211 21.25 0.34 28.16
C ARG B 211 22.22 0.41 26.99
N LYS B 212 22.57 -0.74 26.41
CA LYS B 212 23.50 -0.81 25.28
C LYS B 212 22.76 -1.07 23.95
N GLY B 213 21.43 -1.15 23.98
CA GLY B 213 20.61 -1.41 22.78
C GLY B 213 20.47 -2.86 22.33
N TYR B 214 20.71 -3.79 23.23
CA TYR B 214 20.69 -5.22 22.87
C TYR B 214 19.36 -5.74 22.40
N CYS B 215 19.40 -6.92 21.80
CA CYS B 215 18.21 -7.51 21.19
C CYS B 215 17.21 -7.95 22.24
N LEU B 216 15.96 -7.63 21.96
CA LEU B 216 14.87 -7.80 22.92
C LEU B 216 14.20 -9.18 22.86
N TYR B 217 14.80 -10.10 22.12
CA TYR B 217 14.18 -11.39 21.83
C TYR B 217 13.80 -12.16 23.08
N LYS B 218 14.68 -12.11 24.07
CA LYS B 218 14.48 -12.85 25.30
C LYS B 218 13.42 -12.17 26.16
N MET B 219 13.19 -10.86 25.93
CA MET B 219 12.15 -10.12 26.62
C MET B 219 10.82 -10.22 25.90
N GLY B 220 10.75 -11.10 24.92
CA GLY B 220 9.47 -11.49 24.28
C GLY B 220 9.15 -10.78 22.99
N CYS B 221 10.18 -10.22 22.34
CA CYS B 221 9.99 -9.53 21.07
C CYS B 221 9.47 -10.52 20.03
N LYS B 222 8.42 -10.15 19.31
CA LYS B 222 7.85 -11.00 18.24
C LYS B 222 8.20 -10.49 16.84
N GLY B 223 9.22 -9.63 16.74
CA GLY B 223 9.64 -9.08 15.48
C GLY B 223 9.91 -10.15 14.44
N PRO B 224 10.37 -11.34 14.88
CA PRO B 224 10.74 -12.36 13.89
C PRO B 224 9.59 -13.15 13.31
N THR B 225 8.39 -12.97 13.84
CA THR B 225 7.20 -13.58 13.26
C THR B 225 6.25 -12.51 12.66
N THR B 226 6.72 -11.27 12.51
CA THR B 226 5.82 -10.12 12.32
C THR B 226 6.21 -9.18 11.16
N TYR B 227 5.25 -8.99 10.25
CA TYR B 227 5.42 -8.16 9.05
C TYR B 227 4.78 -6.80 9.21
N ASN B 228 5.58 -5.78 8.96
CA ASN B 228 5.15 -4.38 8.98
C ASN B 228 6.36 -3.60 8.54
N ALA B 229 6.26 -2.28 8.46
CA ALA B 229 7.42 -1.45 8.11
C ALA B 229 8.04 -0.69 9.29
N CYS B 230 7.72 -1.08 10.52
CA CYS B 230 8.16 -0.34 11.70
C CYS B 230 9.68 -0.15 11.82
N SER B 231 10.46 -1.11 11.33
CA SER B 231 11.92 -1.07 11.50
C SER B 231 12.62 -0.16 10.48
N THR B 232 11.85 0.32 9.50
CA THR B 232 12.37 1.01 8.31
C THR B 232 11.71 2.36 8.13
N VAL B 233 10.41 2.36 7.85
CA VAL B 233 9.66 3.58 7.73
C VAL B 233 9.56 4.27 9.09
N ARG B 234 9.41 3.46 10.14
CA ARG B 234 9.38 3.90 11.53
C ARG B 234 8.15 4.75 11.84
N TRP B 235 8.00 5.20 13.08
CA TRP B 235 6.79 5.92 13.51
C TRP B 235 6.92 7.44 13.69
N ASN B 236 5.85 8.15 13.34
CA ASN B 236 5.71 9.60 13.55
C ASN B 236 6.83 10.41 12.97
N ASP B 237 6.90 10.42 11.65
CA ASP B 237 7.96 11.11 10.95
C ASP B 237 9.30 10.42 11.25
N GLY B 238 9.22 9.10 11.29
CA GLY B 238 10.40 8.28 11.48
C GLY B 238 11.22 8.66 12.68
N VAL B 239 10.54 9.07 13.75
CA VAL B 239 11.22 9.42 15.01
C VAL B 239 11.70 8.16 15.73
N SER B 240 10.88 7.12 15.81
CA SER B 240 11.30 5.89 16.47
C SER B 240 10.42 4.72 16.08
N PHE B 241 10.57 3.58 16.74
CA PHE B 241 9.61 2.45 16.65
C PHE B 241 9.72 1.57 17.91
N PRO B 242 8.72 0.73 18.22
CA PRO B 242 8.61 0.13 19.56
C PRO B 242 9.90 -0.43 20.14
N ILE B 243 10.61 -1.19 19.29
CA ILE B 243 11.88 -1.82 19.64
C ILE B 243 12.95 -0.79 19.94
N GLN B 244 13.23 0.10 18.99
CA GLN B 244 14.13 1.24 19.22
C GLN B 244 13.90 1.96 20.56
N SER B 245 12.66 2.15 20.97
CA SER B 245 12.36 2.78 22.25
C SER B 245 12.24 1.80 23.42
N GLY B 246 12.87 0.64 23.29
CA GLY B 246 13.13 -0.25 24.45
C GLY B 246 12.27 -1.48 24.71
N HIS B 247 11.17 -1.61 23.96
CA HIS B 247 10.17 -2.66 24.15
C HIS B 247 10.04 -3.58 22.91
N GLY B 248 9.97 -4.88 23.17
CA GLY B 248 9.86 -5.85 22.11
C GLY B 248 8.62 -5.62 21.27
N CYS B 249 8.70 -6.01 20.01
CA CYS B 249 7.51 -6.07 19.15
C CYS B 249 6.43 -6.96 19.80
N LEU B 250 5.19 -6.46 19.78
CA LEU B 250 4.02 -7.17 20.31
C LEU B 250 3.48 -8.15 19.28
N GLY B 251 3.97 -8.03 18.03
CA GLY B 251 3.36 -8.70 16.88
C GLY B 251 1.98 -8.16 16.45
N CYS B 252 1.72 -6.88 16.68
CA CYS B 252 0.37 -6.34 16.52
C CYS B 252 -0.19 -6.24 15.11
N SER B 253 0.61 -6.54 14.10
CA SER B 253 0.13 -6.46 12.72
C SER B 253 -0.31 -7.85 12.23
N GLU B 254 -0.13 -8.87 13.07
CA GLU B 254 -0.41 -10.27 12.69
C GLU B 254 -1.64 -10.86 13.37
N ASP B 255 -2.31 -11.79 12.67
CA ASP B 255 -3.56 -12.36 13.15
C ASP B 255 -3.34 -13.10 14.46
N GLY B 256 -4.17 -12.77 15.46
CA GLY B 256 -4.22 -13.48 16.73
C GLY B 256 -3.12 -13.17 17.73
N PHE B 257 -2.32 -12.12 17.49
CA PHE B 257 -1.19 -11.77 18.36
C PHE B 257 -1.58 -11.65 19.83
N TRP B 258 -2.84 -11.35 20.10
CA TRP B 258 -3.31 -11.27 21.47
C TRP B 258 -3.26 -12.63 22.17
N ASP B 259 -3.61 -13.68 21.46
CA ASP B 259 -3.66 -15.00 22.06
C ASP B 259 -2.49 -15.83 21.66
N TYR B 260 -1.44 -15.19 21.15
CA TYR B 260 -0.25 -15.92 20.75
C TYR B 260 0.63 -16.25 21.99
N GLY B 261 0.04 -16.29 23.19
CA GLY B 261 0.81 -16.42 24.44
C GLY B 261 1.05 -15.05 25.05
N SER B 262 1.95 -14.97 26.01
CA SER B 262 2.29 -13.68 26.64
C SER B 262 3.20 -12.82 25.77
N PHE B 263 3.17 -11.50 26.00
CA PHE B 263 4.01 -10.57 25.27
C PHE B 263 5.44 -10.62 25.73
N TYR B 264 5.69 -11.15 26.92
CA TYR B 264 7.05 -11.19 27.40
C TYR B 264 7.63 -12.61 27.38
N SER B 265 7.06 -13.50 26.55
CA SER B 265 7.56 -14.88 26.36
C SER B 265 7.91 -15.15 24.89
N ARG B 266 8.67 -16.21 24.59
CA ARG B 266 9.39 -16.32 23.30
C ARG B 266 8.73 -17.09 22.12
N TYR C 3 54.84 50.10 -12.19
CA TYR C 3 54.29 50.39 -13.54
C TYR C 3 52.82 50.78 -13.42
N PRO C 4 52.52 52.10 -13.32
CA PRO C 4 51.14 52.52 -13.58
C PRO C 4 50.69 52.16 -15.02
N TYR C 5 50.01 51.01 -15.14
CA TYR C 5 49.61 50.41 -16.42
C TYR C 5 48.09 50.14 -16.48
N GLN C 6 47.55 49.97 -17.69
CA GLN C 6 46.10 49.81 -17.92
C GLN C 6 45.69 48.64 -18.82
N THR C 7 44.71 47.85 -18.36
CA THR C 7 44.04 46.83 -19.19
C THR C 7 42.54 46.93 -19.08
N GLN C 8 41.84 46.64 -20.15
CA GLN C 8 40.43 46.29 -20.03
C GLN C 8 39.56 47.41 -19.45
N GLY C 9 39.72 48.62 -19.97
CA GLY C 9 38.94 49.78 -19.51
C GLY C 9 39.53 50.45 -18.28
N PHE C 10 39.82 49.62 -17.26
CA PHE C 10 40.36 50.10 -15.98
C PHE C 10 41.84 50.48 -16.09
N THR C 11 42.26 51.39 -15.21
CA THR C 11 43.65 51.82 -15.17
C THR C 11 44.16 51.66 -13.73
N LEU C 12 45.32 51.01 -13.59
CA LEU C 12 45.80 50.49 -12.30
C LEU C 12 46.98 51.27 -11.75
N ASP C 13 46.85 51.76 -10.51
CA ASP C 13 47.93 52.54 -9.87
C ASP C 13 48.34 51.96 -8.50
N ASN C 14 49.63 51.64 -8.38
CA ASN C 14 50.17 50.91 -7.22
C ASN C 14 50.76 51.89 -6.21
N SER C 15 50.47 53.18 -6.39
CA SER C 15 50.78 54.21 -5.38
C SER C 15 49.49 54.67 -4.69
N GLY C 16 49.65 55.42 -3.61
CA GLY C 16 48.52 55.76 -2.74
C GLY C 16 48.47 54.82 -1.55
N ARG C 17 47.58 55.09 -0.59
CA ARG C 17 47.44 54.29 0.67
C ARG C 17 47.16 52.82 0.36
N ARG C 18 47.57 51.91 1.24
CA ARG C 18 47.21 50.49 1.02
C ARG C 18 46.46 49.78 2.17
N ILE C 19 45.16 49.57 1.96
CA ILE C 19 44.31 48.84 2.88
C ILE C 19 44.51 47.34 2.69
N VAL C 20 44.44 46.59 3.79
CA VAL C 20 44.52 45.12 3.79
C VAL C 20 43.31 44.45 4.48
N VAL C 21 42.75 43.45 3.84
CA VAL C 21 41.65 42.70 4.44
C VAL C 21 42.07 41.24 4.46
N ASP C 22 42.38 40.77 5.67
CA ASP C 22 42.80 39.39 5.92
C ASP C 22 42.65 39.12 7.42
N PRO C 23 41.76 38.18 7.80
CA PRO C 23 40.98 37.29 6.97
C PRO C 23 39.80 37.98 6.30
N VAL C 24 39.40 37.49 5.12
CA VAL C 24 38.12 37.90 4.51
C VAL C 24 37.10 36.92 5.01
N THR C 25 36.19 37.37 5.85
CA THR C 25 35.19 36.49 6.44
C THR C 25 33.91 36.46 5.62
N ARG C 26 32.99 35.60 6.05
CA ARG C 26 31.68 35.41 5.40
C ARG C 26 31.88 34.99 3.94
N ILE C 27 32.81 34.05 3.84
CA ILE C 27 33.09 33.31 2.63
C ILE C 27 33.50 31.91 3.03
N GLU C 28 33.59 31.02 2.07
CA GLU C 28 34.11 29.71 2.35
C GLU C 28 35.61 29.88 2.33
N GLY C 29 36.27 29.34 3.36
CA GLY C 29 37.71 29.22 3.38
C GLY C 29 38.49 30.52 3.49
N HIS C 30 39.71 30.51 2.95
CA HIS C 30 40.70 31.54 3.26
C HIS C 30 41.09 32.39 2.07
N MET C 31 40.72 33.68 2.15
CA MET C 31 41.19 34.69 1.19
C MET C 31 41.91 35.84 1.89
N ARG C 32 42.66 36.59 1.09
CA ARG C 32 43.25 37.86 1.48
C ARG C 32 43.09 38.88 0.36
N CYS C 33 42.38 39.96 0.62
CA CYS C 33 42.30 41.03 -0.38
C CYS C 33 43.18 42.19 0.02
N GLU C 34 43.92 42.74 -0.95
CA GLU C 34 44.62 44.02 -0.79
C GLU C 34 44.23 45.03 -1.87
N VAL C 35 44.03 46.28 -1.46
CA VAL C 35 43.70 47.35 -2.40
C VAL C 35 44.50 48.59 -2.10
N ASN C 36 44.70 49.41 -3.13
CA ASN C 36 45.25 50.75 -2.98
C ASN C 36 44.18 51.82 -3.16
N ILE C 37 44.25 52.85 -2.35
CA ILE C 37 43.36 53.98 -2.53
C ILE C 37 44.14 55.21 -2.95
N ASP C 38 43.47 56.09 -3.70
CA ASP C 38 44.00 57.40 -3.99
C ASP C 38 43.72 58.30 -2.77
N SER C 39 44.23 59.53 -2.83
CA SER C 39 43.96 60.56 -1.82
C SER C 39 42.44 60.75 -1.57
N ASN C 40 41.63 60.51 -2.59
CA ASN C 40 40.18 60.74 -2.54
C ASN C 40 39.36 59.55 -2.06
N ASN C 41 40.04 58.48 -1.62
CA ASN C 41 39.38 57.25 -1.14
C ASN C 41 38.68 56.39 -2.21
N VAL C 42 39.23 56.40 -3.43
CA VAL C 42 38.74 55.54 -4.53
C VAL C 42 39.82 54.49 -4.84
N ILE C 43 39.38 53.26 -5.09
CA ILE C 43 40.31 52.14 -5.31
C ILE C 43 41.04 52.21 -6.67
N THR C 44 42.34 52.50 -6.63
CA THR C 44 43.11 52.60 -7.86
C THR C 44 43.74 51.27 -8.20
N ASN C 45 43.78 50.37 -7.23
CA ASN C 45 44.32 49.02 -7.43
C ASN C 45 43.65 48.02 -6.49
N ALA C 46 43.46 46.79 -7.00
CA ALA C 46 42.87 45.70 -6.23
C ALA C 46 43.62 44.39 -6.50
N VAL C 47 43.82 43.60 -5.45
CA VAL C 47 44.66 42.38 -5.52
C VAL C 47 44.01 41.17 -4.82
N SER C 48 43.93 40.02 -5.52
CA SER C 48 43.22 38.87 -5.00
C SER C 48 44.09 37.64 -4.72
N THR C 49 44.43 37.49 -3.45
CA THR C 49 45.28 36.39 -2.98
C THR C 49 44.50 35.26 -2.29
N GLY C 50 44.55 34.07 -2.87
CA GLY C 50 44.02 32.85 -2.23
C GLY C 50 45.00 32.39 -1.17
N THR C 51 44.53 32.20 0.06
CA THR C 51 45.43 31.90 1.16
C THR C 51 45.53 30.41 1.56
N MET C 52 45.10 29.47 0.70
CA MET C 52 45.13 28.03 1.06
C MET C 52 45.38 27.11 -0.14
N TRP C 53 45.71 25.85 0.14
CA TRP C 53 45.79 24.81 -0.89
C TRP C 53 45.93 23.46 -0.23
N ARG C 54 45.39 22.44 -0.89
CA ARG C 54 45.40 21.05 -0.37
C ARG C 54 45.89 20.03 -1.37
N GLY C 55 45.49 20.22 -2.64
CA GLY C 55 46.04 19.48 -3.76
C GLY C 55 45.37 18.16 -4.03
N LEU C 56 44.13 18.23 -4.46
CA LEU C 56 43.43 17.01 -4.83
C LEU C 56 43.95 16.61 -6.22
N GLU C 57 44.10 17.59 -7.10
CA GLU C 57 44.67 17.34 -8.40
C GLU C 57 45.86 16.32 -8.33
N VAL C 58 46.56 16.32 -7.19
CA VAL C 58 47.69 15.44 -6.95
C VAL C 58 47.30 14.15 -6.25
N ILE C 59 46.49 14.29 -5.21
CA ILE C 59 46.06 13.15 -4.41
C ILE C 59 45.34 12.04 -5.21
N LEU C 60 44.73 12.42 -6.34
CA LEU C 60 43.95 11.47 -7.13
C LEU C 60 44.77 10.61 -8.09
N LYS C 61 46.06 10.89 -8.23
CA LYS C 61 46.84 10.06 -9.14
C LYS C 61 46.82 8.61 -8.67
N GLY C 62 46.44 7.71 -9.57
CA GLY C 62 46.57 6.28 -9.34
C GLY C 62 45.45 5.66 -8.51
N ARG C 63 44.32 6.37 -8.42
CA ARG C 63 43.16 5.86 -7.69
C ARG C 63 42.17 5.37 -8.71
N ASP C 64 41.14 4.71 -8.20
CA ASP C 64 40.09 4.16 -9.04
C ASP C 64 39.13 5.25 -9.48
N PRO C 65 38.93 5.42 -10.80
CA PRO C 65 38.06 6.51 -11.28
C PRO C 65 36.62 6.44 -10.73
N ARG C 66 36.22 5.24 -10.31
CA ARG C 66 34.94 5.07 -9.62
C ARG C 66 34.88 5.71 -8.23
N ASP C 67 36.03 5.74 -7.54
CA ASP C 67 36.21 6.38 -6.22
C ASP C 67 36.37 7.90 -6.28
N ALA C 68 36.72 8.41 -7.46
CA ALA C 68 37.12 9.80 -7.63
C ALA C 68 36.12 10.76 -7.08
N TRP C 69 34.83 10.61 -7.44
CA TRP C 69 33.81 11.57 -6.93
C TRP C 69 33.86 11.76 -5.38
N ALA C 70 34.18 10.72 -4.62
CA ALA C 70 34.19 10.79 -3.19
C ALA C 70 35.32 11.65 -2.63
N PHE C 71 36.48 11.60 -3.26
CA PHE C 71 37.59 12.51 -2.94
C PHE C 71 37.26 13.95 -3.31
N VAL C 72 37.01 14.19 -4.59
CA VAL C 72 36.75 15.54 -5.07
C VAL C 72 35.52 16.17 -4.41
N GLU C 73 34.59 15.35 -3.95
CA GLU C 73 33.45 15.86 -3.19
C GLU C 73 34.00 16.70 -2.02
N ARG C 74 35.06 16.19 -1.39
CA ARG C 74 35.63 16.84 -0.23
C ARG C 74 36.51 18.06 -0.60
N ILE C 75 36.36 18.57 -1.82
CA ILE C 75 36.95 19.87 -2.18
C ILE C 75 36.17 20.96 -1.47
N CYS C 76 34.88 20.75 -1.26
CA CYS C 76 34.07 21.78 -0.66
C CYS C 76 32.78 21.21 -0.12
N GLY C 77 32.42 21.65 1.08
CA GLY C 77 31.18 21.25 1.76
C GLY C 77 30.05 22.27 1.69
N VAL C 78 30.35 23.47 1.20
CA VAL C 78 29.23 24.41 0.99
C VAL C 78 28.66 24.19 -0.39
N CYS C 79 29.55 24.11 -1.40
CA CYS C 79 29.24 23.89 -2.85
C CYS C 79 29.08 22.33 -2.95
N THR C 80 28.33 21.67 -2.04
CA THR C 80 28.43 20.20 -1.88
C THR C 80 27.72 19.31 -2.93
N GLY C 81 28.49 18.44 -3.55
CA GLY C 81 27.96 17.50 -4.50
C GLY C 81 28.19 17.94 -5.93
N THR C 82 28.51 19.21 -6.16
CA THR C 82 28.65 19.68 -7.53
C THR C 82 29.93 19.14 -8.11
N HIS C 83 30.85 18.79 -7.22
CA HIS C 83 32.13 18.23 -7.64
C HIS C 83 32.04 16.77 -7.95
N ALA C 84 31.32 16.06 -7.10
CA ALA C 84 31.11 14.64 -7.32
C ALA C 84 30.40 14.43 -8.66
N LEU C 85 29.34 15.20 -8.86
CA LEU C 85 28.50 15.14 -10.04
C LEU C 85 29.30 15.39 -11.30
N THR C 86 30.21 16.34 -11.24
CA THR C 86 31.12 16.60 -12.34
C THR C 86 32.09 15.40 -12.52
N SER C 87 32.59 14.86 -11.41
CA SER C 87 33.54 13.75 -11.47
C SER C 87 32.96 12.56 -12.20
N ILE C 88 31.80 12.10 -11.74
CA ILE C 88 31.17 10.95 -12.37
C ILE C 88 30.89 11.24 -13.83
N ARG C 89 30.50 12.48 -14.13
CA ARG C 89 30.22 12.88 -15.51
C ARG C 89 31.48 12.67 -16.35
N ALA C 90 32.60 13.08 -15.78
CA ALA C 90 33.90 13.03 -16.44
C ALA C 90 34.31 11.60 -16.72
N VAL C 91 34.24 10.76 -15.70
CA VAL C 91 34.52 9.34 -15.85
C VAL C 91 33.59 8.72 -16.88
N GLU C 92 32.29 8.94 -16.69
CA GLU C 92 31.25 8.44 -17.61
C GLU C 92 31.52 8.90 -19.03
N ASN C 93 31.91 10.17 -19.12
CA ASN C 93 32.32 10.71 -20.40
C ASN C 93 33.46 9.90 -21.05
N ALA C 94 34.53 9.69 -20.30
CA ALA C 94 35.68 8.94 -20.80
C ALA C 94 35.38 7.51 -21.20
N LEU C 95 34.65 6.80 -20.36
CA LEU C 95 34.39 5.39 -20.58
C LEU C 95 33.19 5.13 -21.48
N GLY C 96 32.33 6.13 -21.63
CA GLY C 96 31.18 6.08 -22.54
C GLY C 96 29.91 5.54 -21.91
N ILE C 97 29.74 5.80 -20.63
CA ILE C 97 28.65 5.20 -19.89
C ILE C 97 27.37 6.01 -20.03
N ALA C 98 26.26 5.33 -20.30
CA ALA C 98 24.96 5.98 -20.36
C ALA C 98 24.12 5.67 -19.12
N ILE C 99 23.81 6.72 -18.35
CA ILE C 99 23.00 6.55 -17.15
C ILE C 99 21.54 6.66 -17.52
N PRO C 100 20.68 5.89 -16.83
CA PRO C 100 19.24 5.86 -17.11
C PRO C 100 18.51 7.16 -16.75
N ASP C 101 17.25 7.25 -17.13
CA ASP C 101 16.53 8.50 -17.02
C ASP C 101 16.37 8.90 -15.58
N ASN C 102 15.93 7.96 -14.76
CA ASN C 102 15.70 8.26 -13.35
C ASN C 102 16.99 8.75 -12.64
N ALA C 103 18.14 8.25 -13.07
CA ALA C 103 19.37 8.69 -12.49
C ALA C 103 19.62 10.15 -12.86
N ASN C 104 19.51 10.45 -14.16
CA ASN C 104 19.66 11.83 -14.62
C ASN C 104 18.72 12.79 -13.90
N CYS C 105 17.50 12.32 -13.60
CA CYS C 105 16.49 13.10 -12.90
C CYS C 105 16.96 13.40 -11.50
N ILE C 106 17.24 12.34 -10.76
CA ILE C 106 17.65 12.45 -9.39
C ILE C 106 18.88 13.35 -9.26
N ARG C 107 19.88 13.11 -10.09
CA ARG C 107 21.07 13.96 -10.05
C ARG C 107 20.68 15.41 -10.17
N ASN C 108 19.93 15.74 -11.22
CA ASN C 108 19.48 17.10 -11.44
C ASN C 108 18.68 17.66 -10.28
N MET C 109 17.86 16.82 -9.63
CA MET C 109 17.15 17.26 -8.41
C MET C 109 18.12 17.61 -7.29
N MET C 110 19.15 16.79 -7.12
CA MET C 110 20.14 17.03 -6.09
C MET C 110 20.97 18.26 -6.36
N GLN C 111 21.26 18.53 -7.62
CA GLN C 111 22.02 19.71 -7.99
C GLN C 111 21.15 20.95 -7.83
N ALA C 112 19.87 20.82 -8.16
CA ALA C 112 18.94 21.92 -8.01
C ALA C 112 18.75 22.26 -6.55
N THR C 113 18.72 21.21 -5.73
CA THR C 113 18.62 21.39 -4.30
C THR C 113 19.80 22.16 -3.78
N LEU C 114 20.99 21.79 -4.17
CA LEU C 114 22.16 22.57 -3.84
C LEU C 114 21.98 24.03 -4.20
N HIS C 115 21.68 24.29 -5.46
CA HIS C 115 21.52 25.67 -5.96
C HIS C 115 20.59 26.50 -5.09
N VAL C 116 19.46 25.93 -4.73
CA VAL C 116 18.49 26.61 -3.89
C VAL C 116 19.08 26.85 -2.51
N HIS C 117 19.56 25.78 -1.90
CA HIS C 117 20.07 25.87 -0.55
C HIS C 117 21.26 26.81 -0.45
N ASP C 118 22.26 26.57 -1.28
CA ASP C 118 23.45 27.39 -1.30
C ASP C 118 23.14 28.90 -1.43
N HIS C 119 22.42 29.26 -2.48
CA HIS C 119 22.03 30.66 -2.67
C HIS C 119 21.34 31.25 -1.46
N LEU C 120 20.42 30.51 -0.84
CA LEU C 120 19.70 31.04 0.30
C LEU C 120 20.60 31.26 1.52
N VAL C 121 21.38 30.23 1.86
CA VAL C 121 22.32 30.36 2.97
C VAL C 121 23.32 31.47 2.70
N HIS C 122 23.79 31.57 1.45
CA HIS C 122 24.74 32.64 1.09
C HIS C 122 24.16 34.03 1.28
N PHE C 123 22.93 34.28 0.86
CA PHE C 123 22.42 35.63 0.94
C PHE C 123 22.35 36.04 2.38
N TYR C 124 21.67 35.25 3.18
CA TYR C 124 21.38 35.63 4.55
C TYR C 124 22.61 35.51 5.43
N HIS C 125 23.28 34.39 5.38
CA HIS C 125 24.26 34.14 6.42
C HIS C 125 25.67 34.54 6.05
N LEU C 126 25.88 34.89 4.80
CA LEU C 126 27.18 35.36 4.37
C LEU C 126 27.11 36.82 3.92
N HIS C 127 26.16 37.16 3.06
CA HIS C 127 26.14 38.46 2.37
C HIS C 127 25.34 39.54 3.14
N ALA C 128 24.27 39.13 3.82
CA ALA C 128 23.28 40.09 4.32
C ALA C 128 23.84 41.12 5.25
N LEU C 129 24.74 40.69 6.12
CA LEU C 129 25.30 41.59 7.13
C LEU C 129 26.23 42.66 6.54
N ASP C 130 26.38 42.70 5.22
CA ASP C 130 27.01 43.84 4.55
C ASP C 130 26.02 44.96 4.32
N TRP C 131 24.74 44.60 4.26
CA TRP C 131 23.67 45.57 3.99
C TRP C 131 22.71 45.80 5.18
N VAL C 132 22.87 45.03 6.25
CA VAL C 132 21.94 45.04 7.37
C VAL C 132 22.63 45.43 8.66
N ASP C 133 22.19 46.54 9.24
CA ASP C 133 22.66 46.96 10.56
C ASP C 133 21.80 46.26 11.62
N VAL C 134 22.42 45.32 12.31
CA VAL C 134 21.73 44.52 13.30
C VAL C 134 21.25 45.35 14.49
N VAL C 135 22.08 46.27 15.00
CA VAL C 135 21.70 47.07 16.17
C VAL C 135 20.61 48.06 15.76
N ALA C 136 20.76 48.68 14.60
CA ALA C 136 19.72 49.56 14.09
C ALA C 136 18.34 48.93 14.27
N ALA C 137 18.26 47.63 14.05
CA ALA C 137 16.99 46.92 14.12
C ALA C 137 16.31 47.07 15.46
N LEU C 138 17.11 47.27 16.50
CA LEU C 138 16.61 47.50 17.85
C LEU C 138 15.79 48.76 17.96
N LYS C 139 16.09 49.73 17.11
CA LYS C 139 15.31 50.98 17.05
C LYS C 139 13.87 50.82 16.50
N ALA C 140 13.60 49.73 15.78
CA ALA C 140 12.40 49.60 14.95
C ALA C 140 11.09 49.54 15.70
N ASP C 141 10.02 49.91 15.00
CA ASP C 141 8.64 49.78 15.50
C ASP C 141 8.11 48.48 14.92
N PRO C 142 7.77 47.53 15.78
CA PRO C 142 7.19 46.26 15.36
C PRO C 142 5.96 46.42 14.46
N HIS C 143 5.04 47.32 14.83
CA HIS C 143 3.77 47.41 14.12
C HIS C 143 3.99 47.81 12.67
N GLN C 144 4.95 48.69 12.41
CA GLN C 144 5.30 49.06 11.02
C GLN C 144 6.09 47.97 10.33
N THR C 145 7.10 47.45 11.02
CA THR C 145 7.85 46.30 10.54
C THR C 145 6.92 45.22 9.94
N SER C 146 5.96 44.78 10.74
CA SER C 146 4.90 43.89 10.29
C SER C 146 4.29 44.44 9.01
N ALA C 147 3.77 45.66 9.08
CA ALA C 147 3.02 46.22 7.97
C ALA C 147 3.85 46.20 6.70
N ILE C 148 5.15 46.44 6.85
CA ILE C 148 6.08 46.47 5.72
C ILE C 148 6.21 45.08 5.12
N ALA C 149 6.56 44.14 5.99
CA ALA C 149 6.76 42.74 5.64
C ALA C 149 5.53 42.13 5.00
N GLN C 150 4.36 42.69 5.31
CA GLN C 150 3.08 42.18 4.79
C GLN C 150 2.73 42.80 3.45
N SER C 151 3.14 44.04 3.23
CA SER C 151 2.95 44.70 1.95
C SER C 151 4.09 44.32 1.01
N LEU C 152 5.07 43.61 1.52
CA LEU C 152 6.13 43.10 0.68
C LEU C 152 5.81 41.68 0.13
N SER C 153 4.98 40.91 0.84
CA SER C 153 4.72 39.48 0.50
C SER C 153 3.72 38.74 1.39
N ALA C 154 3.26 37.61 0.85
CA ALA C 154 2.23 36.78 1.46
C ALA C 154 2.76 35.76 2.47
N TRP C 155 4.06 35.77 2.69
CA TRP C 155 4.67 35.00 3.75
C TRP C 155 3.93 35.31 5.06
N PRO C 156 3.50 34.26 5.74
CA PRO C 156 2.61 34.34 6.89
C PRO C 156 3.23 34.79 8.19
N LEU C 157 4.55 34.63 8.33
CA LEU C 157 5.23 34.93 9.62
C LEU C 157 5.58 36.40 9.68
N SER C 158 4.59 37.19 10.11
CA SER C 158 4.65 38.64 10.02
C SER C 158 3.96 39.38 11.15
N SER C 159 3.42 38.65 12.12
CA SER C 159 2.66 39.29 13.19
C SER C 159 3.53 40.32 13.92
N PRO C 160 2.97 41.45 14.30
CA PRO C 160 3.73 42.39 15.10
C PRO C 160 4.28 41.76 16.36
N GLY C 161 3.49 40.91 17.01
CA GLY C 161 3.96 40.24 18.23
C GLY C 161 5.26 39.49 17.98
N TYR C 162 5.29 38.72 16.91
CA TYR C 162 6.49 37.98 16.53
C TYR C 162 7.71 38.87 16.38
N PHE C 163 7.52 40.05 15.81
CA PHE C 163 8.64 40.97 15.65
C PHE C 163 9.10 41.55 17.00
N ARG C 164 8.17 42.11 17.77
CA ARG C 164 8.43 42.55 19.16
C ARG C 164 9.29 41.55 19.92
N ASP C 165 8.90 40.27 19.85
CA ASP C 165 9.50 39.22 20.69
C ASP C 165 10.90 38.90 20.21
N LEU C 166 11.03 38.74 18.91
CA LEU C 166 12.34 38.63 18.32
C LEU C 166 13.20 39.86 18.61
N GLN C 167 12.59 41.05 18.59
CA GLN C 167 13.34 42.28 18.87
C GLN C 167 13.86 42.27 20.31
N ASN C 168 12.99 41.92 21.25
CA ASN C 168 13.40 41.83 22.64
C ASN C 168 14.50 40.80 22.86
N ARG C 169 14.41 39.68 22.14
CA ARG C 169 15.45 38.65 22.21
C ARG C 169 16.78 39.20 21.73
N LEU C 170 16.73 39.87 20.59
CA LEU C 170 17.91 40.44 19.99
C LEU C 170 18.53 41.48 20.89
N LYS C 171 17.68 42.35 21.46
CA LYS C 171 18.10 43.37 22.44
C LYS C 171 18.83 42.74 23.62
N ARG C 172 18.22 41.74 24.26
CA ARG C 172 18.88 41.05 25.37
C ARG C 172 20.22 40.42 24.95
N PHE C 173 20.29 39.86 23.76
CA PHE C 173 21.56 39.33 23.21
C PHE C 173 22.67 40.38 23.10
N ILE C 174 22.33 41.55 22.52
CA ILE C 174 23.29 42.67 22.34
C ILE C 174 23.68 43.32 23.68
N GLU C 175 22.68 43.57 24.52
CA GLU C 175 22.92 44.12 25.84
C GLU C 175 23.64 43.17 26.80
N SER C 176 23.65 41.88 26.48
CA SER C 176 24.45 40.89 27.24
C SER C 176 25.95 41.16 27.18
N GLY C 177 26.38 41.92 26.17
CA GLY C 177 27.79 42.14 25.92
C GLY C 177 28.50 40.90 25.42
N GLN C 178 27.80 40.04 24.69
CA GLN C 178 28.41 38.84 24.08
C GLN C 178 27.89 38.63 22.66
N LEU C 179 28.31 39.51 21.77
CA LEU C 179 27.70 39.57 20.43
C LEU C 179 27.98 38.35 19.49
N GLY C 180 28.91 37.47 19.86
CA GLY C 180 29.24 36.34 19.03
C GLY C 180 29.57 36.68 17.57
N PRO C 181 28.74 36.22 16.61
CA PRO C 181 28.88 36.61 15.21
C PRO C 181 28.73 38.11 14.92
N PHE C 182 28.00 38.84 15.76
CA PHE C 182 27.85 40.29 15.56
C PHE C 182 28.98 41.13 16.21
N ARG C 183 29.93 40.48 16.88
CA ARG C 183 31.03 41.17 17.56
C ARG C 183 31.85 42.04 16.59
N ASN C 184 32.06 43.30 16.99
CA ASN C 184 32.80 44.28 16.21
C ASN C 184 32.34 44.37 14.77
N GLY C 185 31.04 44.13 14.55
CA GLY C 185 30.45 44.24 13.23
C GLY C 185 30.32 45.68 12.80
N TYR C 186 29.95 45.90 11.54
CA TYR C 186 30.02 47.24 10.91
C TYR C 186 28.77 48.10 11.13
N TRP C 187 28.26 48.11 12.35
CA TRP C 187 26.99 48.74 12.66
C TRP C 187 27.18 50.23 12.84
N GLY C 188 26.33 51.02 12.20
CA GLY C 188 26.46 52.47 12.25
C GLY C 188 27.27 53.02 11.10
N HIS C 189 27.93 52.14 10.36
CA HIS C 189 28.65 52.51 9.16
C HIS C 189 27.71 53.38 8.29
N PRO C 190 28.26 54.42 7.66
CA PRO C 190 27.47 55.35 6.85
C PRO C 190 26.94 54.77 5.55
N ALA C 191 27.58 53.70 5.10
CA ALA C 191 27.16 52.94 3.93
C ALA C 191 26.00 51.99 4.21
N MET C 192 25.77 51.65 5.50
CA MET C 192 24.52 50.97 5.89
C MET C 192 23.44 51.96 5.61
N LYS C 193 22.36 51.53 4.96
CA LYS C 193 21.47 52.53 4.44
C LYS C 193 20.00 52.20 4.53
N LEU C 194 19.59 51.28 5.39
CA LEU C 194 18.16 51.00 5.44
C LEU C 194 17.61 51.30 6.79
N PRO C 195 16.33 51.70 6.86
CA PRO C 195 15.70 52.08 8.14
C PRO C 195 15.57 50.91 9.09
N PRO C 196 15.35 51.20 10.38
CA PRO C 196 15.27 50.17 11.41
C PRO C 196 14.14 49.13 11.19
N GLU C 197 13.10 49.49 10.45
CA GLU C 197 12.02 48.53 10.20
C GLU C 197 12.47 47.42 9.21
N ALA C 198 13.10 47.82 8.11
CA ALA C 198 13.67 46.92 7.12
C ALA C 198 14.85 46.16 7.70
N ASN C 199 15.51 46.77 8.69
CA ASN C 199 16.56 46.09 9.43
C ASN C 199 16.06 44.92 10.29
N LEU C 200 15.04 45.16 11.08
CA LEU C 200 14.48 44.11 11.94
C LEU C 200 13.92 42.99 11.09
N LEU C 201 13.21 43.40 10.05
CA LEU C 201 12.67 42.48 9.07
C LEU C 201 13.73 41.51 8.57
N ALA C 202 14.77 42.04 7.94
CA ALA C 202 15.89 41.21 7.42
C ALA C 202 16.46 40.24 8.47
N VAL C 203 16.65 40.75 9.68
CA VAL C 203 17.22 39.96 10.74
C VAL C 203 16.31 38.79 11.08
N ALA C 204 15.01 39.03 11.18
CA ALA C 204 14.04 37.95 11.38
C ALA C 204 14.19 36.90 10.29
N HIS C 205 14.25 37.34 9.05
CA HIS C 205 14.34 36.42 7.92
C HIS C 205 15.66 35.67 7.90
N TYR C 206 16.74 36.38 8.19
CA TYR C 206 18.01 35.74 8.47
C TYR C 206 17.83 34.55 9.40
N LEU C 207 17.15 34.74 10.52
CA LEU C 207 17.00 33.67 11.48
C LEU C 207 16.04 32.60 10.98
N GLU C 208 14.96 33.00 10.32
CA GLU C 208 14.04 32.02 9.73
C GLU C 208 14.73 31.15 8.69
N ALA C 209 15.60 31.77 7.89
CA ALA C 209 16.38 31.08 6.88
C ALA C 209 17.29 30.08 7.54
N LEU C 210 17.95 30.48 8.62
CA LEU C 210 18.88 29.58 9.31
C LEU C 210 18.21 28.33 9.79
N ASP C 211 16.96 28.47 10.22
CA ASP C 211 16.19 27.32 10.62
C ASP C 211 15.74 26.51 9.42
N PHE C 212 15.21 27.16 8.41
CA PHE C 212 14.63 26.44 7.30
C PHE C 212 15.61 25.76 6.34
N GLN C 213 16.73 26.41 6.04
CA GLN C 213 17.72 25.82 5.14
C GLN C 213 17.97 24.36 5.45
N LYS C 214 18.04 24.02 6.72
CA LYS C 214 18.32 22.64 7.16
C LYS C 214 17.44 21.56 6.52
N GLU C 215 16.29 21.99 5.99
CA GLU C 215 15.27 21.11 5.46
C GLU C 215 15.58 20.82 4.04
N ILE C 216 15.75 21.89 3.28
CA ILE C 216 15.97 21.81 1.85
C ILE C 216 16.91 20.63 1.53
N VAL C 217 17.99 20.52 2.30
CA VAL C 217 18.97 19.48 2.05
C VAL C 217 18.49 18.04 2.32
N LYS C 218 17.30 17.82 2.87
CA LYS C 218 16.85 16.43 3.06
C LYS C 218 16.65 15.71 1.73
N ILE C 219 16.38 16.45 0.67
CA ILE C 219 16.35 15.84 -0.64
C ILE C 219 17.67 15.11 -0.93
N HIS C 220 18.80 15.75 -0.66
CA HIS C 220 20.11 15.09 -0.68
C HIS C 220 20.14 13.90 0.25
N THR C 221 19.70 14.09 1.48
CA THR C 221 19.62 12.97 2.42
C THR C 221 18.89 11.73 1.82
N VAL C 222 17.73 11.92 1.20
CA VAL C 222 16.96 10.78 0.71
C VAL C 222 17.71 9.98 -0.36
N PHE C 223 18.23 10.68 -1.36
CA PHE C 223 18.89 10.06 -2.51
C PHE C 223 20.41 9.83 -2.31
N GLY C 224 21.04 10.67 -1.50
CA GLY C 224 22.50 10.66 -1.31
C GLY C 224 22.94 10.07 0.02
N GLY C 225 22.02 10.07 0.99
CA GLY C 225 22.24 9.42 2.28
C GLY C 225 22.46 10.42 3.39
N LYS C 226 22.94 11.61 3.04
CA LYS C 226 23.38 12.58 4.05
C LYS C 226 23.72 13.89 3.39
N ASN C 227 23.60 14.97 4.16
CA ASN C 227 24.11 16.29 3.77
C ASN C 227 24.76 16.89 5.01
N PRO C 228 25.97 17.47 4.86
CA PRO C 228 26.71 17.61 3.63
C PRO C 228 27.34 16.31 3.19
N HIS C 229 27.97 16.35 2.01
CA HIS C 229 28.70 15.23 1.43
C HIS C 229 27.85 13.98 1.19
N PRO C 230 26.79 14.12 0.37
CA PRO C 230 26.01 12.95 -0.06
C PRO C 230 26.81 12.09 -1.03
N ASN C 231 26.25 10.94 -1.36
CA ASN C 231 26.95 9.93 -2.15
C ASN C 231 26.40 9.82 -3.56
N TRP C 232 27.29 9.53 -4.50
CA TRP C 232 26.93 9.45 -5.90
C TRP C 232 27.40 8.12 -6.46
N LEU C 233 27.27 7.91 -7.77
CA LEU C 233 27.66 6.63 -8.34
C LEU C 233 27.95 6.71 -9.84
N VAL C 234 29.08 6.14 -10.24
CA VAL C 234 29.42 6.07 -11.64
C VAL C 234 28.50 5.08 -12.28
N GLY C 235 27.70 5.54 -13.24
CA GLY C 235 26.71 4.68 -13.88
C GLY C 235 25.29 5.01 -13.49
N GLY C 236 25.12 5.75 -12.40
CA GLY C 236 23.82 6.34 -12.12
C GLY C 236 23.63 6.92 -10.74
N VAL C 237 22.74 6.26 -10.00
CA VAL C 237 22.57 6.58 -8.58
C VAL C 237 22.48 5.29 -7.75
N PRO C 238 22.93 5.35 -6.48
CA PRO C 238 22.72 4.22 -5.56
C PRO C 238 21.31 4.06 -5.02
N CYS C 239 20.53 5.14 -4.95
CA CYS C 239 19.22 5.10 -4.37
C CYS C 239 18.26 4.36 -5.26
N ALA C 240 18.31 3.04 -5.23
CA ALA C 240 17.52 2.20 -6.15
C ALA C 240 16.09 2.31 -5.78
N ILE C 241 15.25 2.17 -6.81
CA ILE C 241 13.83 2.47 -6.65
C ILE C 241 13.01 1.20 -6.63
N ASN C 242 12.08 1.15 -5.69
CA ASN C 242 11.16 0.05 -5.60
C ASN C 242 9.90 0.51 -4.92
N LEU C 243 8.90 0.87 -5.72
CA LEU C 243 7.69 1.47 -5.20
C LEU C 243 6.72 0.50 -4.61
N ASP C 244 6.59 -0.68 -5.23
CA ASP C 244 5.41 -1.52 -4.99
C ASP C 244 5.62 -2.99 -4.76
N GLU C 245 6.81 -3.49 -4.97
CA GLU C 245 7.07 -4.92 -4.72
C GLU C 245 7.62 -5.15 -3.30
N THR C 246 7.62 -6.41 -2.87
CA THR C 246 8.15 -6.78 -1.60
C THR C 246 9.57 -6.25 -1.42
N GLY C 247 9.83 -5.63 -0.29
CA GLY C 247 11.16 -5.14 0.01
C GLY C 247 11.30 -3.67 -0.28
N ALA C 248 10.22 -3.01 -0.62
CA ALA C 248 10.24 -1.58 -0.95
C ALA C 248 10.69 -0.69 0.18
N VAL C 249 10.55 -1.17 1.39
CA VAL C 249 11.10 -0.52 2.57
C VAL C 249 12.62 -0.42 2.57
N GLY C 250 13.27 -1.22 1.74
CA GLY C 250 14.73 -1.15 1.58
C GLY C 250 15.16 -0.34 0.37
N ALA C 251 14.29 0.58 -0.06
CA ALA C 251 14.50 1.34 -1.29
C ALA C 251 13.78 2.67 -1.30
N VAL C 252 14.11 3.49 -2.29
CA VAL C 252 13.29 4.66 -2.60
C VAL C 252 11.92 4.13 -2.95
N ASN C 253 10.93 4.54 -2.17
CA ASN C 253 9.59 4.04 -2.33
C ASN C 253 8.62 5.20 -2.34
N MET C 254 7.32 4.90 -2.19
CA MET C 254 6.31 5.94 -2.31
C MET C 254 6.37 6.92 -1.12
N GLU C 255 6.73 6.45 0.05
CA GLU C 255 6.81 7.29 1.23
C GLU C 255 7.96 8.31 1.16
N ARG C 256 9.10 7.85 0.64
CA ARG C 256 10.28 8.68 0.43
C ARG C 256 9.99 9.74 -0.58
N LEU C 257 9.41 9.33 -1.69
CA LEU C 257 9.11 10.27 -2.74
C LEU C 257 8.12 11.32 -2.24
N ASN C 258 7.21 10.92 -1.35
CA ASN C 258 6.28 11.87 -0.76
C ASN C 258 7.04 12.94 0.06
N LEU C 259 7.96 12.49 0.89
CA LEU C 259 8.77 13.42 1.68
C LEU C 259 9.50 14.41 0.80
N VAL C 260 10.15 13.88 -0.25
CA VAL C 260 10.88 14.70 -1.20
C VAL C 260 9.95 15.73 -1.85
N SER C 261 8.80 15.25 -2.31
CA SER C 261 7.80 16.15 -2.86
C SER C 261 7.47 17.27 -1.89
N SER C 262 7.32 16.88 -0.62
CA SER C 262 6.89 17.79 0.44
C SER C 262 7.88 18.95 0.69
N ILE C 263 9.16 18.60 0.65
CA ILE C 263 10.28 19.50 0.86
C ILE C 263 10.40 20.51 -0.26
N ILE C 264 10.25 20.03 -1.49
CA ILE C 264 10.44 20.86 -2.68
C ILE C 264 9.47 22.00 -2.64
N GLN C 265 8.24 21.68 -2.31
CA GLN C 265 7.22 22.71 -2.26
C GLN C 265 7.59 23.80 -1.21
N LYS C 266 8.11 23.38 -0.05
CA LYS C 266 8.50 24.30 1.02
C LYS C 266 9.65 25.22 0.64
N ALA C 267 10.62 24.66 -0.06
CA ALA C 267 11.76 25.42 -0.53
C ALA C 267 11.41 26.52 -1.55
N ARG C 268 10.60 26.19 -2.54
CA ARG C 268 10.21 27.17 -3.56
C ARG C 268 9.34 28.24 -2.90
N GLN C 269 8.52 27.83 -1.95
CA GLN C 269 7.73 28.78 -1.21
C GLN C 269 8.62 29.75 -0.44
N PHE C 270 9.74 29.27 0.10
CA PHE C 270 10.61 30.12 0.90
C PHE C 270 11.37 31.09 0.01
N CYS C 271 11.92 30.60 -1.07
CA CYS C 271 12.59 31.51 -2.02
C CYS C 271 11.62 32.49 -2.67
N GLU C 272 10.39 32.07 -2.94
CA GLU C 272 9.45 32.95 -3.63
C GLU C 272 8.90 34.05 -2.71
N GLN C 273 8.66 33.71 -1.44
CA GLN C 273 7.95 34.61 -0.51
C GLN C 273 8.87 35.36 0.46
N VAL C 274 10.05 34.79 0.72
CA VAL C 274 11.00 35.37 1.67
C VAL C 274 12.24 35.96 0.97
N TYR C 275 13.05 35.11 0.33
CA TYR C 275 14.39 35.51 -0.17
C TYR C 275 14.27 36.59 -1.26
N LEU C 276 13.74 36.20 -2.42
CA LEU C 276 13.67 37.15 -3.55
C LEU C 276 13.09 38.54 -3.19
N PRO C 277 11.95 38.61 -2.46
CA PRO C 277 11.39 39.89 -2.04
C PRO C 277 12.32 40.72 -1.18
N ASP C 278 12.98 40.08 -0.23
CA ASP C 278 13.84 40.82 0.67
C ASP C 278 15.02 41.40 -0.12
N VAL C 279 15.44 40.74 -1.20
CA VAL C 279 16.45 41.35 -2.07
C VAL C 279 15.88 42.62 -2.75
N LEU C 280 14.64 42.57 -3.23
CA LEU C 280 13.97 43.74 -3.85
C LEU C 280 13.81 44.93 -2.90
N LEU C 281 13.50 44.62 -1.64
CA LEU C 281 13.36 45.63 -0.62
C LEU C 281 14.73 46.20 -0.38
N ILE C 282 15.65 45.31 -0.04
CA ILE C 282 17.03 45.72 0.25
C ILE C 282 17.65 46.44 -0.95
N ALA C 283 17.41 45.93 -2.15
CA ALA C 283 17.90 46.59 -3.36
C ALA C 283 17.45 48.05 -3.43
N SER C 284 16.15 48.25 -3.25
CA SER C 284 15.55 49.58 -3.39
C SER C 284 16.29 50.67 -2.59
N TYR C 285 16.78 50.34 -1.39
CA TYR C 285 17.53 51.30 -0.56
C TYR C 285 18.95 51.52 -1.03
N TYR C 286 19.52 50.50 -1.66
CA TYR C 286 20.88 50.57 -2.19
C TYR C 286 20.83 50.65 -3.72
N LYS C 287 19.92 51.46 -4.26
CA LYS C 287 19.73 51.56 -5.73
C LYS C 287 20.97 52.05 -6.48
N ASP C 288 21.84 52.79 -5.79
CA ASP C 288 23.04 53.34 -6.41
C ASP C 288 24.13 52.26 -6.50
N TRP C 289 23.98 51.15 -5.78
CA TRP C 289 24.89 50.01 -5.90
C TRP C 289 24.69 49.24 -7.21
N ALA C 290 23.73 49.71 -8.02
CA ALA C 290 23.59 49.25 -9.40
C ALA C 290 24.70 49.81 -10.28
N LYS C 291 25.41 50.80 -9.79
CA LYS C 291 26.48 51.42 -10.57
C LYS C 291 27.87 51.07 -10.02
N ILE C 292 27.92 50.22 -9.00
CA ILE C 292 29.21 49.83 -8.39
C ILE C 292 29.42 48.34 -8.53
N GLY C 293 30.62 47.96 -8.95
CA GLY C 293 31.03 46.56 -8.96
C GLY C 293 30.71 45.75 -10.21
N GLY C 294 30.62 46.40 -11.37
CA GLY C 294 30.40 45.66 -12.60
C GLY C 294 31.60 44.79 -12.88
N GLY C 295 32.77 45.41 -12.88
CA GLY C 295 33.99 44.72 -13.27
C GLY C 295 33.78 44.17 -14.65
N LEU C 296 33.97 42.87 -14.79
CA LEU C 296 33.93 42.27 -16.12
C LEU C 296 32.51 42.00 -16.64
N SER C 297 31.52 42.06 -15.75
CA SER C 297 30.16 41.63 -16.07
C SER C 297 29.52 42.31 -17.30
N SER C 298 29.90 43.56 -17.54
CA SER C 298 29.37 44.32 -18.68
C SER C 298 30.03 43.92 -20.01
N MET C 299 31.06 43.06 -19.95
CA MET C 299 31.93 42.80 -21.09
C MET C 299 32.02 41.32 -21.46
N ASN C 300 32.41 40.51 -20.47
CA ASN C 300 32.83 39.12 -20.67
C ASN C 300 32.21 38.12 -19.71
N LEU C 301 31.44 37.18 -20.23
CA LEU C 301 30.74 36.20 -19.37
C LEU C 301 30.96 34.79 -19.88
N LEU C 302 30.90 33.81 -18.98
CA LEU C 302 31.10 32.41 -19.35
C LEU C 302 30.23 31.48 -18.55
N ALA C 303 29.66 30.48 -19.22
CA ALA C 303 28.93 29.41 -18.55
C ALA C 303 28.91 28.17 -19.44
N TYR C 304 28.88 26.99 -18.81
CA TYR C 304 28.88 25.71 -19.52
C TYR C 304 27.51 25.05 -19.64
N GLY C 305 26.54 25.59 -18.95
CA GLY C 305 25.19 25.00 -18.94
C GLY C 305 25.05 23.87 -17.94
N GLU C 306 23.81 23.47 -17.71
CA GLU C 306 23.51 22.51 -16.66
C GLU C 306 22.07 22.01 -16.78
N PHE C 307 21.79 20.90 -16.11
CA PHE C 307 20.47 20.28 -16.06
C PHE C 307 20.02 19.76 -17.43
N PRO C 308 20.70 18.71 -17.94
CA PRO C 308 20.17 18.05 -19.12
C PRO C 308 18.76 17.51 -18.88
N ASP C 309 17.87 17.74 -19.83
CA ASP C 309 16.47 17.30 -19.70
C ASP C 309 16.38 15.78 -19.92
N ASN C 310 16.66 15.37 -21.16
CA ASN C 310 16.89 13.96 -21.50
C ASN C 310 18.28 13.48 -21.04
N PRO C 311 18.40 12.21 -20.68
CA PRO C 311 19.63 11.73 -20.10
C PRO C 311 20.71 11.61 -21.15
N ASN C 312 21.94 11.79 -20.72
CA ASN C 312 23.10 11.64 -21.57
C ASN C 312 23.18 12.53 -22.79
N ASP C 313 22.43 13.64 -22.81
CA ASP C 313 22.61 14.62 -23.87
C ASP C 313 23.16 15.88 -23.25
N TYR C 314 24.49 16.06 -23.24
CA TYR C 314 25.05 17.33 -22.70
C TYR C 314 25.28 18.40 -23.79
N SER C 315 24.46 18.38 -24.84
CA SER C 315 24.47 19.42 -25.83
C SER C 315 23.71 20.62 -25.22
N ALA C 316 24.04 21.82 -25.64
CA ALA C 316 23.33 23.01 -25.17
C ALA C 316 21.82 22.92 -25.36
N SER C 317 21.44 22.43 -26.54
CA SER C 317 20.04 22.21 -26.88
C SER C 317 19.24 21.56 -25.71
N ASN C 318 19.89 20.74 -24.89
CA ASN C 318 19.21 19.94 -23.87
C ASN C 318 19.48 20.38 -22.45
N LEU C 319 20.34 21.38 -22.30
CA LEU C 319 20.71 21.89 -20.98
C LEU C 319 19.83 23.08 -20.63
N LEU C 320 18.94 22.87 -19.67
CA LEU C 320 17.99 23.88 -19.17
C LEU C 320 18.59 25.21 -18.73
N LEU C 321 19.80 25.17 -18.17
CA LEU C 321 20.57 26.38 -17.83
C LEU C 321 21.54 26.81 -18.98
N PRO C 322 21.66 28.12 -19.25
CA PRO C 322 22.34 28.55 -20.47
C PRO C 322 23.82 28.20 -20.56
N ARG C 323 24.27 27.88 -21.77
CA ARG C 323 25.68 27.62 -22.05
C ARG C 323 26.14 28.66 -23.05
N GLY C 324 27.38 29.14 -22.93
CA GLY C 324 27.95 30.11 -23.89
C GLY C 324 29.06 31.02 -23.37
N ALA C 325 29.49 31.95 -24.22
CA ALA C 325 30.61 32.84 -23.92
C ALA C 325 30.51 34.21 -24.60
N ILE C 326 30.46 35.27 -23.80
CA ILE C 326 30.36 36.64 -24.32
C ILE C 326 31.75 37.31 -24.32
N ILE C 327 31.92 38.24 -25.24
CA ILE C 327 33.16 38.91 -25.44
C ILE C 327 32.90 40.42 -25.67
N ASN C 328 33.50 41.27 -24.84
CA ASN C 328 33.59 42.71 -25.13
C ASN C 328 32.25 43.44 -25.26
N GLY C 329 31.25 42.96 -24.53
CA GLY C 329 29.93 43.58 -24.57
C GLY C 329 29.18 43.28 -25.84
N ARG C 330 29.63 42.27 -26.60
CA ARG C 330 28.91 41.83 -27.79
C ARG C 330 27.96 40.69 -27.40
N PHE C 331 26.80 41.09 -26.85
CA PHE C 331 25.77 40.15 -26.39
C PHE C 331 24.90 39.65 -27.56
N ASP C 332 24.88 40.41 -28.66
CA ASP C 332 24.39 39.88 -29.92
C ASP C 332 25.04 38.52 -30.23
N GLU C 333 26.35 38.43 -30.00
CA GLU C 333 27.16 37.27 -30.40
C GLU C 333 27.57 36.43 -29.20
N ILE C 334 26.77 35.39 -28.94
CA ILE C 334 26.98 34.50 -27.81
C ILE C 334 27.74 33.24 -28.26
N HIS C 335 29.06 33.28 -28.15
CA HIS C 335 29.94 32.24 -28.70
C HIS C 335 29.83 30.93 -27.95
N PRO C 336 29.86 29.81 -28.66
CA PRO C 336 29.69 28.53 -28.01
C PRO C 336 30.97 28.06 -27.34
N VAL C 337 30.83 27.20 -26.30
CA VAL C 337 31.98 26.72 -25.55
C VAL C 337 32.29 25.25 -25.79
N ASP C 338 33.58 25.00 -26.00
CA ASP C 338 34.16 23.70 -26.37
C ASP C 338 35.33 23.30 -25.47
N LEU C 339 35.10 22.31 -24.62
CA LEU C 339 36.07 21.94 -23.60
C LEU C 339 37.15 21.00 -24.14
N THR C 340 36.92 20.40 -25.31
CA THR C 340 37.93 19.54 -25.91
C THR C 340 38.99 20.39 -26.55
N ALA C 341 38.60 21.58 -27.03
CA ALA C 341 39.51 22.47 -27.73
C ALA C 341 40.65 22.92 -26.81
N PRO C 342 41.89 22.66 -27.23
CA PRO C 342 43.08 22.92 -26.42
C PRO C 342 43.52 24.40 -26.40
N ASP C 343 43.30 25.12 -27.48
CA ASP C 343 43.53 26.56 -27.49
C ASP C 343 42.37 27.37 -26.91
N GLU C 344 41.30 26.70 -26.51
CA GLU C 344 40.14 27.38 -25.97
C GLU C 344 40.32 27.70 -24.50
N ILE C 345 40.23 26.66 -23.67
CA ILE C 345 40.01 26.85 -22.25
C ILE C 345 41.27 26.51 -21.46
N GLN C 346 41.90 27.54 -20.91
CA GLN C 346 43.24 27.41 -20.38
C GLN C 346 43.43 28.09 -19.04
N GLU C 347 44.45 27.64 -18.31
CA GLU C 347 44.82 28.30 -17.07
C GLU C 347 46.34 28.50 -16.95
N PHE C 348 46.73 29.78 -16.83
CA PHE C 348 48.12 30.22 -16.66
C PHE C 348 48.42 30.24 -15.16
N VAL C 349 49.69 30.16 -14.78
CA VAL C 349 50.07 30.33 -13.36
C VAL C 349 50.98 31.55 -13.17
N THR C 350 51.24 32.25 -14.27
CA THR C 350 52.21 33.33 -14.29
C THR C 350 52.28 34.07 -12.95
N HIS C 351 51.14 34.55 -12.43
CA HIS C 351 51.11 35.27 -11.13
C HIS C 351 50.57 34.43 -9.95
N SER C 352 50.91 33.13 -9.94
CA SER C 352 50.38 32.17 -8.95
C SER C 352 51.51 31.25 -8.45
N TRP C 353 51.39 30.75 -7.22
CA TRP C 353 52.48 29.98 -6.57
C TRP C 353 52.62 28.54 -7.04
N TYR C 354 52.50 28.34 -8.36
CA TYR C 354 52.80 27.06 -8.98
C TYR C 354 53.88 27.29 -10.01
N THR C 355 54.43 26.19 -10.52
CA THR C 355 55.38 26.24 -11.65
C THR C 355 54.88 25.35 -12.79
N TYR C 356 55.38 25.66 -13.98
CA TYR C 356 55.09 24.87 -15.15
C TYR C 356 56.38 24.35 -15.77
N GLY C 357 57.49 24.41 -15.02
CA GLY C 357 58.82 24.18 -15.58
C GLY C 357 59.44 25.50 -15.97
N ASN C 358 60.71 25.49 -16.41
CA ASN C 358 61.48 26.77 -16.54
C ASN C 358 61.08 27.55 -17.78
N GLY C 359 60.85 28.85 -17.61
CA GLY C 359 60.52 29.70 -18.74
C GLY C 359 59.16 29.40 -19.34
N ASN C 360 58.49 28.37 -18.83
CA ASN C 360 57.13 28.03 -19.25
C ASN C 360 56.11 28.80 -18.43
N ASN C 361 56.60 29.66 -17.55
CA ASN C 361 55.73 30.36 -16.64
C ASN C 361 54.72 31.27 -17.35
N ASP C 362 55.16 31.92 -18.43
CA ASP C 362 54.25 32.76 -19.24
C ASP C 362 53.27 31.95 -20.09
N LYS C 363 53.51 30.65 -20.25
CA LYS C 363 52.65 29.84 -21.11
C LYS C 363 51.48 29.31 -20.33
N GLY C 364 50.37 29.13 -21.06
CA GLY C 364 49.09 28.69 -20.50
C GLY C 364 48.73 27.28 -20.94
N LEU C 365 48.01 26.54 -20.08
CA LEU C 365 47.79 25.11 -20.29
C LEU C 365 46.32 24.73 -20.20
N HIS C 366 45.88 23.99 -21.22
CA HIS C 366 44.59 23.34 -21.21
C HIS C 366 44.66 22.29 -20.10
N PRO C 367 43.53 22.02 -19.41
CA PRO C 367 43.55 21.15 -18.23
C PRO C 367 43.92 19.66 -18.46
N TRP C 368 43.75 19.13 -19.67
CA TRP C 368 44.19 17.77 -19.98
C TRP C 368 45.72 17.67 -19.91
N ASP C 369 46.40 18.80 -20.19
CA ASP C 369 47.87 18.94 -20.06
C ASP C 369 48.32 19.61 -18.76
N GLY C 370 47.37 20.12 -17.99
CA GLY C 370 47.63 20.97 -16.83
C GLY C 370 48.50 20.33 -15.76
N LEU C 371 49.09 21.15 -14.90
CA LEU C 371 50.08 20.66 -13.95
C LEU C 371 49.99 21.43 -12.66
N THR C 372 49.73 20.72 -11.59
CA THR C 372 49.61 21.35 -10.27
C THR C 372 50.85 21.01 -9.42
N GLU C 373 51.94 21.72 -9.68
CA GLU C 373 53.14 21.59 -8.86
C GLU C 373 53.48 22.94 -8.20
N PRO C 374 53.49 22.98 -6.85
CA PRO C 374 53.52 24.25 -6.12
C PRO C 374 54.89 24.79 -6.03
N GLN C 375 55.01 26.12 -6.10
CA GLN C 375 56.29 26.81 -6.01
C GLN C 375 56.05 28.15 -5.36
N LEU C 376 56.25 28.17 -4.05
CA LEU C 376 55.98 29.35 -3.23
C LEU C 376 57.23 30.24 -3.23
N VAL C 377 57.12 31.39 -3.89
CA VAL C 377 58.21 32.37 -3.96
C VAL C 377 57.64 33.78 -4.28
N MET C 378 58.12 34.78 -3.53
CA MET C 378 57.45 36.11 -3.51
C MET C 378 57.75 37.26 -4.51
N GLY C 379 59.00 37.55 -4.81
CA GLY C 379 59.30 38.65 -5.71
C GLY C 379 59.79 39.89 -5.01
N GLU C 380 60.40 40.77 -5.81
CA GLU C 380 61.07 41.98 -5.38
C GLU C 380 60.40 42.87 -4.32
N HIS C 381 59.21 43.40 -4.62
CA HIS C 381 58.52 44.36 -3.71
C HIS C 381 57.69 43.65 -2.60
N TYR C 382 58.08 42.42 -2.24
CA TYR C 382 57.44 41.67 -1.18
C TYR C 382 57.74 42.26 0.19
N LYS C 383 56.77 42.22 1.11
CA LYS C 383 56.99 42.69 2.49
C LYS C 383 56.57 41.62 3.51
N GLY C 384 57.53 41.16 4.32
CA GLY C 384 57.29 40.13 5.36
C GLY C 384 58.41 39.10 5.50
N THR C 385 58.07 37.88 5.94
CA THR C 385 59.03 36.74 5.99
C THR C 385 58.37 35.47 5.43
N LYS C 386 58.90 34.29 5.78
CA LYS C 386 58.22 33.03 5.46
C LYS C 386 57.03 32.80 6.37
N THR C 387 57.21 33.08 7.65
CA THR C 387 56.10 33.01 8.59
C THR C 387 55.17 34.21 8.48
N PHE C 388 55.50 35.27 7.73
CA PHE C 388 54.68 36.50 7.77
C PHE C 388 54.49 37.27 6.47
N ILE C 389 53.30 37.85 6.28
CA ILE C 389 52.99 38.67 5.11
C ILE C 389 52.47 40.03 5.53
N GLU C 390 53.31 41.06 5.40
CA GLU C 390 52.88 42.44 5.61
C GLU C 390 52.20 42.96 4.34
N GLN C 391 52.70 42.54 3.18
CA GLN C 391 52.21 43.05 1.90
C GLN C 391 52.72 42.19 0.73
N VAL C 392 51.80 41.82 -0.17
CA VAL C 392 52.06 40.84 -1.21
C VAL C 392 52.60 41.49 -2.45
N ASP C 393 53.47 40.80 -3.18
CA ASP C 393 53.99 41.39 -4.41
C ASP C 393 53.28 40.85 -5.62
N GLU C 394 52.39 41.69 -6.17
CA GLU C 394 51.51 41.32 -7.28
C GLU C 394 52.22 41.36 -8.65
N SER C 395 53.34 42.08 -8.74
CA SER C 395 54.13 42.05 -9.96
C SER C 395 54.71 40.64 -10.23
N ALA C 396 54.82 39.83 -9.19
CA ALA C 396 55.34 38.46 -9.31
C ALA C 396 54.20 37.45 -9.08
N LYS C 397 54.45 36.43 -8.26
CA LYS C 397 53.42 35.45 -7.90
C LYS C 397 52.79 35.82 -6.56
N TYR C 398 51.45 35.71 -6.49
CA TYR C 398 50.65 36.31 -5.41
C TYR C 398 49.33 35.63 -5.00
N SER C 399 49.15 34.35 -5.36
CA SER C 399 47.90 33.64 -5.04
C SER C 399 48.14 32.12 -5.10
N TRP C 400 47.30 31.35 -4.42
CA TRP C 400 47.32 29.87 -4.53
C TRP C 400 46.33 29.43 -5.59
N ILE C 401 45.76 30.41 -6.27
CA ILE C 401 44.74 30.17 -7.27
C ILE C 401 45.41 30.28 -8.64
N LYS C 402 45.12 29.32 -9.51
CA LYS C 402 45.56 29.39 -10.89
C LYS C 402 44.68 30.42 -11.63
N SER C 403 45.19 30.99 -12.72
CA SER C 403 44.45 32.03 -13.49
C SER C 403 43.81 31.43 -14.77
N PRO C 404 42.50 31.06 -14.74
CA PRO C 404 41.91 30.50 -15.94
C PRO C 404 41.36 31.55 -16.92
N ARG C 405 41.57 31.26 -18.21
CA ARG C 405 41.16 32.12 -19.34
C ARG C 405 40.53 31.34 -20.50
N TRP C 406 39.62 32.02 -21.22
CA TRP C 406 38.89 31.47 -22.35
C TRP C 406 39.35 32.17 -23.61
N LYS C 407 40.07 31.44 -24.46
CA LYS C 407 40.76 32.01 -25.62
C LYS C 407 41.54 33.26 -25.22
N GLY C 408 42.15 33.20 -24.04
CA GLY C 408 42.98 34.28 -23.52
C GLY C 408 42.24 35.46 -22.92
N HIS C 409 40.91 35.38 -22.82
CA HIS C 409 40.11 36.45 -22.22
C HIS C 409 39.75 36.08 -20.80
N ALA C 410 39.99 37.00 -19.90
CA ALA C 410 39.51 36.85 -18.54
C ALA C 410 37.99 36.95 -18.53
N MET C 411 37.35 36.01 -17.85
CA MET C 411 35.88 35.94 -17.80
C MET C 411 35.35 36.09 -16.38
N GLU C 412 34.07 36.46 -16.31
CA GLU C 412 33.29 36.37 -15.07
C GLU C 412 32.30 35.25 -15.21
N VAL C 413 32.24 34.39 -14.20
CA VAL C 413 31.29 33.26 -14.15
C VAL C 413 30.30 33.47 -13.01
N GLY C 414 29.36 32.55 -12.87
CA GLY C 414 28.36 32.63 -11.81
C GLY C 414 26.95 32.88 -12.31
N PRO C 415 26.00 33.07 -11.38
CA PRO C 415 24.62 33.37 -11.69
C PRO C 415 24.44 34.50 -12.68
N LEU C 416 24.98 35.68 -12.37
CA LEU C 416 24.83 36.82 -13.26
C LEU C 416 25.23 36.47 -14.71
N ALA C 417 26.31 35.70 -14.85
CA ALA C 417 26.83 35.31 -16.15
C ALA C 417 25.81 34.50 -16.92
N ARG C 418 25.38 33.37 -16.35
CA ARG C 418 24.32 32.56 -16.97
C ARG C 418 23.09 33.41 -17.26
N TYR C 419 22.68 34.16 -16.24
CA TYR C 419 21.48 34.94 -16.31
C TYR C 419 21.56 35.99 -17.44
N LEU C 420 22.75 36.54 -17.68
CA LEU C 420 22.95 37.42 -18.82
C LEU C 420 22.99 36.70 -20.18
N ILE C 421 23.61 35.52 -20.22
CA ILE C 421 23.66 34.76 -21.46
C ILE C 421 22.24 34.28 -21.82
N GLY C 422 21.56 33.65 -20.87
CA GLY C 422 20.19 33.22 -21.07
C GLY C 422 19.28 34.36 -21.49
N TYR C 423 19.51 35.54 -20.93
CA TYR C 423 18.72 36.72 -21.28
C TYR C 423 18.85 37.01 -22.75
N HIS C 424 20.09 37.11 -23.23
CA HIS C 424 20.34 37.51 -24.61
C HIS C 424 20.17 36.37 -25.58
N GLN C 425 20.11 35.16 -25.03
CA GLN C 425 19.64 33.98 -25.77
C GLN C 425 18.11 34.04 -25.95
N ASN C 426 17.49 34.98 -25.24
CA ASN C 426 16.08 35.32 -25.37
C ASN C 426 15.15 34.23 -24.84
N LYS C 427 15.59 33.55 -23.80
CA LYS C 427 14.81 32.52 -23.15
C LYS C 427 14.00 33.20 -22.08
N PRO C 428 12.66 33.14 -22.18
CA PRO C 428 11.83 33.94 -21.29
C PRO C 428 11.84 33.45 -19.83
N GLU C 429 12.30 32.22 -19.62
CA GLU C 429 12.48 31.65 -18.26
C GLU C 429 13.43 32.50 -17.43
N PHE C 430 14.34 33.20 -18.13
CA PHE C 430 15.31 34.11 -17.53
C PHE C 430 15.01 35.56 -17.87
N LYS C 431 14.68 35.83 -19.12
CA LYS C 431 14.41 37.19 -19.51
C LYS C 431 13.34 37.80 -18.63
N GLU C 432 12.14 37.22 -18.62
CA GLU C 432 11.01 37.88 -18.00
C GLU C 432 11.24 38.21 -16.54
N PRO C 433 11.62 37.21 -15.72
CA PRO C 433 11.87 37.51 -14.32
C PRO C 433 12.97 38.58 -14.10
N VAL C 434 13.98 38.63 -14.96
CA VAL C 434 14.96 39.71 -14.89
C VAL C 434 14.27 41.04 -15.20
N ASP C 435 13.41 41.04 -16.21
CA ASP C 435 12.73 42.25 -16.67
C ASP C 435 11.80 42.77 -15.60
N GLN C 436 11.02 41.87 -15.01
CA GLN C 436 10.15 42.25 -13.89
C GLN C 436 10.88 42.76 -12.67
N LEU C 437 12.11 42.31 -12.46
CA LEU C 437 12.90 42.79 -11.33
C LEU C 437 13.32 44.21 -11.58
N LEU C 438 13.80 44.47 -12.78
CA LEU C 438 14.14 45.81 -13.16
C LEU C 438 12.92 46.77 -13.07
N SER C 439 11.74 46.29 -13.44
CA SER C 439 10.51 47.08 -13.37
C SER C 439 10.24 47.62 -11.99
N VAL C 440 10.17 46.71 -11.01
CA VAL C 440 9.80 47.11 -9.65
C VAL C 440 10.85 48.00 -9.03
N LEU C 441 12.13 47.81 -9.38
CA LEU C 441 13.18 48.68 -8.85
C LEU C 441 13.35 49.92 -9.72
N LYS C 442 12.66 49.97 -10.86
CA LYS C 442 12.74 51.09 -11.80
C LYS C 442 14.17 51.38 -12.23
N LEU C 443 14.87 50.33 -12.68
CA LEU C 443 16.26 50.41 -13.16
C LEU C 443 16.34 49.86 -14.58
N PRO C 444 17.39 50.22 -15.33
CA PRO C 444 17.53 49.74 -16.70
C PRO C 444 18.34 48.46 -16.80
N LYS C 445 18.36 47.86 -17.99
CA LYS C 445 19.18 46.68 -18.28
C LYS C 445 20.57 46.70 -17.68
N GLU C 446 21.24 47.84 -17.78
CA GLU C 446 22.66 47.98 -17.41
C GLU C 446 22.91 47.90 -15.90
N ALA C 447 21.87 48.14 -15.10
CA ALA C 447 21.97 47.97 -13.65
C ALA C 447 22.45 46.56 -13.27
N LEU C 448 22.10 45.56 -14.06
CA LEU C 448 22.60 44.17 -13.88
C LEU C 448 24.12 44.12 -13.78
N PHE C 449 24.81 45.02 -14.47
CA PHE C 449 26.29 44.99 -14.51
C PHE C 449 26.90 45.57 -13.24
N SER C 450 26.59 44.95 -12.10
CA SER C 450 26.97 45.50 -10.79
C SER C 450 26.80 44.52 -9.63
N THR C 451 27.45 44.86 -8.52
CA THR C 451 27.33 44.12 -7.28
C THR C 451 25.85 43.90 -6.91
N LEU C 452 25.01 44.90 -7.16
CA LEU C 452 23.57 44.77 -6.91
C LEU C 452 22.96 43.80 -7.89
N GLY C 453 23.24 43.99 -9.15
CA GLY C 453 22.72 43.10 -10.18
C GLY C 453 23.15 41.67 -9.95
N ARG C 454 24.41 41.50 -9.59
CA ARG C 454 24.99 40.18 -9.33
C ARG C 454 24.27 39.45 -8.20
N THR C 455 23.87 40.23 -7.18
CA THR C 455 23.12 39.75 -6.04
C THR C 455 21.67 39.42 -6.41
N ALA C 456 21.08 40.24 -7.27
CA ALA C 456 19.73 40.03 -7.76
C ALA C 456 19.69 38.73 -8.59
N ALA C 457 20.66 38.61 -9.50
CA ALA C 457 20.78 37.41 -10.33
C ALA C 457 20.71 36.15 -9.48
N ARG C 458 21.42 36.15 -8.36
CA ARG C 458 21.42 34.98 -7.49
C ARG C 458 20.03 34.67 -6.98
N ALA C 459 19.32 35.68 -6.52
CA ALA C 459 17.98 35.45 -5.96
C ALA C 459 17.06 34.91 -7.03
N LEU C 460 17.02 35.58 -8.18
CA LEU C 460 16.20 35.14 -9.29
C LEU C 460 16.37 33.64 -9.58
N GLU C 461 17.62 33.19 -9.61
CA GLU C 461 17.96 31.77 -9.80
C GLU C 461 17.42 30.81 -8.74
N SER C 462 17.41 31.21 -7.47
CA SER C 462 16.91 30.32 -6.43
C SER C 462 15.45 29.92 -6.70
N VAL C 463 14.71 30.87 -7.25
CA VAL C 463 13.33 30.59 -7.58
C VAL C 463 13.29 29.66 -8.78
N TRP C 464 14.01 30.06 -9.84
CA TRP C 464 14.18 29.23 -11.01
C TRP C 464 14.65 27.83 -10.68
N ALA C 465 15.72 27.73 -9.91
CA ALA C 465 16.26 26.41 -9.52
C ALA C 465 15.23 25.58 -8.75
N GLY C 466 14.46 26.25 -7.91
CA GLY C 466 13.35 25.62 -7.24
C GLY C 466 12.38 24.96 -8.20
N ASN C 467 12.06 25.64 -9.29
CA ASN C 467 11.05 25.14 -10.24
C ASN C 467 11.59 23.96 -10.99
N THR C 468 12.88 24.03 -11.29
CA THR C 468 13.58 23.01 -12.04
C THR C 468 13.61 21.77 -11.20
N LEU C 469 13.85 21.95 -9.92
CA LEU C 469 13.82 20.85 -8.97
C LEU C 469 12.49 20.11 -9.05
N GLN C 470 11.39 20.86 -9.02
CA GLN C 470 10.05 20.28 -9.10
C GLN C 470 9.91 19.61 -10.42
N TYR C 471 10.33 20.29 -11.48
CA TYR C 471 10.28 19.74 -12.84
C TYR C 471 10.96 18.36 -12.97
N PHE C 472 12.14 18.19 -12.40
CA PHE C 472 12.82 16.91 -12.51
C PHE C 472 12.20 15.87 -11.61
N PHE C 473 11.62 16.29 -10.49
CA PHE C 473 10.78 15.39 -9.69
C PHE C 473 9.58 14.98 -10.49
N ASP C 474 8.97 15.92 -11.21
CA ASP C 474 7.79 15.61 -11.99
C ASP C 474 8.15 14.63 -13.09
N ARG C 475 9.30 14.80 -13.72
CA ARG C 475 9.72 13.86 -14.76
C ARG C 475 10.08 12.51 -14.20
N LEU C 476 10.72 12.44 -13.03
CA LEU C 476 10.96 11.14 -12.41
C LEU C 476 9.64 10.39 -12.26
N MET C 477 8.60 11.11 -11.81
CA MET C 477 7.29 10.51 -11.55
C MET C 477 6.61 10.07 -12.82
N ARG C 478 6.73 10.81 -13.93
CA ARG C 478 6.13 10.30 -15.17
C ARG C 478 6.89 9.10 -15.73
N ASN C 479 8.20 9.02 -15.45
CA ASN C 479 8.94 7.78 -15.71
C ASN C 479 8.36 6.57 -15.00
N LEU C 480 8.12 6.68 -13.69
CA LEU C 480 7.66 5.55 -12.92
C LEU C 480 6.20 5.18 -13.33
N LYS C 481 5.36 6.18 -13.59
CA LYS C 481 3.99 5.93 -14.02
C LYS C 481 4.02 5.13 -15.28
N SER C 482 5.06 5.36 -16.10
CA SER C 482 5.24 4.61 -17.34
C SER C 482 6.18 3.39 -17.20
N GLY C 483 6.49 3.00 -15.95
CA GLY C 483 7.11 1.68 -15.69
C GLY C 483 8.62 1.59 -15.86
N ASP C 484 9.28 2.74 -15.88
CA ASP C 484 10.73 2.79 -15.92
C ASP C 484 11.19 3.09 -14.51
N THR C 485 11.86 2.14 -13.87
CA THR C 485 12.35 2.32 -12.48
C THR C 485 13.88 2.15 -12.34
N ALA C 486 14.53 2.04 -13.48
CA ALA C 486 15.97 1.82 -13.56
C ALA C 486 16.72 2.98 -12.95
N THR C 487 17.75 2.67 -12.17
CA THR C 487 18.63 3.70 -11.57
C THR C 487 20.14 3.61 -11.91
N ALA C 488 20.59 2.53 -12.55
CA ALA C 488 22.03 2.33 -12.74
C ALA C 488 22.44 1.33 -13.84
N ASN C 489 23.25 1.83 -14.76
CA ASN C 489 23.89 1.02 -15.76
C ASN C 489 25.17 0.45 -15.14
N VAL C 490 25.34 -0.87 -15.25
CA VAL C 490 26.46 -1.58 -14.59
C VAL C 490 27.35 -2.28 -15.60
N THR C 491 27.20 -1.96 -16.87
CA THR C 491 27.89 -2.74 -17.92
C THR C 491 29.37 -2.45 -17.91
N LEU C 492 29.76 -1.26 -17.50
CA LEU C 492 31.19 -0.92 -17.43
C LEU C 492 31.57 -0.58 -15.99
N TRP C 493 30.88 -1.22 -15.06
CA TRP C 493 31.22 -1.04 -13.66
C TRP C 493 32.52 -1.76 -13.37
N GLU C 494 32.82 -2.82 -14.12
CA GLU C 494 34.02 -3.60 -13.86
C GLU C 494 35.21 -3.03 -14.63
N PRO C 495 36.36 -2.83 -13.94
CA PRO C 495 37.40 -2.07 -14.61
C PRO C 495 38.12 -2.82 -15.72
N ASP C 496 38.07 -4.16 -15.69
CA ASP C 496 38.66 -4.96 -16.79
C ASP C 496 37.84 -4.80 -18.09
N THR C 497 36.73 -4.07 -18.02
CA THR C 497 35.89 -3.75 -19.18
C THR C 497 36.32 -2.49 -19.88
N TRP C 498 37.24 -1.75 -19.30
CA TRP C 498 37.47 -0.40 -19.77
C TRP C 498 38.51 -0.40 -20.85
N PRO C 499 38.47 0.62 -21.72
CA PRO C 499 39.62 0.92 -22.55
C PRO C 499 40.86 0.88 -21.68
N THR C 500 42.01 0.60 -22.30
CA THR C 500 43.26 0.61 -21.56
C THR C 500 43.67 2.03 -21.15
N SER C 501 43.38 3.01 -22.02
CA SER C 501 43.50 4.44 -21.66
C SER C 501 42.42 5.29 -22.36
N ALA C 502 41.99 6.35 -21.69
CA ALA C 502 40.86 7.19 -22.13
C ALA C 502 40.87 8.61 -21.48
N LYS C 503 40.66 9.66 -22.30
CA LYS C 503 40.45 11.04 -21.82
C LYS C 503 38.97 11.24 -21.50
N GLY C 504 38.65 12.22 -20.66
CA GLY C 504 37.25 12.58 -20.40
C GLY C 504 37.04 13.99 -19.84
N VAL C 505 35.90 14.60 -20.16
CA VAL C 505 35.54 15.87 -19.54
C VAL C 505 34.24 15.72 -18.82
N GLY C 506 34.22 16.15 -17.56
CA GLY C 506 32.99 16.27 -16.83
C GLY C 506 32.78 17.74 -16.64
N PHE C 507 31.54 18.20 -16.80
CA PHE C 507 31.22 19.60 -16.48
C PHE C 507 29.90 19.76 -15.78
N SER C 508 29.77 20.89 -15.11
CA SER C 508 28.57 21.23 -14.41
C SER C 508 28.52 22.73 -14.26
N GLU C 509 27.35 23.26 -13.96
CA GLU C 509 27.22 24.66 -13.61
C GLU C 509 26.85 24.65 -12.12
N ALA C 510 27.87 24.90 -11.31
CA ALA C 510 27.74 24.90 -9.87
C ALA C 510 27.15 26.21 -9.43
N PRO C 511 26.74 26.33 -8.17
CA PRO C 511 26.16 27.58 -7.68
C PRO C 511 26.95 28.88 -7.98
N ARG C 512 28.27 28.80 -7.86
CA ARG C 512 29.16 29.94 -8.03
C ARG C 512 29.62 30.17 -9.46
N GLY C 513 29.51 29.14 -10.28
CA GLY C 513 29.63 29.30 -11.73
C GLY C 513 30.03 28.04 -12.46
N ALA C 514 30.90 28.21 -13.46
CA ALA C 514 31.22 27.16 -14.40
C ALA C 514 32.35 26.25 -13.93
N LEU C 515 31.99 25.01 -13.70
CA LEU C 515 32.90 24.00 -13.15
C LEU C 515 33.20 22.87 -14.17
N GLY C 516 34.49 22.52 -14.30
CA GLY C 516 34.94 21.46 -15.20
C GLY C 516 36.04 20.62 -14.62
N HIS C 517 36.02 19.33 -14.97
CA HIS C 517 37.02 18.33 -14.52
C HIS C 517 37.59 17.59 -15.72
N TRP C 518 38.91 17.60 -15.82
CA TRP C 518 39.57 17.04 -16.99
C TRP C 518 40.45 15.84 -16.61
N ILE C 519 39.79 14.69 -16.58
CA ILE C 519 40.38 13.40 -16.20
C ILE C 519 41.01 12.62 -17.37
N LYS C 520 42.11 11.92 -17.09
CA LYS C 520 42.69 10.90 -18.00
C LYS C 520 42.86 9.53 -17.30
N ILE C 521 42.23 8.47 -17.82
CA ILE C 521 42.35 7.13 -17.25
C ILE C 521 43.41 6.34 -18.01
N ALA C 522 44.18 5.53 -17.28
CA ALA C 522 45.26 4.72 -17.86
C ALA C 522 45.60 3.51 -16.98
N ASN C 523 45.44 2.32 -17.54
CA ASN C 523 45.58 1.07 -16.82
C ASN C 523 44.72 1.01 -15.57
N GLN C 524 43.43 1.26 -15.77
CA GLN C 524 42.42 1.17 -14.72
C GLN C 524 42.55 2.18 -13.58
N LYS C 525 43.47 3.12 -13.76
CA LYS C 525 43.87 4.06 -12.73
C LYS C 525 43.82 5.48 -13.30
N ILE C 526 43.73 6.47 -12.43
CA ILE C 526 43.74 7.85 -12.86
C ILE C 526 45.16 8.29 -13.19
N ASP C 527 45.34 8.96 -14.33
CA ASP C 527 46.65 9.49 -14.77
C ASP C 527 46.71 11.01 -14.56
N SER C 528 45.87 11.78 -15.26
CA SER C 528 45.63 13.20 -14.94
C SER C 528 44.37 13.31 -14.12
N TYR C 529 44.24 14.42 -13.41
CA TYR C 529 42.94 14.85 -12.88
C TYR C 529 43.04 16.33 -12.52
N GLN C 530 42.35 17.16 -13.30
CA GLN C 530 42.53 18.60 -13.24
C GLN C 530 41.23 19.31 -13.13
N CYS C 531 41.14 20.24 -12.17
CA CYS C 531 39.89 20.94 -11.83
C CYS C 531 40.03 22.43 -12.11
N VAL C 532 39.04 22.97 -12.85
CA VAL C 532 38.91 24.39 -13.06
C VAL C 532 37.55 24.77 -12.54
N VAL C 533 37.56 25.32 -11.32
CA VAL C 533 36.34 25.60 -10.61
C VAL C 533 35.99 27.09 -10.68
N PRO C 534 34.69 27.43 -10.52
CA PRO C 534 34.20 28.77 -10.80
C PRO C 534 34.98 29.83 -10.10
N THR C 535 35.12 29.71 -8.77
CA THR C 535 35.81 30.75 -8.00
C THR C 535 37.27 30.82 -8.40
N THR C 536 37.79 29.77 -9.02
CA THR C 536 39.09 29.89 -9.68
C THR C 536 39.02 30.98 -10.77
N TRP C 537 38.00 30.95 -11.62
CA TRP C 537 37.89 31.94 -12.71
C TRP C 537 37.90 33.36 -12.18
N ASN C 538 37.05 33.55 -11.16
CA ASN C 538 36.71 34.87 -10.62
C ASN C 538 37.78 35.47 -9.72
N ALA C 539 38.25 34.68 -8.74
CA ALA C 539 39.29 35.11 -7.78
C ALA C 539 40.72 34.95 -8.32
N GLY C 540 40.82 34.36 -9.50
CA GLY C 540 42.09 34.12 -10.13
C GLY C 540 42.93 35.37 -10.24
N PRO C 541 44.24 35.24 -10.04
CA PRO C 541 45.17 36.37 -10.14
C PRO C 541 45.26 36.85 -11.56
N ARG C 542 46.25 37.67 -11.86
CA ARG C 542 46.52 38.09 -13.21
C ARG C 542 47.24 36.98 -14.01
N ASP C 543 47.53 37.27 -15.27
CA ASP C 543 48.13 36.31 -16.20
C ASP C 543 49.31 36.91 -17.00
N ASP C 544 49.93 36.06 -17.83
CA ASP C 544 51.00 36.48 -18.75
C ASP C 544 50.81 37.90 -19.28
N LYS C 545 49.59 38.20 -19.72
CA LYS C 545 49.21 39.49 -20.31
C LYS C 545 49.17 40.66 -19.34
N GLY C 546 49.07 40.37 -18.05
CA GLY C 546 48.89 41.41 -17.03
C GLY C 546 47.42 41.77 -16.82
N GLN C 547 46.55 40.88 -17.25
CA GLN C 547 45.12 41.12 -17.35
C GLN C 547 44.44 40.71 -16.07
N ILE C 548 43.60 41.57 -15.52
CA ILE C 548 43.01 41.32 -14.18
C ILE C 548 41.77 40.43 -14.25
N GLY C 549 41.42 39.86 -13.10
CA GLY C 549 40.29 38.94 -12.96
C GLY C 549 39.01 39.59 -12.48
N ALA C 550 37.91 38.86 -12.53
CA ALA C 550 36.59 39.40 -12.24
C ALA C 550 36.48 40.14 -10.89
N TYR C 551 37.16 39.62 -9.86
CA TYR C 551 37.06 40.16 -8.48
C TYR C 551 37.73 41.49 -8.40
N GLU C 552 39.01 41.52 -8.79
CA GLU C 552 39.82 42.74 -8.81
C GLU C 552 39.12 43.85 -9.60
N ALA C 553 38.63 43.51 -10.79
CA ALA C 553 37.96 44.45 -11.68
C ALA C 553 36.75 45.12 -11.06
N ALA C 554 36.05 44.38 -10.20
CA ALA C 554 34.78 44.84 -9.64
C ALA C 554 34.96 45.76 -8.44
N LEU C 555 36.11 45.62 -7.78
CA LEU C 555 36.45 46.51 -6.68
C LEU C 555 36.92 47.84 -7.20
N MET C 556 37.33 47.89 -8.47
CA MET C 556 38.08 49.02 -8.98
C MET C 556 37.19 50.30 -8.96
N GLY C 557 37.68 51.40 -8.40
CA GLY C 557 36.87 52.61 -8.39
C GLY C 557 35.73 52.68 -7.37
N THR C 558 35.56 51.66 -6.55
CA THR C 558 34.66 51.75 -5.40
C THR C 558 35.24 52.81 -4.46
N LYS C 559 34.36 53.63 -3.90
CA LYS C 559 34.76 54.63 -2.90
C LYS C 559 34.64 54.04 -1.51
N LEU C 560 35.70 54.14 -0.73
CA LEU C 560 35.68 53.70 0.68
C LEU C 560 35.29 54.84 1.63
N ALA C 561 34.03 54.86 2.05
CA ALA C 561 33.52 55.88 2.96
C ALA C 561 34.38 55.98 4.20
N VAL C 562 34.67 54.82 4.78
CA VAL C 562 35.68 54.69 5.84
C VAL C 562 36.68 53.63 5.38
N PRO C 563 37.99 53.97 5.38
CA PRO C 563 39.00 53.01 4.92
C PRO C 563 39.38 51.95 5.96
N ASP C 564 39.56 52.38 7.21
CA ASP C 564 39.76 51.46 8.34
C ASP C 564 38.75 50.31 8.32
N GLN C 565 37.47 50.61 8.06
CA GLN C 565 36.38 49.64 8.02
C GLN C 565 35.88 49.45 6.59
N PRO C 566 36.44 48.47 5.85
CA PRO C 566 36.13 48.28 4.41
C PRO C 566 34.84 47.51 4.07
N LEU C 567 33.70 47.96 4.59
CA LEU C 567 32.38 47.34 4.35
C LEU C 567 32.07 47.30 2.87
N GLU C 568 32.50 48.34 2.18
CA GLU C 568 32.28 48.51 0.74
C GLU C 568 32.92 47.40 -0.11
N ILE C 569 34.13 46.97 0.26
CA ILE C 569 34.78 45.94 -0.54
C ILE C 569 34.23 44.57 -0.24
N LEU C 570 33.80 44.33 1.00
CA LEU C 570 33.12 43.09 1.35
C LEU C 570 31.86 42.92 0.53
N ARG C 571 31.03 43.96 0.41
CA ARG C 571 29.83 43.89 -0.44
C ARG C 571 30.16 43.28 -1.78
N THR C 572 31.00 43.97 -2.55
CA THR C 572 31.38 43.56 -3.90
C THR C 572 31.92 42.11 -3.88
N LEU C 573 32.97 41.84 -3.11
CA LEU C 573 33.53 40.46 -3.00
C LEU C 573 32.48 39.39 -2.67
N HIS C 574 31.64 39.66 -1.68
CA HIS C 574 30.61 38.70 -1.31
C HIS C 574 29.64 38.48 -2.42
N SER C 575 29.40 39.48 -3.26
CA SER C 575 28.44 39.31 -4.35
C SER C 575 28.87 38.22 -5.33
N PHE C 576 30.16 37.93 -5.40
CA PHE C 576 30.68 36.84 -6.24
C PHE C 576 30.59 35.46 -5.57
N ASP C 577 30.09 35.43 -4.32
CA ASP C 577 29.92 34.19 -3.52
C ASP C 577 31.22 33.38 -3.39
N PRO C 578 32.30 34.03 -2.89
CA PRO C 578 33.62 33.38 -2.93
C PRO C 578 33.63 32.11 -2.14
N CYS C 579 34.25 31.11 -2.75
CA CYS C 579 34.57 29.86 -2.10
C CYS C 579 35.97 29.45 -2.50
N LEU C 580 36.90 29.49 -1.55
CA LEU C 580 38.32 29.35 -1.87
C LEU C 580 38.88 27.94 -1.76
N ALA C 581 38.32 27.15 -0.84
CA ALA C 581 38.54 25.71 -0.91
C ALA C 581 38.26 25.27 -2.36
N CYS C 582 37.05 25.62 -2.79
CA CYS C 582 36.51 25.38 -4.10
C CYS C 582 37.63 25.93 -5.12
N SER C 583 38.04 27.21 -5.02
CA SER C 583 39.03 27.84 -6.00
C SER C 583 40.38 27.16 -6.19
N THR C 584 40.96 26.74 -5.07
CA THR C 584 42.35 26.24 -4.97
C THR C 584 42.43 24.74 -5.18
N HIS C 585 41.34 24.09 -4.80
CA HIS C 585 41.27 22.66 -4.57
C HIS C 585 42.53 22.07 -3.92
N PRO D 5 25.86 34.13 31.99
CA PRO D 5 26.81 34.21 30.89
C PRO D 5 26.79 32.92 30.05
N ARG D 6 27.17 33.02 28.77
CA ARG D 6 27.22 31.85 27.86
C ARG D 6 28.68 31.45 27.55
N THR D 7 28.92 30.14 27.50
CA THR D 7 30.27 29.59 27.33
C THR D 7 30.83 30.06 26.02
N PRO D 8 31.95 30.76 26.03
CA PRO D 8 32.44 31.24 24.76
C PRO D 8 33.10 30.14 23.98
N VAL D 9 32.93 30.19 22.67
CA VAL D 9 33.44 29.17 21.76
C VAL D 9 34.12 29.85 20.60
N ILE D 10 35.38 29.53 20.40
CA ILE D 10 36.15 30.10 19.31
C ILE D 10 36.28 29.02 18.27
N TRP D 11 35.74 29.26 17.07
CA TRP D 11 35.69 28.25 16.02
C TRP D 11 36.69 28.58 14.92
N LEU D 12 37.71 27.73 14.82
CA LEU D 12 38.79 27.97 13.87
C LEU D 12 38.66 27.13 12.60
N HIS D 13 39.08 27.72 11.50
CA HIS D 13 39.10 27.02 10.23
C HIS D 13 40.55 26.98 9.79
N GLY D 14 41.06 25.76 9.61
CA GLY D 14 42.39 25.50 9.05
C GLY D 14 42.28 25.06 7.59
N LEU D 15 42.98 23.98 7.23
CA LEU D 15 42.76 23.37 5.93
C LEU D 15 41.51 22.53 6.05
N GLU D 16 40.61 22.65 5.08
CA GLU D 16 39.23 22.18 5.23
C GLU D 16 38.42 22.50 3.98
N CYS D 17 37.26 21.85 3.89
CA CYS D 17 36.26 22.13 2.88
C CYS D 17 35.00 22.78 3.48
N THR D 18 35.12 23.25 4.73
CA THR D 18 34.07 23.95 5.48
C THR D 18 32.84 23.12 5.78
N CYS D 19 32.99 21.81 5.78
CA CYS D 19 31.79 20.97 5.71
C CYS D 19 31.22 20.70 7.08
N CYS D 20 32.06 20.67 8.11
CA CYS D 20 31.48 20.48 9.45
C CYS D 20 30.75 21.74 9.95
N THR D 21 31.17 22.91 9.50
CA THR D 21 30.45 24.14 9.81
C THR D 21 29.07 24.02 9.16
N GLU D 22 29.03 23.59 7.89
CA GLU D 22 27.74 23.42 7.16
C GLU D 22 26.90 22.39 7.91
N SER D 23 27.51 21.29 8.33
CA SER D 23 26.80 20.24 9.11
C SER D 23 26.18 20.75 10.43
N PHE D 24 26.95 21.57 11.13
CA PHE D 24 26.51 22.14 12.39
C PHE D 24 25.18 22.86 12.22
N ILE D 25 25.04 23.66 11.16
CA ILE D 25 23.83 24.51 11.02
C ILE D 25 22.55 23.67 10.66
N ARG D 26 22.78 22.43 10.19
CA ARG D 26 21.71 21.47 9.89
C ARG D 26 21.06 20.89 11.14
N SER D 27 21.56 21.27 12.30
CA SER D 27 21.02 20.83 13.57
C SER D 27 19.58 21.26 13.73
N ALA D 28 18.77 20.31 14.19
CA ALA D 28 17.32 20.50 14.32
C ALA D 28 16.89 20.65 15.75
N HIS D 29 17.49 19.90 16.64
CA HIS D 29 17.25 20.05 18.06
C HIS D 29 18.59 19.89 18.80
N PRO D 30 19.16 21.01 19.28
CA PRO D 30 18.72 22.39 19.10
C PRO D 30 19.03 22.98 17.73
N LEU D 31 18.25 23.95 17.33
CA LEU D 31 18.56 24.74 16.15
C LEU D 31 19.89 25.50 16.38
N ALA D 32 20.71 25.54 15.34
CA ALA D 32 21.91 26.36 15.39
C ALA D 32 21.59 27.80 15.78
N LYS D 33 20.41 28.29 15.41
CA LYS D 33 19.95 29.63 15.84
C LYS D 33 19.88 29.74 17.37
N ASP D 34 19.32 28.69 17.97
CA ASP D 34 19.10 28.60 19.40
C ASP D 34 20.40 28.34 20.15
N ALA D 35 21.30 27.59 19.53
CA ALA D 35 22.65 27.48 20.07
C ALA D 35 23.33 28.83 20.09
N ILE D 36 23.38 29.49 18.94
CA ILE D 36 24.10 30.76 18.81
C ILE D 36 23.59 31.86 19.74
N LEU D 37 22.27 32.00 19.82
CA LEU D 37 21.66 33.07 20.61
C LEU D 37 21.57 32.74 22.10
N SER D 38 21.50 31.46 22.48
CA SER D 38 21.11 31.07 23.87
C SER D 38 21.97 30.07 24.66
N LEU D 39 22.68 29.16 23.97
CA LEU D 39 23.53 28.13 24.62
C LEU D 39 24.99 28.50 24.73
N ILE D 40 25.53 29.06 23.66
CA ILE D 40 26.96 29.42 23.60
C ILE D 40 27.14 30.87 23.15
N SER D 41 28.37 31.33 23.14
CA SER D 41 28.69 32.56 22.45
C SER D 41 29.65 32.21 21.34
N LEU D 42 29.14 32.12 20.11
CA LEU D 42 29.99 31.79 18.97
C LEU D 42 30.83 32.99 18.50
N ASP D 43 31.92 33.23 19.25
CA ASP D 43 32.58 34.54 19.32
C ASP D 43 33.54 34.84 18.17
N TYR D 44 34.13 33.81 17.58
CA TYR D 44 34.91 33.95 16.34
C TYR D 44 34.45 32.80 15.49
N ASP D 45 34.09 33.08 14.24
CA ASP D 45 33.82 32.01 13.25
C ASP D 45 33.89 32.57 11.82
N ASP D 46 35.02 32.31 11.17
CA ASP D 46 35.28 32.78 9.80
C ASP D 46 34.03 32.79 8.92
N THR D 47 33.33 31.68 8.90
CA THR D 47 32.25 31.50 7.93
C THR D 47 31.10 32.47 8.10
N ILE D 48 30.70 32.83 9.33
CA ILE D 48 29.45 33.59 9.48
C ILE D 48 29.54 34.92 10.17
N MET D 49 30.69 35.21 10.75
CA MET D 49 30.82 36.39 11.61
C MET D 49 30.76 37.71 10.82
N ALA D 50 30.09 38.69 11.40
CA ALA D 50 29.89 40.02 10.76
C ALA D 50 31.20 40.68 10.41
N ALA D 51 32.15 40.59 11.33
CA ALA D 51 33.40 41.32 11.23
C ALA D 51 34.45 40.64 10.32
N ALA D 52 35.28 41.45 9.69
CA ALA D 52 36.36 40.96 8.84
C ALA D 52 37.69 41.64 9.19
N GLY D 53 38.78 41.13 8.60
CA GLY D 53 40.08 41.79 8.59
C GLY D 53 40.57 42.13 9.97
N GLN D 54 40.98 43.37 10.17
CA GLN D 54 41.42 43.82 11.50
C GLN D 54 40.27 43.75 12.52
N GLN D 55 39.07 44.13 12.10
CA GLN D 55 37.91 44.12 12.99
C GLN D 55 37.65 42.70 13.49
N ALA D 56 37.99 41.69 12.68
CA ALA D 56 37.74 40.27 13.02
C ALA D 56 38.79 39.75 13.98
N GLU D 57 40.04 40.09 13.72
CA GLU D 57 41.15 39.73 14.60
C GLU D 57 41.03 40.37 15.96
N GLN D 58 40.62 41.64 15.95
CA GLN D 58 40.40 42.40 17.18
C GLN D 58 39.36 41.68 18.03
N ALA D 59 38.21 41.35 17.43
CA ALA D 59 37.15 40.66 18.13
C ALA D 59 37.65 39.39 18.81
N LEU D 60 38.54 38.64 18.14
CA LEU D 60 39.13 37.43 18.74
C LEU D 60 40.00 37.77 19.95
N ALA D 61 40.97 38.66 19.73
CA ALA D 61 41.84 39.11 20.79
C ALA D 61 41.00 39.50 22.00
N ASP D 62 39.95 40.29 21.77
CA ASP D 62 39.00 40.72 22.80
C ASP D 62 38.51 39.56 23.67
N VAL D 63 38.05 38.49 23.04
CA VAL D 63 37.40 37.37 23.74
C VAL D 63 38.42 36.45 24.42
N MET D 64 39.65 36.43 23.95
CA MET D 64 40.68 35.57 24.52
C MET D 64 41.21 36.22 25.78
N ARG D 65 41.65 37.45 25.60
CA ARG D 65 42.07 38.31 26.68
C ARG D 65 41.00 38.30 27.79
N GLU D 66 39.74 38.45 27.40
CA GLU D 66 38.65 38.64 28.34
C GLU D 66 38.24 37.34 29.00
N TYR D 67 38.02 36.29 28.19
CA TYR D 67 37.48 35.02 28.70
C TYR D 67 38.57 33.98 28.82
N LYS D 68 39.80 34.43 29.06
CA LYS D 68 40.98 33.57 29.08
C LYS D 68 40.90 32.39 30.04
N GLY D 69 41.35 31.22 29.59
CA GLY D 69 41.34 30.00 30.39
C GLY D 69 39.99 29.34 30.56
N ASN D 70 38.91 30.04 30.15
CA ASN D 70 37.52 29.57 30.28
C ASN D 70 36.79 29.27 28.97
N TYR D 71 37.33 29.73 27.85
CA TYR D 71 36.71 29.46 26.56
C TYR D 71 37.06 28.10 25.92
N ILE D 72 36.13 27.57 25.13
CA ILE D 72 36.34 26.36 24.36
C ILE D 72 36.79 26.70 22.95
N VAL D 73 37.82 26.01 22.45
CA VAL D 73 38.19 26.13 21.04
C VAL D 73 37.65 24.96 20.26
N ALA D 74 36.82 25.27 19.26
CA ALA D 74 36.42 24.29 18.28
C ALA D 74 37.31 24.48 17.07
N VAL D 75 37.87 23.39 16.58
CA VAL D 75 38.76 23.43 15.42
C VAL D 75 38.19 22.59 14.32
N GLU D 76 37.94 23.19 13.16
CA GLU D 76 37.58 22.38 11.99
C GLU D 76 38.62 22.65 10.95
N GLY D 77 38.96 21.63 10.21
CA GLY D 77 40.17 21.65 9.43
C GLY D 77 41.40 21.21 10.24
N ASN D 78 42.50 20.99 9.51
CA ASN D 78 43.80 20.68 10.10
C ASN D 78 44.87 21.69 9.64
N ALA D 79 46.14 21.42 9.99
CA ALA D 79 47.23 22.33 9.73
C ALA D 79 48.30 21.69 8.88
N PRO D 80 48.63 22.32 7.74
CA PRO D 80 49.77 21.91 6.93
C PRO D 80 51.11 22.38 7.51
N LEU D 81 52.10 21.50 7.45
CA LEU D 81 53.42 21.73 8.04
C LEU D 81 54.45 22.14 7.00
N ASN D 82 54.32 21.58 5.80
CA ASN D 82 55.24 21.89 4.69
C ASN D 82 55.14 23.34 4.27
N GLU D 83 56.18 23.80 3.57
CA GLU D 83 56.34 25.21 3.24
C GLU D 83 56.09 26.13 4.46
N ASP D 84 56.67 25.73 5.59
CA ASP D 84 56.58 26.44 6.88
C ASP D 84 55.16 26.85 7.26
N GLY D 85 54.18 26.02 6.89
CA GLY D 85 52.79 26.20 7.28
C GLY D 85 51.97 27.11 6.38
N MET D 86 52.62 27.66 5.34
CA MET D 86 52.02 28.69 4.43
C MET D 86 51.17 28.12 3.29
N PHE D 87 50.86 26.82 3.39
CA PHE D 87 49.78 26.22 2.61
C PHE D 87 48.41 26.57 3.23
N CYS D 88 48.42 27.37 4.29
CA CYS D 88 47.20 27.83 4.94
C CYS D 88 47.47 29.09 5.78
N ILE D 89 46.96 30.22 5.31
CA ILE D 89 47.41 31.55 5.78
C ILE D 89 46.25 32.44 6.29
N LEU D 90 46.19 32.59 7.61
CA LEU D 90 45.17 33.45 8.26
C LEU D 90 45.75 34.73 8.84
N ALA D 91 45.37 35.86 8.26
CA ALA D 91 45.85 37.17 8.66
C ALA D 91 47.37 37.22 8.53
N GLY D 92 47.85 36.76 7.38
CA GLY D 92 49.25 36.85 7.03
C GLY D 92 50.13 35.83 7.72
N GLU D 93 49.52 35.01 8.56
CA GLU D 93 50.26 34.07 9.40
C GLU D 93 49.83 32.64 9.14
N PRO D 94 50.79 31.70 9.20
CA PRO D 94 50.41 30.30 9.02
C PRO D 94 49.36 29.88 10.03
N PHE D 95 48.52 28.92 9.67
CA PHE D 95 47.37 28.59 10.49
C PHE D 95 47.92 27.99 11.76
N LEU D 96 49.02 27.27 11.62
CA LEU D 96 49.62 26.62 12.75
C LEU D 96 49.85 27.56 13.97
N GLU D 97 50.35 28.79 13.75
CA GLU D 97 50.60 29.73 14.88
C GLU D 97 49.27 30.09 15.50
N LYS D 98 48.34 30.51 14.64
CA LYS D 98 47.02 30.94 15.10
C LYS D 98 46.41 29.88 16.00
N LEU D 99 46.52 28.61 15.59
CA LEU D 99 46.03 27.48 16.39
C LEU D 99 46.72 27.44 17.74
N LYS D 100 48.04 27.41 17.76
CA LYS D 100 48.78 27.34 19.03
C LYS D 100 48.44 28.50 19.97
N ARG D 101 48.41 29.72 19.43
CA ARG D 101 48.12 30.93 20.20
C ARG D 101 46.75 30.87 20.84
N VAL D 102 45.73 30.52 20.05
CA VAL D 102 44.37 30.46 20.55
C VAL D 102 44.19 29.31 21.55
N SER D 103 44.80 28.16 21.30
CA SER D 103 44.55 27.01 22.16
C SER D 103 45.44 26.96 23.39
N ALA D 104 46.49 27.76 23.45
CA ALA D 104 47.29 27.80 24.66
C ALA D 104 46.45 28.26 25.83
N ASP D 105 45.52 29.18 25.59
CA ASP D 105 44.74 29.76 26.68
C ASP D 105 43.34 29.17 26.81
N ALA D 106 43.11 28.02 26.18
CA ALA D 106 41.76 27.44 26.13
C ALA D 106 41.50 26.40 27.22
N LYS D 107 40.23 26.26 27.60
CA LYS D 107 39.77 25.36 28.66
C LYS D 107 39.75 23.93 28.16
N ALA D 108 39.30 23.75 26.92
CA ALA D 108 39.29 22.47 26.21
C ALA D 108 39.09 22.65 24.72
N ILE D 109 39.44 21.61 23.97
CA ILE D 109 39.43 21.69 22.51
C ILE D 109 38.55 20.63 21.85
N ILE D 110 37.58 21.05 21.07
CA ILE D 110 36.84 20.13 20.27
C ILE D 110 37.46 20.12 18.88
N ALA D 111 37.74 18.93 18.38
CA ALA D 111 38.20 18.73 17.01
C ALA D 111 37.03 18.22 16.18
N TRP D 112 36.36 19.14 15.51
CA TRP D 112 35.28 18.79 14.61
C TRP D 112 35.80 18.08 13.36
N GLY D 113 35.23 16.92 13.09
CA GLY D 113 35.40 16.30 11.80
C GLY D 113 36.66 15.51 11.68
N SER D 114 36.79 14.84 10.53
CA SER D 114 37.91 13.96 10.29
C SER D 114 39.16 14.77 9.99
N CYS D 115 39.00 15.95 9.39
CA CYS D 115 40.16 16.80 9.12
C CYS D 115 40.92 17.08 10.40
N ALA D 116 40.24 17.72 11.35
CA ALA D 116 40.85 18.10 12.63
C ALA D 116 41.24 16.88 13.48
N SER D 117 40.50 15.80 13.32
CA SER D 117 40.71 14.62 14.15
C SER D 117 41.85 13.75 13.63
N TRP D 118 41.90 13.51 12.32
CA TRP D 118 42.82 12.51 11.74
C TRP D 118 43.70 13.00 10.60
N GLY D 119 43.13 13.82 9.71
CA GLY D 119 43.74 14.27 8.46
C GLY D 119 42.73 14.46 7.31
N CYS D 120 41.76 13.54 7.19
CA CYS D 120 40.80 13.46 6.05
C CYS D 120 41.52 13.58 4.67
N VAL D 121 40.83 14.16 3.69
CA VAL D 121 41.22 14.04 2.29
C VAL D 121 42.57 14.70 1.90
N GLN D 122 42.88 15.87 2.48
CA GLN D 122 44.17 16.55 2.18
C GLN D 122 45.38 15.69 2.59
N ALA D 123 45.14 14.82 3.58
CA ALA D 123 46.17 13.98 4.20
C ALA D 123 46.23 12.60 3.58
N ALA D 124 45.33 12.32 2.64
CA ALA D 124 45.41 11.09 1.85
C ALA D 124 46.64 11.09 0.95
N ARG D 125 47.21 9.91 0.77
CA ARG D 125 48.41 9.70 -0.05
C ARG D 125 48.38 10.49 -1.37
N PRO D 126 49.47 11.24 -1.67
CA PRO D 126 50.73 11.35 -0.93
C PRO D 126 50.80 12.57 -0.01
N ASN D 127 49.65 13.13 0.37
CA ASN D 127 49.59 14.25 1.33
C ASN D 127 50.66 15.33 1.08
N PRO D 128 50.53 16.08 -0.02
CA PRO D 128 51.59 17.01 -0.44
C PRO D 128 51.74 18.16 0.53
N THR D 129 50.63 18.60 1.10
CA THR D 129 50.66 19.74 1.98
C THR D 129 51.08 19.41 3.41
N LYS D 130 51.42 18.15 3.67
CA LYS D 130 51.80 17.69 5.01
C LYS D 130 50.77 18.08 6.05
N ALA D 131 49.54 17.72 5.76
CA ALA D 131 48.42 18.04 6.60
C ALA D 131 48.41 17.15 7.84
N THR D 132 48.28 17.77 9.01
CA THR D 132 48.52 17.12 10.27
C THR D 132 47.39 17.52 11.22
N PRO D 133 46.79 16.55 11.93
CA PRO D 133 45.62 16.82 12.77
C PRO D 133 45.92 17.58 14.06
N VAL D 134 44.89 18.04 14.76
CA VAL D 134 45.07 18.90 15.90
C VAL D 134 45.94 18.21 16.94
N HIS D 135 45.54 17.01 17.37
CA HIS D 135 46.14 16.33 18.53
C HIS D 135 47.62 15.96 18.38
N LYS D 136 48.10 15.89 17.16
CA LYS D 136 49.53 15.74 16.93
C LYS D 136 50.28 17.05 17.04
N LEU D 137 49.55 18.17 17.11
CA LEU D 137 50.18 19.47 17.27
C LEU D 137 49.94 20.09 18.65
N ILE D 138 48.71 19.99 19.17
CA ILE D 138 48.40 20.47 20.50
C ILE D 138 48.33 19.28 21.42
N THR D 139 49.20 19.26 22.41
CA THR D 139 49.38 18.07 23.25
C THR D 139 49.36 18.38 24.75
N ASP D 140 48.98 19.60 25.13
CA ASP D 140 48.95 19.97 26.54
C ASP D 140 47.55 20.36 26.98
N LYS D 141 46.57 20.02 26.15
CA LYS D 141 45.18 20.38 26.39
C LYS D 141 44.31 19.19 26.02
N PRO D 142 43.17 19.03 26.71
CA PRO D 142 42.25 17.94 26.45
C PRO D 142 41.58 18.10 25.08
N ILE D 143 41.58 17.02 24.30
CA ILE D 143 40.99 17.08 22.97
C ILE D 143 39.85 16.09 22.84
N ILE D 144 38.67 16.60 22.46
CA ILE D 144 37.56 15.76 22.08
C ILE D 144 37.57 15.67 20.57
N LYS D 145 37.76 14.46 20.07
CA LYS D 145 37.69 14.19 18.63
C LYS D 145 36.26 13.82 18.32
N VAL D 146 35.62 14.56 17.41
CA VAL D 146 34.27 14.20 16.99
C VAL D 146 34.35 13.99 15.49
N PRO D 147 34.77 12.78 15.05
CA PRO D 147 35.13 12.57 13.65
C PRO D 147 33.98 12.19 12.72
N GLY D 148 34.32 12.00 11.45
CA GLY D 148 33.35 11.84 10.36
C GLY D 148 33.50 13.00 9.39
N CYS D 149 33.19 12.77 8.10
CA CYS D 149 33.34 13.76 7.04
C CYS D 149 32.02 14.07 6.38
N PRO D 150 31.17 14.89 7.04
CA PRO D 150 31.31 15.49 8.37
C PRO D 150 30.74 14.63 9.48
N PRO D 151 30.86 15.11 10.72
CA PRO D 151 30.08 14.53 11.76
C PRO D 151 28.61 14.69 11.45
N ILE D 152 27.82 13.92 12.16
CA ILE D 152 26.39 14.00 12.08
C ILE D 152 25.92 15.31 12.75
N PRO D 153 25.18 16.15 12.02
CA PRO D 153 24.63 17.35 12.60
C PRO D 153 24.14 17.23 14.05
N GLU D 154 23.25 16.28 14.35
CA GLU D 154 22.64 16.23 15.71
C GLU D 154 23.57 15.59 16.75
N VAL D 155 24.64 14.95 16.30
CA VAL D 155 25.71 14.51 17.20
C VAL D 155 26.50 15.73 17.68
N MET D 156 26.94 16.55 16.73
CA MET D 156 27.71 17.75 17.03
C MET D 156 26.98 18.56 18.06
N SER D 157 25.68 18.75 17.83
CA SER D 157 24.88 19.57 18.71
C SER D 157 24.65 18.89 20.06
N ALA D 158 24.46 17.57 20.06
CA ALA D 158 24.24 16.87 21.32
C ALA D 158 25.52 16.84 22.17
N VAL D 159 26.69 16.76 21.53
CA VAL D 159 27.95 16.85 22.29
C VAL D 159 28.11 18.17 23.02
N ILE D 160 27.81 19.29 22.35
CA ILE D 160 27.88 20.59 22.98
C ILE D 160 26.84 20.74 24.07
N THR D 161 25.60 20.36 23.81
CA THR D 161 24.54 20.52 24.82
C THR D 161 24.80 19.64 26.02
N TYR D 162 25.46 18.51 25.80
CA TYR D 162 25.87 17.66 26.90
C TYR D 162 26.90 18.33 27.79
N MET D 163 27.92 18.89 27.16
CA MET D 163 29.05 19.47 27.88
C MET D 163 28.59 20.64 28.70
N LEU D 164 27.70 21.44 28.14
CA LEU D 164 27.12 22.55 28.87
C LEU D 164 26.25 22.10 30.01
N ALA D 165 25.45 21.09 29.78
CA ALA D 165 24.46 20.69 30.75
C ALA D 165 25.08 20.00 31.95
N PHE D 166 26.06 19.16 31.68
CA PHE D 166 26.68 18.35 32.71
C PHE D 166 28.01 18.94 33.11
N ASP D 167 28.45 19.97 32.40
CA ASP D 167 29.67 20.68 32.72
C ASP D 167 30.80 19.68 32.90
N ARG D 168 31.02 18.88 31.87
CA ARG D 168 31.95 17.76 31.92
C ARG D 168 32.43 17.51 30.51
N ILE D 169 33.61 16.92 30.39
CA ILE D 169 33.99 16.28 29.13
C ILE D 169 33.33 14.90 29.12
N PRO D 170 32.64 14.56 28.05
CA PRO D 170 32.04 13.22 28.01
C PRO D 170 33.08 12.11 28.02
N PRO D 171 32.67 10.89 28.42
CA PRO D 171 33.55 9.73 28.36
C PRO D 171 34.17 9.51 26.99
N LEU D 172 35.50 9.49 26.91
CA LEU D 172 36.14 9.24 25.62
C LEU D 172 36.66 7.81 25.53
N ASP D 173 36.84 7.36 24.30
CA ASP D 173 37.44 6.05 24.03
C ASP D 173 38.98 6.28 23.90
N ARG D 174 39.72 5.29 23.40
CA ARG D 174 41.18 5.39 23.33
C ARG D 174 41.62 6.43 22.34
N LEU D 175 40.72 6.84 21.44
CA LEU D 175 41.08 7.74 20.36
C LEU D 175 40.55 9.14 20.65
N GLY D 176 39.85 9.28 21.78
CA GLY D 176 39.36 10.58 22.22
C GLY D 176 37.98 10.90 21.66
N ARG D 177 37.22 9.86 21.33
CA ARG D 177 35.92 10.04 20.76
C ARG D 177 34.88 9.82 21.82
N PRO D 178 33.82 10.65 21.83
CA PRO D 178 32.77 10.47 22.82
C PRO D 178 32.12 9.12 22.62
N LYS D 179 32.18 8.29 23.64
CA LYS D 179 31.70 6.93 23.56
C LYS D 179 30.24 6.91 23.23
N MET D 180 29.51 7.85 23.81
CA MET D 180 28.08 7.97 23.58
C MET D 180 27.69 7.73 22.13
N PHE D 181 28.46 8.30 21.19
CA PHE D 181 28.13 8.16 19.77
C PHE D 181 29.12 7.30 18.96
N TYR D 182 30.39 7.36 19.29
CA TYR D 182 31.39 6.62 18.53
C TYR D 182 31.75 5.29 19.21
N GLY D 183 30.91 4.87 20.16
CA GLY D 183 31.20 3.67 20.94
C GLY D 183 30.88 2.36 20.24
N GLN D 184 30.00 2.39 19.25
CA GLN D 184 29.55 1.17 18.60
C GLN D 184 29.63 1.24 17.09
N ARG D 185 29.97 0.11 16.49
CA ARG D 185 30.08 0.00 15.05
C ARG D 185 28.75 0.27 14.35
N ILE D 186 28.80 1.00 13.25
CA ILE D 186 27.64 1.14 12.39
C ILE D 186 27.05 -0.25 12.13
N HIS D 187 27.92 -1.17 11.75
CA HIS D 187 27.53 -2.53 11.41
C HIS D 187 26.87 -3.31 12.56
N ASP D 188 27.19 -2.96 13.80
CA ASP D 188 26.62 -3.65 14.95
C ASP D 188 25.28 -3.03 15.36
N LYS D 189 24.81 -2.04 14.61
CA LYS D 189 23.45 -1.54 14.76
C LYS D 189 22.83 -1.18 13.41
N CYS D 190 23.27 -1.89 12.38
CA CYS D 190 22.80 -1.66 11.04
C CYS D 190 21.54 -2.46 10.81
N TYR D 191 20.57 -1.82 10.15
CA TYR D 191 19.28 -2.45 9.87
C TYR D 191 19.34 -3.52 8.79
N ARG D 192 20.29 -3.39 7.87
CA ARG D 192 20.43 -4.34 6.78
C ARG D 192 21.21 -5.57 7.23
N ARG D 193 21.50 -5.63 8.52
CA ARG D 193 22.39 -6.64 9.05
C ARG D 193 21.80 -8.02 8.94
N ALA D 194 20.52 -8.13 9.24
CA ALA D 194 19.78 -9.35 9.03
C ALA D 194 20.19 -10.07 7.75
N HIS D 195 20.33 -9.30 6.69
CA HIS D 195 20.65 -9.81 5.36
C HIS D 195 22.07 -10.27 5.25
N PHE D 196 22.99 -9.48 5.79
CA PHE D 196 24.40 -9.89 5.88
C PHE D 196 24.48 -11.25 6.50
N ASP D 197 23.88 -11.38 7.67
CA ASP D 197 23.85 -12.64 8.42
C ASP D 197 23.22 -13.82 7.69
N ALA D 198 22.32 -13.56 6.74
CA ALA D 198 21.68 -14.63 5.97
C ALA D 198 22.23 -14.71 4.55
N GLY D 199 23.34 -14.01 4.30
CA GLY D 199 24.01 -14.04 2.99
C GLY D 199 23.25 -13.37 1.84
N GLN D 200 22.41 -12.40 2.17
CA GLN D 200 21.59 -11.74 1.18
C GLN D 200 22.31 -10.47 0.79
N PHE D 201 22.89 -10.42 -0.42
CA PHE D 201 23.70 -9.27 -0.81
C PHE D 201 23.34 -8.57 -2.12
N VAL D 202 23.64 -7.28 -2.18
CA VAL D 202 23.67 -6.59 -3.45
C VAL D 202 24.94 -7.05 -4.05
N GLU D 203 24.83 -7.60 -5.26
CA GLU D 203 25.98 -8.09 -6.02
C GLU D 203 26.38 -7.10 -7.10
N ALA D 204 25.40 -6.38 -7.63
CA ALA D 204 25.66 -5.25 -8.52
C ALA D 204 24.49 -4.29 -8.43
N TRP D 205 24.73 -3.04 -8.83
CA TRP D 205 23.77 -1.98 -8.57
C TRP D 205 22.45 -2.29 -9.26
N ASP D 206 21.37 -1.86 -8.60
CA ASP D 206 19.99 -2.03 -9.07
C ASP D 206 19.61 -3.48 -9.36
N ASP D 207 20.26 -4.44 -8.72
CA ASP D 207 19.86 -5.84 -8.87
C ASP D 207 18.70 -6.12 -7.91
N GLU D 208 18.10 -7.31 -8.01
CA GLU D 208 16.99 -7.64 -7.13
C GLU D 208 17.36 -7.36 -5.68
N GLY D 209 18.63 -7.60 -5.34
CA GLY D 209 19.15 -7.34 -4.00
C GLY D 209 19.05 -5.90 -3.58
N ALA D 210 19.64 -5.02 -4.39
CA ALA D 210 19.55 -3.57 -4.13
C ALA D 210 18.13 -3.10 -3.95
N ARG D 211 17.24 -3.52 -4.83
CA ARG D 211 15.84 -3.07 -4.77
C ARG D 211 15.09 -3.65 -3.56
N LYS D 212 15.67 -4.65 -2.90
CA LYS D 212 15.03 -5.32 -1.75
C LYS D 212 15.68 -4.85 -0.44
N GLY D 213 16.67 -3.94 -0.51
CA GLY D 213 17.40 -3.49 0.69
C GLY D 213 18.55 -4.36 1.24
N TYR D 214 19.10 -5.22 0.39
CA TYR D 214 20.13 -6.18 0.82
C TYR D 214 21.44 -5.53 1.28
N CYS D 215 22.25 -6.32 1.95
CA CYS D 215 23.46 -5.84 2.58
C CYS D 215 24.50 -5.48 1.52
N LEU D 216 25.14 -4.36 1.76
CA LEU D 216 26.02 -3.74 0.80
C LEU D 216 27.47 -4.16 0.95
N TYR D 217 27.71 -5.18 1.76
CA TYR D 217 29.07 -5.61 2.11
C TYR D 217 29.91 -5.93 0.90
N LYS D 218 29.29 -6.60 -0.06
CA LYS D 218 29.99 -7.02 -1.28
C LYS D 218 30.26 -5.84 -2.20
N MET D 219 29.48 -4.77 -2.05
CA MET D 219 29.67 -3.54 -2.81
C MET D 219 30.64 -2.59 -2.11
N GLY D 220 31.32 -3.08 -1.07
CA GLY D 220 32.46 -2.38 -0.45
C GLY D 220 32.12 -1.58 0.79
N CYS D 221 30.99 -1.90 1.43
CA CYS D 221 30.60 -1.21 2.65
C CYS D 221 31.64 -1.44 3.71
N LYS D 222 32.05 -0.37 4.40
CA LYS D 222 33.02 -0.46 5.51
C LYS D 222 32.38 -0.28 6.89
N GLY D 223 31.06 -0.44 6.95
CA GLY D 223 30.31 -0.34 8.20
C GLY D 223 30.85 -1.23 9.31
N PRO D 224 31.42 -2.41 8.96
CA PRO D 224 31.90 -3.29 10.03
C PRO D 224 33.22 -2.94 10.68
N THR D 225 33.94 -1.97 10.12
CA THR D 225 35.21 -1.51 10.69
C THR D 225 35.06 -0.05 11.20
N THR D 226 33.82 0.47 11.28
CA THR D 226 33.58 1.91 11.35
C THR D 226 32.61 2.36 12.43
N TYR D 227 33.09 3.23 13.32
CA TYR D 227 32.34 3.72 14.47
C TYR D 227 31.80 5.10 14.21
N ASN D 228 30.50 5.23 14.41
CA ASN D 228 29.77 6.49 14.31
C ASN D 228 28.36 6.15 14.75
N ALA D 229 27.47 7.14 14.76
CA ALA D 229 26.07 6.88 15.07
C ALA D 229 25.13 6.85 13.87
N CYS D 230 25.67 6.76 12.65
CA CYS D 230 24.87 6.88 11.42
C CYS D 230 23.71 5.89 11.31
N SER D 231 23.86 4.69 11.86
CA SER D 231 22.83 3.65 11.71
C SER D 231 21.65 3.84 12.68
N THR D 232 21.81 4.78 13.62
CA THR D 232 20.94 4.95 14.76
C THR D 232 20.39 6.37 14.82
N VAL D 233 21.28 7.33 15.06
CA VAL D 233 20.90 8.73 15.13
C VAL D 233 20.51 9.19 13.75
N ARG D 234 21.24 8.69 12.75
CA ARG D 234 20.97 8.91 11.32
C ARG D 234 21.20 10.36 10.92
N TRP D 235 21.01 10.69 9.65
CA TRP D 235 21.33 12.03 9.14
C TRP D 235 20.14 12.99 8.86
N ASN D 236 20.37 14.27 9.14
CA ASN D 236 19.44 15.34 8.86
C ASN D 236 18.05 15.13 9.43
N ASP D 237 17.96 15.19 10.75
CA ASP D 237 16.70 14.94 11.43
C ASP D 237 16.30 13.48 11.23
N GLY D 238 17.32 12.63 11.24
CA GLY D 238 17.11 11.20 11.10
C GLY D 238 16.33 10.79 9.89
N VAL D 239 16.51 11.51 8.79
CA VAL D 239 15.82 11.19 7.54
C VAL D 239 16.39 9.94 6.91
N SER D 240 17.72 9.83 6.84
CA SER D 240 18.39 8.65 6.27
C SER D 240 19.86 8.54 6.70
N PHE D 241 20.59 7.58 6.13
CA PHE D 241 22.03 7.49 6.29
C PHE D 241 22.62 6.71 5.10
N PRO D 242 23.92 6.82 4.84
CA PRO D 242 24.44 6.43 3.55
C PRO D 242 23.96 5.09 3.05
N ILE D 243 24.00 4.11 3.95
CA ILE D 243 23.63 2.72 3.65
C ILE D 243 22.15 2.62 3.30
N GLN D 244 21.29 3.09 4.21
CA GLN D 244 19.85 3.23 3.95
C GLN D 244 19.53 3.82 2.58
N SER D 245 20.26 4.83 2.13
CA SER D 245 20.03 5.40 0.80
C SER D 245 20.83 4.72 -0.33
N GLY D 246 21.29 3.49 -0.12
CA GLY D 246 21.78 2.64 -1.22
C GLY D 246 23.29 2.43 -1.44
N HIS D 247 24.10 3.18 -0.69
CA HIS D 247 25.55 3.16 -0.84
C HIS D 247 26.27 2.68 0.43
N GLY D 248 27.28 1.83 0.25
CA GLY D 248 28.04 1.31 1.36
C GLY D 248 28.73 2.40 2.14
N CYS D 249 28.90 2.15 3.43
CA CYS D 249 29.70 3.04 4.25
C CYS D 249 31.10 3.19 3.63
N LEU D 250 31.59 4.44 3.60
CA LEU D 250 32.93 4.79 3.12
C LEU D 250 33.98 4.60 4.22
N GLY D 251 33.51 4.41 5.45
CA GLY D 251 34.37 4.42 6.64
C GLY D 251 34.87 5.80 7.03
N CYS D 252 34.10 6.84 6.73
CA CYS D 252 34.64 8.21 6.78
C CYS D 252 34.92 8.79 8.17
N SER D 253 34.57 8.09 9.23
CA SER D 253 34.85 8.57 10.57
C SER D 253 36.12 7.98 11.13
N GLU D 254 36.76 7.09 10.37
CA GLU D 254 37.94 6.35 10.83
C GLU D 254 39.23 6.83 10.17
N ASP D 255 40.33 6.73 10.91
CA ASP D 255 41.62 7.18 10.43
C ASP D 255 42.03 6.44 9.16
N GLY D 256 42.40 7.20 8.14
CA GLY D 256 43.01 6.69 6.92
C GLY D 256 42.07 6.07 5.92
N PHE D 257 40.76 6.25 6.11
CA PHE D 257 39.77 5.61 5.23
C PHE D 257 40.00 5.88 3.75
N TRP D 258 40.65 7.00 3.45
CA TRP D 258 40.98 7.33 2.05
C TRP D 258 41.97 6.33 1.45
N ASP D 259 42.96 5.90 2.22
CA ASP D 259 43.97 4.97 1.71
C ASP D 259 43.74 3.56 2.20
N TYR D 260 42.54 3.27 2.70
CA TYR D 260 42.22 1.93 3.16
C TYR D 260 41.89 0.99 1.97
N GLY D 261 42.36 1.34 0.78
CA GLY D 261 41.97 0.62 -0.43
C GLY D 261 40.79 1.31 -1.08
N SER D 262 40.16 0.64 -2.04
CA SER D 262 39.02 1.22 -2.77
C SER D 262 37.75 1.23 -1.93
N PHE D 263 36.82 2.11 -2.27
CA PHE D 263 35.53 2.17 -1.60
C PHE D 263 34.61 1.06 -2.04
N TYR D 264 34.88 0.44 -3.18
CA TYR D 264 34.03 -0.63 -3.65
C TYR D 264 34.72 -2.00 -3.55
N SER D 265 35.71 -2.13 -2.64
CA SER D 265 36.38 -3.41 -2.32
C SER D 265 36.26 -3.77 -0.83
N ARG D 266 36.49 -5.04 -0.47
CA ARG D 266 35.88 -5.64 0.74
C ARG D 266 36.64 -5.59 2.09
N TYR E 3 -53.11 -50.43 -16.33
CA TYR E 3 -53.96 -49.28 -15.90
C TYR E 3 -53.85 -48.17 -16.94
N PRO E 4 -54.77 -48.12 -17.92
CA PRO E 4 -54.89 -46.90 -18.75
C PRO E 4 -55.26 -45.68 -17.90
N TYR E 5 -54.23 -44.91 -17.54
CA TYR E 5 -54.36 -43.74 -16.67
C TYR E 5 -53.75 -42.46 -17.23
N GLN E 6 -54.14 -41.33 -16.65
CA GLN E 6 -53.80 -40.00 -17.16
C GLN E 6 -53.27 -39.08 -16.07
N THR E 7 -52.10 -38.52 -16.36
CA THR E 7 -51.43 -37.67 -15.39
C THR E 7 -51.46 -36.17 -15.70
N GLN E 8 -50.65 -35.67 -16.62
CA GLN E 8 -50.46 -34.22 -16.79
C GLN E 8 -50.79 -33.74 -18.21
N GLY E 9 -52.08 -33.54 -18.51
CA GLY E 9 -52.53 -33.22 -19.87
C GLY E 9 -52.60 -34.49 -20.70
N PHE E 10 -51.51 -35.25 -20.68
CA PHE E 10 -51.39 -36.47 -21.49
C PHE E 10 -52.18 -37.63 -20.90
N THR E 11 -52.55 -38.57 -21.78
CA THR E 11 -53.25 -39.78 -21.34
C THR E 11 -52.52 -41.02 -21.89
N LEU E 12 -52.22 -41.97 -20.99
CA LEU E 12 -51.23 -43.02 -21.23
C LEU E 12 -51.88 -44.38 -21.41
N ASP E 13 -51.58 -45.05 -22.52
CA ASP E 13 -52.13 -46.38 -22.78
C ASP E 13 -51.04 -47.41 -23.07
N ASN E 14 -51.05 -48.49 -22.29
CA ASN E 14 -50.01 -49.51 -22.33
C ASN E 14 -50.39 -50.66 -23.23
N SER E 15 -51.48 -50.50 -24.00
CA SER E 15 -51.86 -51.44 -25.07
C SER E 15 -51.59 -50.82 -26.46
N GLY E 16 -51.66 -51.65 -27.49
CA GLY E 16 -51.18 -51.26 -28.83
C GLY E 16 -49.79 -51.81 -29.07
N ARG E 17 -49.27 -51.67 -30.29
CA ARG E 17 -47.94 -52.18 -30.67
C ARG E 17 -46.83 -51.63 -29.77
N ARG E 18 -45.73 -52.35 -29.58
CA ARG E 18 -44.58 -51.77 -28.83
C ARG E 18 -43.23 -51.76 -29.55
N ILE E 19 -42.83 -50.57 -29.97
CA ILE E 19 -41.51 -50.32 -30.56
C ILE E 19 -40.42 -50.22 -29.47
N VAL E 20 -39.23 -50.72 -29.78
CA VAL E 20 -38.06 -50.63 -28.89
C VAL E 20 -36.85 -49.98 -29.55
N VAL E 21 -36.23 -49.05 -28.85
CA VAL E 21 -35.01 -48.42 -29.35
C VAL E 21 -33.92 -48.62 -28.30
N ASP E 22 -32.98 -49.51 -28.61
CA ASP E 22 -31.86 -49.87 -27.75
C ASP E 22 -30.82 -50.56 -28.63
N PRO E 23 -29.65 -49.94 -28.82
CA PRO E 23 -29.15 -48.74 -28.16
C PRO E 23 -29.72 -47.46 -28.75
N VAL E 24 -29.87 -46.42 -27.92
CA VAL E 24 -30.19 -45.10 -28.44
C VAL E 24 -28.86 -44.46 -28.70
N THR E 25 -28.53 -44.25 -29.97
CA THR E 25 -27.25 -43.67 -30.35
C THR E 25 -27.31 -42.16 -30.50
N ARG E 26 -26.14 -41.56 -30.75
CA ARG E 26 -25.98 -40.11 -30.90
C ARG E 26 -26.46 -39.37 -29.62
N ILE E 27 -25.99 -39.97 -28.53
CA ILE E 27 -26.11 -39.42 -27.21
C ILE E 27 -24.86 -39.82 -26.44
N GLU E 28 -24.66 -39.24 -25.27
CA GLU E 28 -23.61 -39.72 -24.41
C GLU E 28 -24.17 -40.94 -23.70
N GLY E 29 -23.37 -42.01 -23.69
CA GLY E 29 -23.67 -43.20 -22.90
C GLY E 29 -24.88 -44.02 -23.32
N HIS E 30 -25.50 -44.70 -22.34
CA HIS E 30 -26.42 -45.78 -22.63
C HIS E 30 -27.83 -45.53 -22.17
N MET E 31 -28.73 -45.43 -23.15
CA MET E 31 -30.15 -45.37 -22.90
C MET E 31 -30.90 -46.47 -23.63
N ARG E 32 -32.13 -46.71 -23.18
CA ARG E 32 -33.10 -47.56 -23.86
C ARG E 32 -34.47 -46.89 -23.82
N CYS E 33 -35.03 -46.57 -24.99
CA CYS E 33 -36.39 -46.05 -25.03
C CYS E 33 -37.32 -47.13 -25.49
N GLU E 34 -38.46 -47.22 -24.82
CA GLU E 34 -39.59 -48.01 -25.32
C GLU E 34 -40.86 -47.15 -25.46
N VAL E 35 -41.58 -47.34 -26.55
CA VAL E 35 -42.88 -46.65 -26.74
C VAL E 35 -43.96 -47.61 -27.24
N ASN E 36 -45.22 -47.28 -26.95
CA ASN E 36 -46.37 -47.96 -27.51
C ASN E 36 -47.01 -47.08 -28.57
N ILE E 37 -47.47 -47.71 -29.63
CA ILE E 37 -48.25 -46.99 -30.61
C ILE E 37 -49.69 -47.51 -30.64
N ASP E 38 -50.62 -46.63 -31.01
CA ASP E 38 -51.98 -47.02 -31.31
C ASP E 38 -52.02 -47.57 -32.74
N SER E 39 -53.20 -48.06 -33.13
CA SER E 39 -53.47 -48.52 -34.49
C SER E 39 -53.10 -47.47 -35.54
N ASN E 40 -53.20 -46.20 -35.19
CA ASN E 40 -52.95 -45.06 -36.08
C ASN E 40 -51.49 -44.56 -36.15
N ASN E 41 -50.58 -45.27 -35.49
CA ASN E 41 -49.16 -44.89 -35.43
C ASN E 41 -48.83 -43.60 -34.63
N VAL E 42 -49.62 -43.35 -33.59
CA VAL E 42 -49.34 -42.26 -32.64
C VAL E 42 -48.94 -42.85 -31.29
N ILE E 43 -47.94 -42.24 -30.65
CA ILE E 43 -47.40 -42.75 -29.40
C ILE E 43 -48.37 -42.57 -28.20
N THR E 44 -48.94 -43.67 -27.73
CA THR E 44 -49.88 -43.63 -26.60
C THR E 44 -49.14 -43.80 -25.29
N ASN E 45 -47.90 -44.28 -25.37
CA ASN E 45 -47.06 -44.47 -24.19
C ASN E 45 -45.58 -44.34 -24.54
N ALA E 46 -44.81 -43.78 -23.61
CA ALA E 46 -43.37 -43.63 -23.76
C ALA E 46 -42.65 -43.92 -22.44
N VAL E 47 -41.50 -44.59 -22.54
CA VAL E 47 -40.78 -45.11 -21.37
C VAL E 47 -39.27 -44.86 -21.45
N SER E 48 -38.69 -44.27 -20.40
CA SER E 48 -37.26 -43.87 -20.44
C SER E 48 -36.34 -44.60 -19.45
N THR E 49 -35.66 -45.61 -19.96
CA THR E 49 -34.80 -46.47 -19.16
C THR E 49 -33.33 -46.10 -19.33
N GLY E 50 -32.69 -45.68 -18.23
CA GLY E 50 -31.24 -45.49 -18.21
C GLY E 50 -30.57 -46.85 -18.08
N THR E 51 -29.65 -47.14 -19.00
CA THR E 51 -29.07 -48.49 -19.05
C THR E 51 -27.67 -48.62 -18.41
N MET E 52 -27.26 -47.69 -17.55
CA MET E 52 -25.91 -47.78 -16.90
C MET E 52 -25.86 -47.21 -15.48
N TRP E 53 -24.80 -47.51 -14.75
CA TRP E 53 -24.54 -46.87 -13.45
C TRP E 53 -23.13 -47.18 -13.01
N ARG E 54 -22.52 -46.24 -12.28
CA ARG E 54 -21.14 -46.36 -11.79
C ARG E 54 -20.97 -46.07 -10.31
N GLY E 55 -21.69 -45.06 -9.85
CA GLY E 55 -21.83 -44.80 -8.42
C GLY E 55 -20.73 -43.97 -7.84
N LEU E 56 -20.70 -42.70 -8.23
CA LEU E 56 -19.76 -41.80 -7.61
C LEU E 56 -20.29 -41.36 -6.25
N GLU E 57 -21.58 -41.08 -6.20
CA GLU E 57 -22.22 -40.78 -4.93
C GLU E 57 -21.70 -41.69 -3.77
N VAL E 58 -21.27 -42.90 -4.13
CA VAL E 58 -20.74 -43.89 -3.16
C VAL E 58 -19.24 -43.85 -3.06
N ILE E 59 -18.58 -43.79 -4.20
CA ILE E 59 -17.12 -43.76 -4.27
C ILE E 59 -16.47 -42.59 -3.50
N LEU E 60 -17.18 -41.48 -3.34
CA LEU E 60 -16.62 -40.30 -2.69
C LEU E 60 -16.62 -40.35 -1.15
N LYS E 61 -17.26 -41.34 -0.55
CA LYS E 61 -17.32 -41.36 0.90
C LYS E 61 -15.91 -41.45 1.46
N GLY E 62 -15.56 -40.52 2.33
CA GLY E 62 -14.32 -40.59 3.09
C GLY E 62 -13.09 -40.11 2.34
N ARG E 63 -13.32 -39.34 1.28
CA ARG E 63 -12.21 -38.75 0.52
C ARG E 63 -12.09 -37.31 0.92
N ASP E 64 -11.01 -36.69 0.44
CA ASP E 64 -10.72 -35.29 0.75
C ASP E 64 -11.57 -34.37 -0.12
N PRO E 65 -12.36 -33.47 0.49
CA PRO E 65 -13.25 -32.59 -0.28
C PRO E 65 -12.53 -31.74 -1.33
N ARG E 66 -11.24 -31.51 -1.11
CA ARG E 66 -10.40 -30.85 -2.11
C ARG E 66 -10.18 -31.67 -3.39
N ASP E 67 -10.14 -33.01 -3.23
CA ASP E 67 -9.99 -34.00 -4.33
C ASP E 67 -11.29 -34.24 -5.11
N ALA E 68 -12.41 -33.90 -4.49
CA ALA E 68 -13.73 -34.27 -4.98
C ALA E 68 -13.91 -33.89 -6.40
N TRP E 69 -13.64 -32.65 -6.77
CA TRP E 69 -13.88 -32.21 -8.15
C TRP E 69 -13.26 -33.16 -9.23
N ALA E 70 -12.10 -33.74 -8.92
CA ALA E 70 -11.39 -34.56 -9.89
C ALA E 70 -12.09 -35.90 -10.15
N PHE E 71 -12.70 -36.49 -9.12
CA PHE E 71 -13.54 -37.68 -9.26
C PHE E 71 -14.81 -37.36 -10.04
N VAL E 72 -15.62 -36.43 -9.50
CA VAL E 72 -16.90 -36.08 -10.13
C VAL E 72 -16.76 -35.53 -11.55
N GLU E 73 -15.59 -34.96 -11.84
CA GLU E 73 -15.28 -34.55 -13.20
C GLU E 73 -15.48 -35.74 -14.14
N ARG E 74 -15.01 -36.90 -13.70
CA ARG E 74 -15.08 -38.10 -14.52
C ARG E 74 -16.49 -38.75 -14.52
N ILE E 75 -17.51 -37.99 -14.12
CA ILE E 75 -18.91 -38.39 -14.36
C ILE E 75 -19.18 -38.32 -15.86
N CYS E 76 -18.54 -37.37 -16.55
CA CYS E 76 -18.87 -37.14 -17.94
C CYS E 76 -17.80 -36.31 -18.62
N GLY E 77 -17.42 -36.76 -19.82
CA GLY E 77 -16.40 -36.13 -20.64
C GLY E 77 -16.96 -35.28 -21.77
N VAL E 78 -18.28 -35.35 -21.97
CA VAL E 78 -18.97 -34.50 -22.96
C VAL E 78 -19.33 -33.17 -22.31
N CYS E 79 -20.00 -33.29 -21.14
CA CYS E 79 -20.48 -32.17 -20.24
C CYS E 79 -19.22 -31.82 -19.36
N THR E 80 -18.01 -31.65 -19.95
CA THR E 80 -16.75 -31.66 -19.14
C THR E 80 -16.41 -30.39 -18.35
N GLY E 81 -16.27 -30.57 -17.04
CA GLY E 81 -15.85 -29.49 -16.18
C GLY E 81 -16.99 -28.91 -15.43
N THR E 82 -18.22 -29.17 -15.86
CA THR E 82 -19.37 -28.56 -15.19
C THR E 82 -19.58 -29.22 -13.83
N HIS E 83 -19.08 -30.44 -13.71
CA HIS E 83 -19.20 -31.20 -12.47
C HIS E 83 -18.14 -30.81 -11.48
N ALA E 84 -16.92 -30.64 -11.96
CA ALA E 84 -15.85 -30.16 -11.11
C ALA E 84 -16.20 -28.78 -10.51
N LEU E 85 -16.65 -27.88 -11.39
CA LEU E 85 -17.00 -26.51 -11.04
C LEU E 85 -18.07 -26.46 -9.97
N THR E 86 -19.05 -27.35 -10.09
CA THR E 86 -20.08 -27.48 -9.07
C THR E 86 -19.46 -28.01 -7.77
N SER E 87 -18.56 -28.98 -7.90
CA SER E 87 -17.97 -29.62 -6.72
C SER E 87 -17.22 -28.62 -5.88
N ILE E 88 -16.30 -27.92 -6.52
CA ILE E 88 -15.56 -26.89 -5.79
C ILE E 88 -16.52 -25.81 -5.16
N ARG E 89 -17.55 -25.43 -5.89
CA ARG E 89 -18.52 -24.48 -5.40
C ARG E 89 -19.15 -25.00 -4.12
N ALA E 90 -19.50 -26.29 -4.15
CA ALA E 90 -20.14 -26.96 -3.02
C ALA E 90 -19.24 -26.96 -1.78
N VAL E 91 -17.98 -27.38 -1.98
CA VAL E 91 -16.99 -27.37 -0.90
C VAL E 91 -16.79 -25.96 -0.37
N GLU E 92 -16.51 -25.04 -1.29
CA GLU E 92 -16.31 -23.64 -0.95
C GLU E 92 -17.51 -23.13 -0.20
N ASN E 93 -18.70 -23.52 -0.66
CA ASN E 93 -19.92 -23.14 0.00
C ASN E 93 -19.91 -23.59 1.46
N ALA E 94 -19.62 -24.87 1.68
CA ALA E 94 -19.60 -25.45 3.03
C ALA E 94 -18.58 -24.82 3.96
N LEU E 95 -17.37 -24.65 3.46
CA LEU E 95 -16.26 -24.15 4.28
C LEU E 95 -16.23 -22.62 4.41
N GLY E 96 -16.89 -21.94 3.46
CA GLY E 96 -17.02 -20.49 3.45
C GLY E 96 -15.90 -19.78 2.72
N ILE E 97 -15.39 -20.40 1.67
CA ILE E 97 -14.23 -19.88 0.99
C ILE E 97 -14.63 -18.85 -0.06
N ALA E 98 -13.92 -17.72 -0.05
CA ALA E 98 -14.10 -16.72 -1.09
C ALA E 98 -12.95 -16.74 -2.13
N ILE E 99 -13.30 -17.03 -3.37
CA ILE E 99 -12.32 -17.03 -4.45
C ILE E 99 -12.19 -15.63 -5.04
N PRO E 100 -10.98 -15.27 -5.47
CA PRO E 100 -10.74 -13.95 -6.03
C PRO E 100 -11.43 -13.68 -7.37
N ASP E 101 -11.39 -12.44 -7.82
CA ASP E 101 -12.13 -12.07 -9.01
C ASP E 101 -11.63 -12.80 -10.26
N ASN E 102 -10.32 -12.81 -10.47
CA ASN E 102 -9.75 -13.47 -11.65
C ASN E 102 -10.12 -14.95 -11.70
N ALA E 103 -10.23 -15.60 -10.55
CA ALA E 103 -10.62 -17.00 -10.53
C ALA E 103 -12.08 -17.12 -11.00
N ASN E 104 -12.98 -16.32 -10.42
CA ASN E 104 -14.37 -16.30 -10.84
C ASN E 104 -14.52 -16.05 -12.33
N CYS E 105 -13.66 -15.18 -12.87
CA CYS E 105 -13.62 -14.86 -14.30
C CYS E 105 -13.23 -16.07 -15.12
N ILE E 106 -12.06 -16.59 -14.85
CA ILE E 106 -11.55 -17.76 -15.56
C ILE E 106 -12.53 -18.94 -15.52
N ARG E 107 -13.04 -19.26 -14.34
CA ARG E 107 -14.01 -20.32 -14.24
C ARG E 107 -15.14 -20.06 -15.22
N ASN E 108 -15.76 -18.88 -15.12
CA ASN E 108 -16.88 -18.54 -16.00
C ASN E 108 -16.52 -18.64 -17.48
N MET E 109 -15.28 -18.29 -17.82
CA MET E 109 -14.80 -18.45 -19.20
C MET E 109 -14.77 -19.91 -19.61
N MET E 110 -14.30 -20.75 -18.71
CA MET E 110 -14.20 -22.18 -18.99
C MET E 110 -15.56 -22.83 -19.10
N GLN E 111 -16.51 -22.36 -18.32
CA GLN E 111 -17.86 -22.90 -18.36
C GLN E 111 -18.57 -22.42 -19.63
N ALA E 112 -18.30 -21.18 -20.00
CA ALA E 112 -18.85 -20.62 -21.23
C ALA E 112 -18.29 -21.36 -22.44
N THR E 113 -16.99 -21.69 -22.38
CA THR E 113 -16.32 -22.42 -23.43
C THR E 113 -16.96 -23.78 -23.60
N LEU E 114 -17.19 -24.47 -22.50
CA LEU E 114 -18.01 -25.71 -22.54
C LEU E 114 -19.34 -25.53 -23.25
N HIS E 115 -20.14 -24.58 -22.78
CA HIS E 115 -21.46 -24.32 -23.36
C HIS E 115 -21.40 -24.15 -24.87
N VAL E 116 -20.44 -23.38 -25.35
CA VAL E 116 -20.29 -23.15 -26.77
C VAL E 116 -19.89 -24.42 -27.48
N HIS E 117 -18.83 -25.05 -26.99
CA HIS E 117 -18.32 -26.24 -27.61
C HIS E 117 -19.34 -27.41 -27.60
N ASP E 118 -19.87 -27.71 -26.43
CA ASP E 118 -20.87 -28.75 -26.28
C ASP E 118 -22.06 -28.58 -27.25
N HIS E 119 -22.72 -27.43 -27.19
CA HIS E 119 -23.84 -27.13 -28.05
C HIS E 119 -23.49 -27.33 -29.51
N LEU E 120 -22.34 -26.85 -29.94
CA LEU E 120 -21.96 -27.00 -31.35
C LEU E 120 -21.71 -28.46 -31.76
N VAL E 121 -20.91 -29.18 -30.98
CA VAL E 121 -20.67 -30.60 -31.24
C VAL E 121 -21.98 -31.37 -31.21
N HIS E 122 -22.86 -31.02 -30.26
CA HIS E 122 -24.18 -31.68 -30.18
C HIS E 122 -25.07 -31.48 -31.38
N PHE E 123 -25.14 -30.26 -31.89
CA PHE E 123 -26.04 -30.05 -33.02
C PHE E 123 -25.61 -30.84 -34.23
N TYR E 124 -24.37 -30.66 -34.62
CA TYR E 124 -23.86 -31.27 -35.83
C TYR E 124 -23.66 -32.77 -35.65
N HIS E 125 -22.95 -33.17 -34.62
CA HIS E 125 -22.44 -34.53 -34.61
C HIS E 125 -23.34 -35.52 -33.88
N LEU E 126 -24.34 -35.00 -33.18
CA LEU E 126 -25.29 -35.87 -32.53
C LEU E 126 -26.68 -35.71 -33.13
N HIS E 127 -27.15 -34.47 -33.27
CA HIS E 127 -28.54 -34.21 -33.64
C HIS E 127 -28.80 -34.12 -35.18
N ALA E 128 -27.83 -33.59 -35.93
CA ALA E 128 -28.05 -33.17 -37.32
C ALA E 128 -28.54 -34.26 -38.21
N LEU E 129 -27.98 -35.46 -38.05
CA LEU E 129 -28.33 -36.59 -38.91
C LEU E 129 -29.76 -37.15 -38.68
N ASP E 130 -30.52 -36.53 -37.79
CA ASP E 130 -31.95 -36.78 -37.70
C ASP E 130 -32.68 -35.96 -38.74
N TRP E 131 -32.10 -34.83 -39.15
CA TRP E 131 -32.74 -33.90 -40.08
C TRP E 131 -32.05 -33.83 -41.44
N VAL E 132 -30.90 -34.48 -41.58
CA VAL E 132 -30.07 -34.37 -42.79
C VAL E 132 -29.85 -35.71 -43.49
N ASP E 133 -30.34 -35.81 -44.72
CA ASP E 133 -30.13 -37.00 -45.52
C ASP E 133 -28.78 -36.84 -46.23
N VAL E 134 -27.82 -37.67 -45.80
CA VAL E 134 -26.45 -37.59 -46.32
C VAL E 134 -26.36 -37.98 -47.77
N VAL E 135 -27.05 -39.03 -48.17
CA VAL E 135 -26.98 -39.47 -49.58
C VAL E 135 -27.70 -38.46 -50.46
N ALA E 136 -28.85 -37.98 -50.02
CA ALA E 136 -29.57 -36.92 -50.76
C ALA E 136 -28.60 -35.84 -51.23
N ALA E 137 -27.64 -35.50 -50.37
CA ALA E 137 -26.67 -34.45 -50.66
C ALA E 137 -25.90 -34.70 -51.95
N LEU E 138 -25.72 -35.96 -52.31
CA LEU E 138 -25.05 -36.34 -53.55
C LEU E 138 -25.80 -35.88 -54.76
N LYS E 139 -27.12 -35.72 -54.65
CA LYS E 139 -27.96 -35.21 -55.74
C LYS E 139 -27.74 -33.71 -56.05
N ALA E 140 -27.17 -32.97 -55.10
CA ALA E 140 -27.18 -31.50 -55.13
C ALA E 140 -26.37 -30.85 -56.24
N ASP E 141 -26.76 -29.61 -56.57
CA ASP E 141 -26.03 -28.77 -57.51
C ASP E 141 -25.16 -27.86 -56.69
N PRO E 142 -23.83 -27.96 -56.87
CA PRO E 142 -22.89 -27.13 -56.13
C PRO E 142 -23.13 -25.64 -56.30
N HIS E 143 -23.41 -25.19 -57.52
CA HIS E 143 -23.53 -23.77 -57.79
C HIS E 143 -24.67 -23.18 -56.99
N GLN E 144 -25.79 -23.90 -56.84
CA GLN E 144 -26.91 -23.42 -56.00
C GLN E 144 -26.58 -23.54 -54.54
N THR E 145 -26.05 -24.70 -54.16
CA THR E 145 -25.60 -24.91 -52.78
C THR E 145 -24.80 -23.69 -52.26
N SER E 146 -23.76 -23.31 -53.00
CA SER E 146 -23.00 -22.09 -52.74
C SER E 146 -23.95 -20.92 -52.61
N ALA E 147 -24.77 -20.69 -53.63
CA ALA E 147 -25.64 -19.52 -53.64
C ALA E 147 -26.53 -19.46 -52.41
N ILE E 148 -27.00 -20.63 -51.97
CA ILE E 148 -27.86 -20.72 -50.79
C ILE E 148 -27.09 -20.32 -49.53
N ALA E 149 -25.97 -21.01 -49.34
CA ALA E 149 -25.07 -20.80 -48.21
C ALA E 149 -24.59 -19.37 -48.11
N GLN E 150 -24.58 -18.66 -49.23
CA GLN E 150 -24.11 -17.26 -49.30
C GLN E 150 -25.22 -16.27 -49.01
N SER E 151 -26.44 -16.63 -49.38
CA SER E 151 -27.58 -15.81 -49.06
C SER E 151 -28.07 -16.13 -47.65
N LEU E 152 -27.48 -17.16 -47.04
CA LEU E 152 -27.79 -17.49 -45.66
C LEU E 152 -26.85 -16.77 -44.67
N SER E 153 -25.64 -16.41 -45.12
CA SER E 153 -24.59 -15.88 -44.21
C SER E 153 -23.25 -15.49 -44.86
N ALA E 154 -22.50 -14.70 -44.11
CA ALA E 154 -21.22 -14.11 -44.53
C ALA E 154 -20.00 -15.01 -44.30
N TRP E 155 -20.25 -16.19 -43.75
CA TRP E 155 -19.22 -17.21 -43.66
C TRP E 155 -18.59 -17.40 -45.03
N PRO E 156 -17.26 -17.31 -45.06
CA PRO E 156 -16.46 -17.29 -46.29
C PRO E 156 -16.27 -18.60 -47.04
N LEU E 157 -16.43 -19.74 -46.37
CA LEU E 157 -16.21 -21.05 -46.98
C LEU E 157 -17.47 -21.52 -47.69
N SER E 158 -17.61 -21.05 -48.93
CA SER E 158 -18.85 -21.18 -49.68
C SER E 158 -18.67 -21.35 -51.20
N SER E 159 -17.42 -21.41 -51.65
CA SER E 159 -17.18 -21.46 -53.09
C SER E 159 -17.86 -22.69 -53.68
N PRO E 160 -18.39 -22.56 -54.89
CA PRO E 160 -18.95 -23.74 -55.54
C PRO E 160 -17.94 -24.86 -55.69
N GLY E 161 -16.70 -24.51 -56.00
CA GLY E 161 -15.62 -25.50 -56.10
C GLY E 161 -15.46 -26.35 -54.83
N TYR E 162 -15.40 -25.68 -53.68
CA TYR E 162 -15.37 -26.35 -52.40
C TYR E 162 -16.49 -27.33 -52.19
N PHE E 163 -17.71 -27.00 -52.63
CA PHE E 163 -18.82 -27.92 -52.50
C PHE E 163 -18.70 -29.13 -53.47
N ARG E 164 -18.47 -28.88 -54.77
CA ARG E 164 -18.17 -29.96 -55.79
C ARG E 164 -17.20 -30.97 -55.24
N ASP E 165 -16.10 -30.49 -54.67
CA ASP E 165 -15.01 -31.35 -54.24
C ASP E 165 -15.42 -32.17 -53.04
N LEU E 166 -16.02 -31.52 -52.05
CA LEU E 166 -16.57 -32.24 -50.91
C LEU E 166 -17.62 -33.23 -51.36
N GLN E 167 -18.42 -32.85 -52.35
CA GLN E 167 -19.46 -33.75 -52.85
C GLN E 167 -18.84 -34.99 -53.49
N ASN E 168 -17.84 -34.79 -54.34
CA ASN E 168 -17.11 -35.91 -54.94
C ASN E 168 -16.41 -36.82 -53.92
N ARG E 169 -15.86 -36.22 -52.86
CA ARG E 169 -15.29 -36.99 -51.78
C ARG E 169 -16.36 -37.85 -51.10
N LEU E 170 -17.49 -37.22 -50.79
CA LEU E 170 -18.61 -37.89 -50.11
C LEU E 170 -19.12 -39.05 -50.95
N LYS E 171 -19.27 -38.80 -52.25
CA LYS E 171 -19.67 -39.80 -53.24
C LYS E 171 -18.76 -41.00 -53.22
N ARG E 172 -17.46 -40.76 -53.36
CA ARG E 172 -16.50 -41.86 -53.32
C ARG E 172 -16.61 -42.64 -51.99
N PHE E 173 -16.82 -41.94 -50.89
CA PHE E 173 -16.99 -42.61 -49.60
C PHE E 173 -18.18 -43.58 -49.62
N ILE E 174 -19.33 -43.10 -50.11
CA ILE E 174 -20.58 -43.86 -50.08
C ILE E 174 -20.47 -45.02 -51.06
N GLU E 175 -19.96 -44.72 -52.25
CA GLU E 175 -19.79 -45.74 -53.29
C GLU E 175 -18.73 -46.77 -52.95
N SER E 176 -17.86 -46.46 -52.01
CA SER E 176 -16.89 -47.44 -51.49
C SER E 176 -17.56 -48.64 -50.84
N GLY E 177 -18.81 -48.48 -50.42
CA GLY E 177 -19.49 -49.49 -49.65
C GLY E 177 -18.93 -49.65 -48.24
N GLN E 178 -18.44 -48.57 -47.64
CA GLN E 178 -17.99 -48.59 -46.24
C GLN E 178 -18.43 -47.31 -45.50
N LEU E 179 -19.73 -47.23 -45.23
CA LEU E 179 -20.31 -45.97 -44.76
C LEU E 179 -19.92 -45.54 -43.33
N GLY E 180 -19.28 -46.41 -42.56
CA GLY E 180 -18.90 -46.06 -41.20
C GLY E 180 -20.05 -45.53 -40.34
N PRO E 181 -19.96 -44.27 -39.94
CA PRO E 181 -21.05 -43.65 -39.20
C PRO E 181 -22.36 -43.55 -39.96
N PHE E 182 -22.29 -43.50 -41.29
CA PHE E 182 -23.52 -43.40 -42.08
C PHE E 182 -24.17 -44.76 -42.38
N ARG E 183 -23.57 -45.84 -41.92
CA ARG E 183 -24.05 -47.20 -42.19
C ARG E 183 -25.46 -47.41 -41.69
N ASN E 184 -26.32 -47.94 -42.56
CA ASN E 184 -27.74 -48.18 -42.25
C ASN E 184 -28.46 -46.98 -41.65
N GLY E 185 -28.02 -45.77 -42.01
CA GLY E 185 -28.64 -44.54 -41.55
C GLY E 185 -29.99 -44.33 -42.21
N TYR E 186 -30.74 -43.35 -41.76
CA TYR E 186 -32.16 -43.21 -42.11
C TYR E 186 -32.41 -42.42 -43.39
N TRP E 187 -31.62 -42.71 -44.41
CA TRP E 187 -31.63 -41.93 -45.64
C TRP E 187 -32.81 -42.33 -46.56
N GLY E 188 -33.54 -41.35 -47.06
CA GLY E 188 -34.73 -41.63 -47.84
C GLY E 188 -36.00 -41.70 -47.01
N HIS E 189 -35.85 -41.70 -45.68
CA HIS E 189 -37.00 -41.62 -44.76
C HIS E 189 -37.90 -40.45 -45.20
N PRO E 190 -39.22 -40.65 -45.15
CA PRO E 190 -40.19 -39.64 -45.59
C PRO E 190 -40.25 -38.40 -44.71
N ALA E 191 -39.79 -38.55 -43.48
CA ALA E 191 -39.67 -37.45 -42.53
C ALA E 191 -38.45 -36.57 -42.79
N MET E 192 -37.45 -37.08 -43.51
CA MET E 192 -36.34 -36.24 -43.99
C MET E 192 -36.98 -35.30 -44.92
N LYS E 193 -36.69 -34.01 -44.82
CA LYS E 193 -37.53 -33.08 -45.53
C LYS E 193 -36.84 -31.89 -46.17
N LEU E 194 -35.53 -31.96 -46.37
CA LEU E 194 -34.86 -30.79 -46.98
C LEU E 194 -34.26 -31.18 -48.30
N PRO E 195 -34.21 -30.22 -49.25
CA PRO E 195 -33.67 -30.49 -50.58
C PRO E 195 -32.18 -30.85 -50.56
N PRO E 196 -31.67 -31.46 -51.64
CA PRO E 196 -30.25 -31.85 -51.75
C PRO E 196 -29.25 -30.71 -51.58
N GLU E 197 -29.63 -29.47 -51.88
CA GLU E 197 -28.72 -28.34 -51.71
C GLU E 197 -28.46 -28.02 -50.22
N ALA E 198 -29.55 -27.93 -49.44
CA ALA E 198 -29.49 -27.73 -48.00
C ALA E 198 -28.89 -28.94 -47.31
N ASN E 199 -29.02 -30.09 -47.95
CA ASN E 199 -28.38 -31.31 -47.46
C ASN E 199 -26.86 -31.26 -47.58
N LEU E 200 -26.36 -30.92 -48.75
CA LEU E 200 -24.91 -30.86 -48.98
C LEU E 200 -24.29 -29.79 -48.08
N LEU E 201 -24.99 -28.67 -48.02
CA LEU E 201 -24.60 -27.57 -47.16
C LEU E 201 -24.38 -28.03 -45.75
N ALA E 202 -25.42 -28.58 -45.13
CA ALA E 202 -25.33 -29.07 -43.76
C ALA E 202 -24.13 -30.00 -43.57
N VAL E 203 -23.95 -30.93 -44.52
CA VAL E 203 -22.91 -31.93 -44.43
C VAL E 203 -21.53 -31.31 -44.43
N ALA E 204 -21.32 -30.34 -45.30
CA ALA E 204 -20.10 -29.55 -45.28
C ALA E 204 -19.87 -28.91 -43.89
N HIS E 205 -20.90 -28.26 -43.35
CA HIS E 205 -20.78 -27.59 -42.08
C HIS E 205 -20.56 -28.59 -40.94
N TYR E 206 -21.25 -29.71 -40.99
CA TYR E 206 -20.96 -30.86 -40.13
C TYR E 206 -19.45 -31.15 -40.10
N LEU E 207 -18.84 -31.25 -41.27
CA LEU E 207 -17.41 -31.54 -41.31
C LEU E 207 -16.56 -30.36 -40.83
N GLU E 208 -16.94 -29.13 -41.21
CA GLU E 208 -16.20 -27.95 -40.75
C GLU E 208 -16.23 -27.83 -39.26
N ALA E 209 -17.40 -28.14 -38.68
CA ALA E 209 -17.58 -28.12 -37.24
C ALA E 209 -16.67 -29.14 -36.59
N LEU E 210 -16.61 -30.33 -37.17
CA LEU E 210 -15.75 -31.38 -36.60
C LEU E 210 -14.30 -30.99 -36.54
N ASP E 211 -13.84 -30.25 -37.55
CA ASP E 211 -12.50 -29.72 -37.52
C ASP E 211 -12.37 -28.57 -36.54
N PHE E 212 -13.31 -27.63 -36.54
CA PHE E 212 -13.17 -26.43 -35.73
C PHE E 212 -13.38 -26.63 -34.24
N GLN E 213 -14.36 -27.44 -33.85
CA GLN E 213 -14.64 -27.66 -32.42
C GLN E 213 -13.38 -27.89 -31.61
N LYS E 214 -12.45 -28.62 -32.18
CA LYS E 214 -11.18 -28.91 -31.51
C LYS E 214 -10.41 -27.71 -30.95
N GLU E 215 -10.71 -26.52 -31.48
CA GLU E 215 -10.03 -25.27 -31.14
C GLU E 215 -10.64 -24.64 -29.91
N ILE E 216 -11.95 -24.46 -29.98
CA ILE E 216 -12.70 -23.84 -28.92
C ILE E 216 -12.19 -24.31 -27.55
N VAL E 217 -11.96 -25.61 -27.41
CA VAL E 217 -11.52 -26.16 -26.14
C VAL E 217 -10.10 -25.80 -25.72
N LYS E 218 -9.33 -25.11 -26.54
CA LYS E 218 -8.02 -24.71 -26.07
C LYS E 218 -8.08 -23.70 -24.90
N ILE E 219 -9.14 -22.92 -24.83
CA ILE E 219 -9.34 -22.08 -23.66
C ILE E 219 -9.27 -22.90 -22.35
N HIS E 220 -9.97 -24.03 -22.30
CA HIS E 220 -9.78 -25.03 -21.24
C HIS E 220 -8.32 -25.41 -21.14
N THR E 221 -7.71 -25.78 -22.26
CA THR E 221 -6.29 -26.16 -22.24
C THR E 221 -5.37 -25.12 -21.55
N VAL E 222 -5.54 -23.84 -21.87
CA VAL E 222 -4.68 -22.82 -21.28
C VAL E 222 -4.82 -22.73 -19.76
N PHE E 223 -6.06 -22.67 -19.28
CA PHE E 223 -6.33 -22.49 -17.84
C PHE E 223 -6.42 -23.80 -17.04
N GLY E 224 -6.87 -24.87 -17.72
CA GLY E 224 -7.17 -26.16 -17.07
C GLY E 224 -6.13 -27.23 -17.32
N GLY E 225 -5.37 -27.04 -18.40
CA GLY E 225 -4.22 -27.89 -18.73
C GLY E 225 -4.48 -28.81 -19.90
N LYS E 226 -5.76 -29.14 -20.13
CA LYS E 226 -6.11 -30.17 -21.10
C LYS E 226 -7.61 -30.20 -21.26
N ASN E 227 -8.05 -30.66 -22.43
CA ASN E 227 -9.46 -30.97 -22.69
C ASN E 227 -9.47 -32.29 -23.48
N PRO E 228 -10.34 -33.23 -23.11
CA PRO E 228 -11.30 -33.17 -22.02
C PRO E 228 -10.66 -33.31 -20.63
N HIS E 229 -11.49 -33.14 -19.60
CA HIS E 229 -11.08 -33.26 -18.20
C HIS E 229 -9.97 -32.30 -17.77
N PRO E 230 -10.21 -30.98 -17.90
CA PRO E 230 -9.30 -29.99 -17.35
C PRO E 230 -9.32 -29.98 -15.83
N ASN E 231 -8.42 -29.20 -15.23
CA ASN E 231 -8.24 -29.21 -13.78
C ASN E 231 -8.75 -27.93 -13.12
N TRP E 232 -9.25 -28.09 -11.90
CA TRP E 232 -9.83 -26.98 -11.15
C TRP E 232 -9.18 -26.89 -9.79
N LEU E 233 -9.65 -26.00 -8.93
CA LEU E 233 -9.02 -25.86 -7.62
C LEU E 233 -9.96 -25.27 -6.59
N VAL E 234 -10.00 -25.91 -5.43
CA VAL E 234 -10.77 -25.35 -4.33
C VAL E 234 -10.03 -24.12 -3.86
N GLY E 235 -10.67 -22.96 -3.92
CA GLY E 235 -10.05 -21.72 -3.49
C GLY E 235 -9.73 -20.82 -4.66
N GLY E 236 -9.71 -21.40 -5.86
CA GLY E 236 -9.70 -20.58 -7.07
C GLY E 236 -9.39 -21.29 -8.37
N VAL E 237 -8.24 -20.92 -8.93
CA VAL E 237 -7.70 -21.61 -10.09
C VAL E 237 -6.20 -21.86 -9.93
N PRO E 238 -5.70 -22.95 -10.54
CA PRO E 238 -4.26 -23.21 -10.54
C PRO E 238 -3.47 -22.37 -11.54
N CYS E 239 -4.08 -21.89 -12.62
CA CYS E 239 -3.38 -21.16 -13.67
C CYS E 239 -3.02 -19.79 -13.18
N ALA E 240 -1.95 -19.72 -12.39
CA ALA E 240 -1.55 -18.48 -11.71
C ALA E 240 -1.06 -17.53 -12.76
N ILE E 241 -1.27 -16.24 -12.51
CA ILE E 241 -1.06 -15.19 -13.52
C ILE E 241 0.21 -14.41 -13.21
N ASN E 242 1.00 -14.18 -14.25
CA ASN E 242 2.18 -13.37 -14.12
C ASN E 242 2.50 -12.78 -15.46
N LEU E 243 2.06 -11.56 -15.70
CA LEU E 243 2.18 -10.94 -17.01
C LEU E 243 3.53 -10.38 -17.32
N ASP E 244 4.19 -9.79 -16.33
CA ASP E 244 5.33 -8.89 -16.63
C ASP E 244 6.59 -9.07 -15.82
N GLU E 245 6.56 -9.86 -14.77
CA GLU E 245 7.76 -10.07 -13.95
C GLU E 245 8.50 -11.34 -14.34
N THR E 246 9.66 -11.52 -13.75
CA THR E 246 10.62 -12.48 -14.24
C THR E 246 10.18 -13.88 -14.69
N GLY E 247 9.62 -14.72 -13.85
CA GLY E 247 9.21 -16.06 -14.37
C GLY E 247 7.90 -16.19 -15.16
N ALA E 248 7.51 -15.17 -15.95
CA ALA E 248 6.17 -15.13 -16.56
C ALA E 248 5.93 -16.23 -17.55
N VAL E 249 7.00 -16.77 -18.09
CA VAL E 249 6.93 -17.97 -18.92
C VAL E 249 6.42 -19.22 -18.18
N GLY E 250 6.44 -19.22 -16.87
CA GLY E 250 5.88 -20.33 -16.10
C GLY E 250 4.46 -20.07 -15.65
N ALA E 251 3.77 -19.16 -16.32
CA ALA E 251 2.48 -18.67 -15.86
C ALA E 251 1.61 -18.19 -16.98
N VAL E 252 0.34 -18.00 -16.67
CA VAL E 252 -0.54 -17.29 -17.58
C VAL E 252 0.05 -15.94 -17.76
N ASN E 253 0.40 -15.63 -19.00
CA ASN E 253 1.09 -14.38 -19.31
C ASN E 253 0.41 -13.71 -20.49
N MET E 254 1.06 -12.72 -21.09
CA MET E 254 0.43 -11.93 -22.14
C MET E 254 0.28 -12.75 -23.42
N GLU E 255 1.21 -13.66 -23.69
CA GLU E 255 1.12 -14.54 -24.87
C GLU E 255 -0.03 -15.59 -24.83
N ARG E 256 -0.23 -16.18 -23.65
CA ARG E 256 -1.35 -17.05 -23.40
C ARG E 256 -2.67 -16.33 -23.53
N LEU E 257 -2.78 -15.20 -22.87
CA LEU E 257 -4.00 -14.43 -22.91
C LEU E 257 -4.32 -14.03 -24.35
N ASN E 258 -3.28 -13.76 -25.15
CA ASN E 258 -3.48 -13.46 -26.56
C ASN E 258 -4.11 -14.65 -27.33
N LEU E 259 -3.56 -15.83 -27.10
CA LEU E 259 -4.12 -17.03 -27.70
C LEU E 259 -5.59 -17.19 -27.33
N VAL E 260 -5.89 -17.07 -26.03
CA VAL E 260 -7.25 -17.22 -25.55
C VAL E 260 -8.14 -16.21 -26.23
N SER E 261 -7.68 -14.96 -26.30
CA SER E 261 -8.46 -13.93 -26.94
C SER E 261 -8.78 -14.34 -28.35
N SER E 262 -7.77 -14.91 -29.00
CA SER E 262 -7.83 -15.24 -30.43
C SER E 262 -8.86 -16.31 -30.76
N ILE E 263 -8.93 -17.30 -29.87
CA ILE E 263 -9.87 -18.43 -29.92
C ILE E 263 -11.30 -18.01 -29.71
N ILE E 264 -11.53 -17.12 -28.74
CA ILE E 264 -12.87 -16.64 -28.39
C ILE E 264 -13.52 -16.02 -29.60
N GLN E 265 -12.75 -15.20 -30.27
CA GLN E 265 -13.27 -14.49 -31.41
C GLN E 265 -13.70 -15.50 -32.49
N LYS E 266 -12.89 -16.52 -32.71
CA LYS E 266 -13.18 -17.58 -33.72
C LYS E 266 -14.43 -18.38 -33.41
N ALA E 267 -14.60 -18.71 -32.14
CA ALA E 267 -15.74 -19.47 -31.69
C ALA E 267 -17.07 -18.72 -31.89
N ARG E 268 -17.10 -17.45 -31.52
CA ARG E 268 -18.31 -16.68 -31.64
C ARG E 268 -18.61 -16.49 -33.11
N GLN E 269 -17.55 -16.33 -33.90
CA GLN E 269 -17.71 -16.21 -35.32
C GLN E 269 -18.31 -17.46 -35.93
N PHE E 270 -17.96 -18.62 -35.39
CA PHE E 270 -18.46 -19.88 -35.94
C PHE E 270 -19.89 -20.12 -35.54
N CYS E 271 -20.22 -19.89 -34.28
CA CYS E 271 -21.60 -19.98 -33.89
C CYS E 271 -22.48 -18.92 -34.56
N GLU E 272 -21.96 -17.72 -34.79
CA GLU E 272 -22.77 -16.65 -35.36
C GLU E 272 -23.04 -16.84 -36.87
N GLN E 273 -22.04 -17.33 -37.59
CA GLN E 273 -22.07 -17.42 -39.05
C GLN E 273 -22.41 -18.80 -39.60
N VAL E 274 -22.15 -19.84 -38.82
CA VAL E 274 -22.38 -21.21 -39.25
C VAL E 274 -23.53 -21.89 -38.53
N TYR E 275 -23.41 -22.10 -37.22
CA TYR E 275 -24.36 -22.93 -36.46
C TYR E 275 -25.77 -22.29 -36.47
N LEU E 276 -25.93 -21.16 -35.78
CA LEU E 276 -27.28 -20.57 -35.63
C LEU E 276 -28.04 -20.46 -36.96
N PRO E 277 -27.38 -19.97 -38.04
CA PRO E 277 -28.06 -19.86 -39.33
C PRO E 277 -28.56 -21.19 -39.87
N ASP E 278 -27.72 -22.22 -39.76
CA ASP E 278 -28.07 -23.49 -40.32
C ASP E 278 -29.26 -24.05 -39.57
N VAL E 279 -29.43 -23.67 -38.30
CA VAL E 279 -30.65 -24.05 -37.57
C VAL E 279 -31.87 -23.35 -38.18
N LEU E 280 -31.74 -22.07 -38.50
CA LEU E 280 -32.83 -21.29 -39.11
C LEU E 280 -33.23 -21.80 -40.51
N LEU E 281 -32.23 -22.22 -41.28
CA LEU E 281 -32.48 -22.85 -42.58
C LEU E 281 -33.18 -24.18 -42.33
N ILE E 282 -32.54 -25.04 -41.56
CA ILE E 282 -33.09 -26.34 -41.26
C ILE E 282 -34.47 -26.22 -40.59
N ALA E 283 -34.63 -25.29 -39.67
CA ALA E 283 -35.92 -25.08 -39.03
C ALA E 283 -37.01 -24.81 -40.07
N SER E 284 -36.73 -23.88 -40.98
CA SER E 284 -37.71 -23.46 -41.98
C SER E 284 -38.36 -24.62 -42.76
N TYR E 285 -37.59 -25.68 -43.05
CA TYR E 285 -38.13 -26.87 -43.73
C TYR E 285 -38.95 -27.78 -42.81
N TYR E 286 -38.61 -27.78 -41.54
CA TYR E 286 -39.32 -28.58 -40.53
C TYR E 286 -40.20 -27.69 -39.64
N LYS E 287 -40.89 -26.73 -40.25
CA LYS E 287 -41.67 -25.75 -39.48
C LYS E 287 -42.77 -26.39 -38.64
N ASP E 288 -43.23 -27.56 -39.06
CA ASP E 288 -44.32 -28.25 -38.37
C ASP E 288 -43.81 -28.97 -37.12
N TRP E 289 -42.49 -29.13 -37.01
CA TRP E 289 -41.88 -29.68 -35.79
C TRP E 289 -41.92 -28.67 -34.62
N ALA E 290 -42.46 -27.49 -34.88
CA ALA E 290 -42.81 -26.52 -33.82
C ALA E 290 -44.03 -26.97 -33.03
N LYS E 291 -44.76 -27.96 -33.54
CA LYS E 291 -45.95 -28.49 -32.88
C LYS E 291 -45.74 -29.92 -32.36
N ILE E 292 -44.52 -30.43 -32.44
CA ILE E 292 -44.19 -31.74 -31.90
C ILE E 292 -43.11 -31.66 -30.84
N GLY E 293 -43.35 -32.35 -29.73
CA GLY E 293 -42.35 -32.52 -28.69
C GLY E 293 -42.28 -31.43 -27.62
N GLY E 294 -43.39 -30.77 -27.31
CA GLY E 294 -43.40 -29.82 -26.20
C GLY E 294 -43.17 -30.54 -24.89
N GLY E 295 -43.99 -31.56 -24.65
CA GLY E 295 -43.97 -32.27 -23.38
C GLY E 295 -44.22 -31.27 -22.28
N LEU E 296 -43.28 -31.21 -21.33
CA LEU E 296 -43.48 -30.35 -20.19
C LEU E 296 -43.15 -28.87 -20.44
N SER E 297 -42.46 -28.58 -21.55
CA SER E 297 -41.93 -27.23 -21.80
C SER E 297 -42.94 -26.09 -21.72
N SER E 298 -44.20 -26.39 -22.10
CA SER E 298 -45.25 -25.38 -22.10
C SER E 298 -45.80 -25.12 -20.69
N MET E 299 -45.35 -25.91 -19.71
CA MET E 299 -45.98 -25.94 -18.40
C MET E 299 -45.01 -25.66 -17.28
N ASN E 300 -43.94 -26.45 -17.22
CA ASN E 300 -43.04 -26.53 -16.06
C ASN E 300 -41.57 -26.46 -16.41
N LEU E 301 -40.89 -25.43 -15.93
CA LEU E 301 -39.47 -25.25 -16.26
C LEU E 301 -38.65 -25.00 -15.00
N LEU E 302 -37.37 -25.36 -15.04
CA LEU E 302 -36.48 -25.16 -13.91
C LEU E 302 -35.08 -24.79 -14.33
N ALA E 303 -34.48 -23.84 -13.62
CA ALA E 303 -33.05 -23.51 -13.79
C ALA E 303 -32.50 -22.86 -12.51
N TYR E 304 -31.23 -23.11 -12.22
CA TYR E 304 -30.56 -22.56 -11.02
C TYR E 304 -29.73 -21.29 -11.26
N GLY E 305 -29.54 -20.95 -12.53
CA GLY E 305 -28.73 -19.78 -12.89
C GLY E 305 -27.26 -20.11 -12.94
N GLU E 306 -26.49 -19.20 -13.51
CA GLU E 306 -25.07 -19.43 -13.77
C GLU E 306 -24.36 -18.14 -14.14
N PHE E 307 -23.02 -18.17 -14.05
CA PHE E 307 -22.16 -17.07 -14.41
C PHE E 307 -22.33 -15.88 -13.49
N PRO E 308 -21.91 -16.03 -12.22
CA PRO E 308 -21.89 -14.85 -11.36
C PRO E 308 -20.94 -13.79 -11.92
N ASP E 309 -21.39 -12.54 -11.91
CA ASP E 309 -20.59 -11.45 -12.47
C ASP E 309 -19.49 -11.10 -11.48
N ASN E 310 -19.90 -10.58 -10.33
CA ASN E 310 -19.01 -10.40 -9.18
C ASN E 310 -18.74 -11.72 -8.47
N PRO E 311 -17.55 -11.86 -7.90
CA PRO E 311 -17.18 -13.15 -7.34
C PRO E 311 -17.91 -13.41 -6.06
N ASN E 312 -18.14 -14.69 -5.78
CA ASN E 312 -18.76 -15.16 -4.56
C ASN E 312 -20.15 -14.65 -4.30
N ASP E 313 -20.87 -14.15 -5.31
CA ASP E 313 -22.26 -13.79 -5.12
C ASP E 313 -23.09 -14.70 -5.95
N TYR E 314 -23.59 -15.78 -5.38
CA TYR E 314 -24.44 -16.69 -6.17
C TYR E 314 -25.93 -16.36 -6.02
N SER E 315 -26.24 -15.08 -5.76
CA SER E 315 -27.60 -14.52 -5.74
C SER E 315 -28.07 -14.46 -7.19
N ALA E 316 -29.36 -14.65 -7.45
CA ALA E 316 -29.91 -14.48 -8.80
C ALA E 316 -29.56 -13.13 -9.40
N SER E 317 -29.70 -12.10 -8.55
CA SER E 317 -29.29 -10.72 -8.88
C SER E 317 -27.92 -10.65 -9.62
N ASN E 318 -26.99 -11.57 -9.35
CA ASN E 318 -25.63 -11.52 -9.91
C ASN E 318 -25.31 -12.63 -10.93
N LEU E 319 -26.25 -13.55 -11.16
CA LEU E 319 -26.08 -14.64 -12.11
C LEU E 319 -26.64 -14.26 -13.47
N LEU E 320 -25.73 -14.05 -14.42
CA LEU E 320 -26.06 -13.66 -15.80
C LEU E 320 -27.08 -14.52 -16.52
N LEU E 321 -27.06 -15.84 -16.24
CA LEU E 321 -28.05 -16.81 -16.77
C LEU E 321 -29.23 -16.98 -15.80
N PRO E 322 -30.47 -17.06 -16.33
CA PRO E 322 -31.65 -16.98 -15.46
C PRO E 322 -31.77 -18.08 -14.42
N ARG E 323 -32.27 -17.71 -13.23
CA ARG E 323 -32.58 -18.68 -12.20
C ARG E 323 -34.08 -18.59 -11.93
N GLY E 324 -34.72 -19.74 -11.66
CA GLY E 324 -36.17 -19.75 -11.34
C GLY E 324 -36.94 -21.04 -11.64
N ALA E 325 -38.25 -21.01 -11.42
CA ALA E 325 -39.11 -22.18 -11.54
C ALA E 325 -40.54 -21.85 -11.95
N ILE E 326 -40.97 -22.38 -13.09
CA ILE E 326 -42.33 -22.19 -13.61
C ILE E 326 -43.21 -23.40 -13.32
N ILE E 327 -44.51 -23.12 -13.21
CA ILE E 327 -45.50 -24.11 -12.79
C ILE E 327 -46.75 -23.90 -13.65
N ASN E 328 -47.16 -24.95 -14.37
CA ASN E 328 -48.50 -25.01 -14.98
C ASN E 328 -48.80 -23.94 -16.03
N GLY E 329 -47.76 -23.49 -16.72
CA GLY E 329 -47.91 -22.43 -17.71
C GLY E 329 -48.12 -21.06 -17.09
N ARG E 330 -47.82 -20.90 -15.80
CA ARG E 330 -47.91 -19.61 -15.13
C ARG E 330 -46.57 -18.92 -15.23
N PHE E 331 -46.32 -18.32 -16.39
CA PHE E 331 -45.06 -17.63 -16.66
C PHE E 331 -45.05 -16.22 -16.04
N ASP E 332 -46.25 -15.67 -15.79
CA ASP E 332 -46.37 -14.46 -14.96
C ASP E 332 -45.71 -14.68 -13.59
N GLU E 333 -45.80 -15.89 -13.03
CA GLU E 333 -45.25 -16.21 -11.70
C GLU E 333 -44.01 -17.12 -11.76
N ILE E 334 -42.84 -16.50 -11.78
CA ILE E 334 -41.55 -17.22 -11.90
C ILE E 334 -40.93 -17.47 -10.52
N HIS E 335 -41.26 -18.60 -9.91
CA HIS E 335 -40.91 -18.84 -8.50
C HIS E 335 -39.40 -18.98 -8.31
N PRO E 336 -38.87 -18.39 -7.23
CA PRO E 336 -37.45 -18.48 -6.95
C PRO E 336 -37.07 -19.83 -6.36
N VAL E 337 -35.82 -20.22 -6.56
CA VAL E 337 -35.36 -21.56 -6.22
C VAL E 337 -34.42 -21.58 -5.02
N ASP E 338 -34.69 -22.51 -4.10
CA ASP E 338 -33.99 -22.63 -2.81
C ASP E 338 -33.51 -24.08 -2.55
N LEU E 339 -32.19 -24.26 -2.62
CA LEU E 339 -31.61 -25.60 -2.53
C LEU E 339 -31.41 -26.06 -1.08
N THR E 340 -31.48 -25.13 -0.11
CA THR E 340 -31.39 -25.51 1.30
C THR E 340 -32.70 -26.14 1.75
N ALA E 341 -33.80 -25.66 1.14
CA ALA E 341 -35.13 -26.08 1.55
C ALA E 341 -35.29 -27.57 1.30
N PRO E 342 -35.67 -28.31 2.36
CA PRO E 342 -35.77 -29.78 2.30
C PRO E 342 -37.06 -30.31 1.63
N ASP E 343 -38.16 -29.58 1.79
CA ASP E 343 -39.43 -29.91 1.13
C ASP E 343 -39.44 -29.44 -0.33
N GLU E 344 -38.39 -28.73 -0.75
CA GLU E 344 -38.35 -28.15 -2.09
C GLU E 344 -37.88 -29.17 -3.11
N ILE E 345 -36.59 -29.44 -3.07
CA ILE E 345 -35.92 -30.10 -4.19
C ILE E 345 -35.58 -31.55 -3.83
N GLN E 346 -36.27 -32.48 -4.46
CA GLN E 346 -36.23 -33.87 -4.02
C GLN E 346 -36.13 -34.86 -5.14
N GLU E 347 -35.67 -36.06 -4.81
CA GLU E 347 -35.65 -37.14 -5.79
C GLU E 347 -36.15 -38.49 -5.22
N PHE E 348 -37.22 -38.99 -5.85
CA PHE E 348 -37.87 -40.25 -5.48
C PHE E 348 -37.19 -41.36 -6.29
N VAL E 349 -37.29 -42.59 -5.81
CA VAL E 349 -36.72 -43.73 -6.52
C VAL E 349 -37.83 -44.71 -6.93
N THR E 350 -39.07 -44.37 -6.56
CA THR E 350 -40.23 -45.28 -6.68
C THR E 350 -40.13 -46.19 -7.91
N HIS E 351 -39.93 -45.62 -9.10
CA HIS E 351 -39.81 -46.40 -10.35
C HIS E 351 -38.34 -46.54 -10.88
N SER E 352 -37.38 -46.69 -9.97
CA SER E 352 -35.94 -46.72 -10.29
C SER E 352 -35.24 -47.82 -9.49
N TRP E 353 -34.16 -48.37 -10.03
CA TRP E 353 -33.50 -49.55 -9.41
C TRP E 353 -32.63 -49.24 -8.20
N TYR E 354 -33.11 -48.35 -7.33
CA TYR E 354 -32.50 -48.12 -6.02
C TYR E 354 -33.55 -48.38 -4.93
N THR E 355 -33.09 -48.40 -3.68
CA THR E 355 -33.98 -48.55 -2.53
C THR E 355 -33.74 -47.42 -1.54
N TYR E 356 -34.73 -47.17 -0.72
CA TYR E 356 -34.64 -46.20 0.33
C TYR E 356 -34.92 -46.87 1.68
N GLY E 357 -34.92 -48.20 1.71
CA GLY E 357 -35.43 -48.96 2.87
C GLY E 357 -36.88 -49.37 2.64
N ASN E 358 -37.47 -50.16 3.54
CA ASN E 358 -38.79 -50.79 3.28
C ASN E 358 -39.97 -49.82 3.46
N GLY E 359 -40.90 -49.80 2.50
CA GLY E 359 -42.08 -48.96 2.58
C GLY E 359 -41.82 -47.46 2.44
N ASN E 360 -40.55 -47.06 2.45
CA ASN E 360 -40.21 -45.64 2.15
C ASN E 360 -39.94 -45.47 0.63
N ASN E 361 -40.24 -46.50 -0.17
CA ASN E 361 -40.04 -46.43 -1.62
C ASN E 361 -40.88 -45.32 -2.27
N ASP E 362 -42.10 -45.14 -1.78
CA ASP E 362 -42.96 -44.04 -2.22
C ASP E 362 -42.51 -42.66 -1.71
N LYS E 363 -41.61 -42.63 -0.74
CA LYS E 363 -41.21 -41.38 -0.13
C LYS E 363 -40.00 -40.80 -0.84
N GLY E 364 -39.93 -39.47 -0.87
CA GLY E 364 -38.94 -38.70 -1.67
C GLY E 364 -37.94 -38.01 -0.78
N LEU E 365 -36.73 -37.82 -1.27
CA LEU E 365 -35.61 -37.36 -0.42
C LEU E 365 -34.88 -36.15 -0.99
N HIS E 366 -34.69 -35.12 -0.14
CA HIS E 366 -33.79 -34.01 -0.41
C HIS E 366 -32.36 -34.58 -0.45
N PRO E 367 -31.46 -34.02 -1.29
CA PRO E 367 -30.16 -34.66 -1.54
C PRO E 367 -29.18 -34.70 -0.35
N TRP E 368 -29.36 -33.81 0.62
CA TRP E 368 -28.52 -33.86 1.84
C TRP E 368 -28.81 -35.13 2.63
N ASP E 369 -30.05 -35.63 2.51
CA ASP E 369 -30.50 -36.91 3.11
C ASP E 369 -30.49 -38.09 2.11
N GLY E 370 -30.23 -37.79 0.83
CA GLY E 370 -30.37 -38.75 -0.28
C GLY E 370 -29.51 -39.99 -0.14
N LEU E 371 -29.90 -41.04 -0.84
CA LEU E 371 -29.29 -42.35 -0.63
C LEU E 371 -29.20 -43.10 -1.94
N THR E 372 -27.98 -43.45 -2.33
CA THR E 372 -27.75 -44.19 -3.58
C THR E 372 -27.37 -45.63 -3.27
N GLU E 373 -28.36 -46.45 -2.93
CA GLU E 373 -28.15 -47.89 -2.72
C GLU E 373 -28.97 -48.67 -3.74
N PRO E 374 -28.28 -49.40 -4.63
CA PRO E 374 -28.94 -50.01 -5.78
C PRO E 374 -29.70 -51.26 -5.43
N GLN E 375 -30.84 -51.46 -6.10
CA GLN E 375 -31.69 -52.63 -5.91
C GLN E 375 -32.35 -52.94 -7.23
N LEU E 376 -31.73 -53.85 -7.97
CA LEU E 376 -32.18 -54.24 -9.31
C LEU E 376 -33.23 -55.33 -9.16
N VAL E 377 -34.47 -54.99 -9.50
CA VAL E 377 -35.56 -55.95 -9.49
C VAL E 377 -36.66 -55.46 -10.45
N MET E 378 -37.14 -56.39 -11.27
CA MET E 378 -38.11 -56.08 -12.30
C MET E 378 -39.42 -56.55 -11.71
N GLY E 379 -40.54 -56.00 -12.18
CA GLY E 379 -41.84 -56.37 -11.62
C GLY E 379 -42.60 -57.41 -12.41
N GLU E 380 -43.85 -57.59 -12.02
CA GLU E 380 -44.80 -58.55 -12.60
C GLU E 380 -44.85 -58.68 -14.13
N HIS E 381 -45.13 -57.58 -14.84
CA HIS E 381 -45.29 -57.62 -16.32
C HIS E 381 -43.92 -57.50 -17.06
N TYR E 382 -42.84 -57.89 -16.40
CA TYR E 382 -41.51 -57.90 -17.01
C TYR E 382 -41.35 -59.00 -18.05
N LYS E 383 -40.58 -58.73 -19.11
CA LYS E 383 -40.29 -59.75 -20.14
C LYS E 383 -38.78 -59.91 -20.40
N GLY E 384 -38.26 -61.12 -20.15
CA GLY E 384 -36.83 -61.44 -20.35
C GLY E 384 -36.25 -62.33 -19.26
N THR E 385 -34.95 -62.19 -18.98
CA THR E 385 -34.29 -62.89 -17.85
C THR E 385 -33.42 -61.93 -17.07
N LYS E 386 -32.47 -62.46 -16.30
CA LYS E 386 -31.50 -61.64 -15.61
C LYS E 386 -30.42 -61.12 -16.59
N THR E 387 -29.98 -61.98 -17.50
CA THR E 387 -29.09 -61.58 -18.62
C THR E 387 -29.82 -60.90 -19.81
N PHE E 388 -31.16 -60.82 -19.82
CA PHE E 388 -31.87 -60.30 -21.02
C PHE E 388 -33.13 -59.50 -20.77
N ILE E 389 -33.37 -58.51 -21.64
CA ILE E 389 -34.56 -57.66 -21.54
C ILE E 389 -35.28 -57.62 -22.89
N GLU E 390 -36.42 -58.30 -22.96
CA GLU E 390 -37.32 -58.20 -24.11
C GLU E 390 -38.22 -56.98 -23.96
N GLN E 391 -38.64 -56.68 -22.74
CA GLN E 391 -39.56 -55.59 -22.48
C GLN E 391 -39.62 -55.24 -20.99
N VAL E 392 -39.52 -53.95 -20.69
CA VAL E 392 -39.35 -53.46 -19.32
C VAL E 392 -40.68 -53.26 -18.63
N ASP E 393 -40.74 -53.48 -17.32
CA ASP E 393 -42.01 -53.26 -16.62
C ASP E 393 -42.01 -51.93 -15.94
N GLU E 394 -42.71 -50.98 -16.56
CA GLU E 394 -42.76 -49.58 -16.09
C GLU E 394 -43.69 -49.37 -14.88
N SER E 395 -44.62 -50.30 -14.65
CA SER E 395 -45.47 -50.24 -13.46
C SER E 395 -44.64 -50.40 -12.17
N ALA E 396 -43.46 -51.01 -12.28
CA ALA E 396 -42.57 -51.21 -11.13
C ALA E 396 -41.33 -50.31 -11.29
N LYS E 397 -40.14 -50.88 -11.10
CA LYS E 397 -38.88 -50.14 -11.27
C LYS E 397 -38.32 -50.45 -12.66
N TYR E 398 -37.83 -49.39 -13.34
CA TYR E 398 -37.49 -49.43 -14.78
C TYR E 398 -36.34 -48.53 -15.34
N SER E 399 -35.44 -48.05 -14.47
CA SER E 399 -34.36 -47.13 -14.89
C SER E 399 -33.27 -47.11 -13.83
N TRP E 400 -32.07 -46.72 -14.26
CA TRP E 400 -30.96 -46.52 -13.32
C TRP E 400 -30.88 -45.06 -12.92
N ILE E 401 -31.88 -44.31 -13.36
CA ILE E 401 -31.95 -42.90 -13.11
C ILE E 401 -32.96 -42.68 -11.97
N LYS E 402 -32.57 -41.84 -11.01
CA LYS E 402 -33.46 -41.41 -9.95
C LYS E 402 -34.46 -40.39 -10.54
N SER E 403 -35.62 -40.21 -9.91
CA SER E 403 -36.67 -39.29 -10.41
C SER E 403 -36.70 -37.97 -9.59
N PRO E 404 -36.06 -36.91 -10.09
CA PRO E 404 -36.07 -35.67 -9.31
C PRO E 404 -37.27 -34.77 -9.59
N ARG E 405 -37.78 -34.15 -8.51
CA ARG E 405 -38.93 -33.27 -8.53
C ARG E 405 -38.73 -32.01 -7.67
N TRP E 406 -39.41 -30.94 -8.07
CA TRP E 406 -39.37 -29.63 -7.41
C TRP E 406 -40.72 -29.34 -6.78
N LYS E 407 -40.77 -29.37 -5.45
CA LYS E 407 -42.04 -29.34 -4.70
C LYS E 407 -43.04 -30.35 -5.27
N GLY E 408 -42.53 -31.52 -5.65
CA GLY E 408 -43.37 -32.61 -6.19
C GLY E 408 -43.82 -32.48 -7.64
N HIS E 409 -43.34 -31.45 -8.34
CA HIS E 409 -43.67 -31.26 -9.75
C HIS E 409 -42.54 -31.75 -10.60
N ALA E 410 -42.86 -32.55 -11.62
CA ALA E 410 -41.89 -32.92 -12.65
C ALA E 410 -41.54 -31.72 -13.50
N MET E 411 -40.25 -31.51 -13.71
CA MET E 411 -39.81 -30.33 -14.44
C MET E 411 -39.05 -30.73 -15.70
N GLU E 412 -38.95 -29.76 -16.62
CA GLU E 412 -38.01 -29.81 -17.74
C GLU E 412 -36.92 -28.82 -17.50
N VAL E 413 -35.67 -29.25 -17.68
CA VAL E 413 -34.51 -28.37 -17.56
C VAL E 413 -33.81 -28.21 -18.90
N GLY E 414 -32.75 -27.43 -18.95
CA GLY E 414 -31.97 -27.26 -20.18
C GLY E 414 -32.09 -25.86 -20.77
N PRO E 415 -31.52 -25.66 -21.98
CA PRO E 415 -31.50 -24.37 -22.64
C PRO E 415 -32.88 -23.75 -22.76
N LEU E 416 -33.81 -24.49 -23.35
CA LEU E 416 -35.16 -23.99 -23.53
C LEU E 416 -35.73 -23.46 -22.21
N ALA E 417 -35.49 -24.19 -21.12
CA ALA E 417 -35.99 -23.81 -19.79
C ALA E 417 -35.46 -22.44 -19.34
N ARG E 418 -34.15 -22.30 -19.27
CA ARG E 418 -33.55 -21.00 -18.97
C ARG E 418 -34.06 -19.94 -19.91
N TYR E 419 -34.02 -20.27 -21.20
CA TYR E 419 -34.36 -19.32 -22.25
C TYR E 419 -35.81 -18.87 -22.09
N LEU E 420 -36.68 -19.75 -21.62
CA LEU E 420 -38.06 -19.35 -21.33
C LEU E 420 -38.20 -18.52 -20.04
N ILE E 421 -37.42 -18.86 -19.03
CA ILE E 421 -37.50 -18.15 -17.77
C ILE E 421 -36.95 -16.76 -18.01
N GLY E 422 -35.76 -16.68 -18.58
CA GLY E 422 -35.16 -15.39 -18.92
C GLY E 422 -36.05 -14.53 -19.80
N TYR E 423 -36.76 -15.17 -20.72
CA TYR E 423 -37.71 -14.47 -21.57
C TYR E 423 -38.78 -13.77 -20.74
N HIS E 424 -39.43 -14.51 -19.85
CA HIS E 424 -40.54 -13.97 -19.09
C HIS E 424 -40.08 -13.16 -17.92
N GLN E 425 -38.80 -13.29 -17.57
CA GLN E 425 -38.12 -12.37 -16.66
C GLN E 425 -37.86 -11.03 -17.36
N ASN E 426 -38.09 -11.02 -18.68
CA ASN E 426 -38.06 -9.82 -19.53
C ASN E 426 -36.66 -9.26 -19.73
N LYS E 427 -35.68 -10.14 -19.76
CA LYS E 427 -34.29 -9.75 -19.97
C LYS E 427 -34.05 -9.77 -21.46
N PRO E 428 -33.72 -8.61 -22.04
CA PRO E 428 -33.68 -8.52 -23.49
C PRO E 428 -32.51 -9.27 -24.12
N GLU E 429 -31.52 -9.64 -23.30
CA GLU E 429 -30.36 -10.44 -23.75
C GLU E 429 -30.82 -11.85 -24.20
N PHE E 430 -32.00 -12.26 -23.73
CA PHE E 430 -32.69 -13.49 -24.18
C PHE E 430 -33.98 -13.23 -24.96
N LYS E 431 -34.79 -12.29 -24.50
CA LYS E 431 -36.05 -12.00 -25.17
C LYS E 431 -35.81 -11.66 -26.65
N GLU E 432 -35.03 -10.62 -26.92
CA GLU E 432 -34.88 -10.14 -28.29
C GLU E 432 -34.42 -11.22 -29.29
N PRO E 433 -33.30 -11.89 -29.01
CA PRO E 433 -32.84 -12.93 -29.94
C PRO E 433 -33.84 -14.07 -30.13
N VAL E 434 -34.61 -14.42 -29.10
CA VAL E 434 -35.71 -15.38 -29.27
C VAL E 434 -36.80 -14.80 -30.20
N ASP E 435 -37.12 -13.51 -29.98
CA ASP E 435 -38.17 -12.83 -30.75
C ASP E 435 -37.76 -12.72 -32.21
N GLN E 436 -36.53 -12.30 -32.48
CA GLN E 436 -36.04 -12.25 -33.84
C GLN E 436 -35.96 -13.60 -34.55
N LEU E 437 -35.78 -14.69 -33.79
CA LEU E 437 -35.76 -16.03 -34.38
C LEU E 437 -37.17 -16.37 -34.83
N LEU E 438 -38.13 -16.12 -33.97
CA LEU E 438 -39.52 -16.35 -34.34
C LEU E 438 -39.95 -15.51 -35.56
N SER E 439 -39.49 -14.25 -35.64
CA SER E 439 -39.88 -13.38 -36.75
C SER E 439 -39.39 -13.95 -38.10
N VAL E 440 -38.12 -14.36 -38.17
CA VAL E 440 -37.55 -14.92 -39.40
C VAL E 440 -38.23 -16.20 -39.85
N LEU E 441 -38.59 -17.05 -38.90
CA LEU E 441 -39.28 -18.31 -39.22
C LEU E 441 -40.78 -18.10 -39.33
N LYS E 442 -41.24 -16.90 -39.00
CA LYS E 442 -42.66 -16.57 -39.02
C LYS E 442 -43.49 -17.55 -38.18
N LEU E 443 -43.08 -17.72 -36.91
CA LEU E 443 -43.77 -18.55 -35.93
C LEU E 443 -44.09 -17.77 -34.65
N PRO E 444 -45.05 -18.25 -33.85
CA PRO E 444 -45.45 -17.52 -32.65
C PRO E 444 -44.70 -17.98 -31.41
N LYS E 445 -44.88 -17.25 -30.32
CA LYS E 445 -44.31 -17.57 -29.00
C LYS E 445 -44.35 -19.08 -28.67
N GLU E 446 -45.49 -19.70 -28.95
CA GLU E 446 -45.77 -21.06 -28.53
C GLU E 446 -44.93 -22.10 -29.28
N ALA E 447 -44.44 -21.75 -30.46
CA ALA E 447 -43.58 -22.65 -31.23
C ALA E 447 -42.36 -23.11 -30.42
N LEU E 448 -41.88 -22.25 -29.51
CA LEU E 448 -40.81 -22.60 -28.57
C LEU E 448 -41.09 -23.88 -27.81
N PHE E 449 -42.37 -24.16 -27.52
CA PHE E 449 -42.76 -25.34 -26.71
C PHE E 449 -42.71 -26.63 -27.54
N SER E 450 -41.53 -26.95 -28.07
CA SER E 450 -41.39 -28.05 -29.01
C SER E 450 -39.96 -28.46 -29.26
N THR E 451 -39.81 -29.66 -29.81
CA THR E 451 -38.53 -30.21 -30.24
C THR E 451 -37.75 -29.20 -31.11
N LEU E 452 -38.47 -28.47 -31.97
CA LEU E 452 -37.85 -27.44 -32.79
C LEU E 452 -37.44 -26.28 -31.93
N GLY E 453 -38.35 -25.78 -31.12
CA GLY E 453 -38.02 -24.68 -30.23
C GLY E 453 -36.85 -25.00 -29.30
N ARG E 454 -36.85 -26.23 -28.78
CA ARG E 454 -35.82 -26.73 -27.88
C ARG E 454 -34.44 -26.72 -28.55
N THR E 455 -34.43 -27.05 -29.84
CA THR E 455 -33.22 -27.04 -30.68
C THR E 455 -32.76 -25.63 -31.04
N ALA E 456 -33.74 -24.75 -31.28
CA ALA E 456 -33.46 -23.33 -31.52
C ALA E 456 -32.84 -22.68 -30.27
N ALA E 457 -33.47 -22.94 -29.11
CA ALA E 457 -32.99 -22.45 -27.83
C ALA E 457 -31.50 -22.74 -27.67
N ARG E 458 -31.10 -23.97 -27.98
CA ARG E 458 -29.69 -24.34 -27.87
C ARG E 458 -28.80 -23.47 -28.75
N ALA E 459 -29.17 -23.27 -30.01
CA ALA E 459 -28.34 -22.46 -30.90
C ALA E 459 -28.23 -21.05 -30.39
N LEU E 460 -29.38 -20.44 -30.08
CA LEU E 460 -29.39 -19.08 -29.56
C LEU E 460 -28.38 -18.90 -28.40
N GLU E 461 -28.37 -19.86 -27.47
CA GLU E 461 -27.43 -19.88 -26.36
C GLU E 461 -25.93 -19.94 -26.76
N SER E 462 -25.57 -20.69 -27.78
CA SER E 462 -24.16 -20.80 -28.17
C SER E 462 -23.57 -19.44 -28.54
N VAL E 463 -24.43 -18.61 -29.12
CA VAL E 463 -24.03 -17.27 -29.46
C VAL E 463 -23.92 -16.43 -28.19
N TRP E 464 -24.99 -16.46 -27.38
CA TRP E 464 -25.00 -15.81 -26.06
C TRP E 464 -23.83 -16.24 -25.21
N ALA E 465 -23.61 -17.54 -25.09
CA ALA E 465 -22.51 -18.05 -24.30
C ALA E 465 -21.16 -17.58 -24.85
N GLY E 466 -21.05 -17.52 -26.16
CA GLY E 466 -19.89 -16.92 -26.80
C GLY E 466 -19.62 -15.51 -26.32
N ASN E 467 -20.66 -14.70 -26.20
CA ASN E 467 -20.49 -13.30 -25.81
C ASN E 467 -20.10 -13.18 -24.36
N THR E 468 -20.67 -14.07 -23.56
CA THR E 468 -20.42 -14.10 -22.14
C THR E 468 -18.98 -14.47 -21.92
N LEU E 469 -18.51 -15.42 -22.71
CA LEU E 469 -17.11 -15.83 -22.69
C LEU E 469 -16.21 -14.62 -22.92
N GLN E 470 -16.51 -13.82 -23.93
CA GLN E 470 -15.74 -12.63 -24.20
C GLN E 470 -15.87 -11.65 -23.05
N TYR E 471 -17.09 -11.46 -22.55
CA TYR E 471 -17.32 -10.58 -21.43
C TYR E 471 -16.48 -10.91 -20.19
N PHE E 472 -16.38 -12.18 -19.84
CA PHE E 472 -15.56 -12.55 -18.68
C PHE E 472 -14.05 -12.46 -18.95
N PHE E 473 -13.64 -12.68 -20.20
CA PHE E 473 -12.27 -12.33 -20.63
C PHE E 473 -12.04 -10.82 -20.53
N ASP E 474 -13.03 -10.01 -20.93
CA ASP E 474 -12.88 -8.55 -20.86
C ASP E 474 -12.77 -8.12 -19.42
N ARG E 475 -13.54 -8.72 -18.53
CA ARG E 475 -13.42 -8.38 -17.11
C ARG E 475 -12.11 -8.86 -16.49
N LEU E 476 -11.64 -10.05 -16.84
CA LEU E 476 -10.31 -10.46 -16.37
C LEU E 476 -9.27 -9.39 -16.71
N MET E 477 -9.35 -8.87 -17.94
CA MET E 477 -8.39 -7.91 -18.44
C MET E 477 -8.49 -6.59 -17.74
N ARG E 478 -9.69 -6.12 -17.43
CA ARG E 478 -9.74 -4.88 -16.67
C ARG E 478 -9.26 -5.06 -15.22
N ASN E 479 -9.39 -6.27 -14.68
CA ASN E 479 -8.74 -6.62 -13.39
C ASN E 479 -7.24 -6.42 -13.42
N LEU E 480 -6.59 -6.97 -14.44
CA LEU E 480 -5.11 -6.93 -14.54
C LEU E 480 -4.63 -5.53 -14.86
N LYS E 481 -5.34 -4.80 -15.72
CA LYS E 481 -5.01 -3.40 -15.97
C LYS E 481 -5.05 -2.62 -14.66
N SER E 482 -5.94 -3.00 -13.75
CA SER E 482 -6.03 -2.33 -12.45
C SER E 482 -5.19 -3.02 -11.35
N GLY E 483 -4.30 -3.94 -11.76
CA GLY E 483 -3.28 -4.51 -10.84
C GLY E 483 -3.70 -5.64 -9.90
N ASP E 484 -4.84 -6.27 -10.18
CA ASP E 484 -5.34 -7.43 -9.45
C ASP E 484 -4.97 -8.63 -10.28
N THR E 485 -4.04 -9.44 -9.79
CA THR E 485 -3.58 -10.64 -10.52
C THR E 485 -3.79 -11.94 -9.70
N ALA E 486 -4.47 -11.82 -8.57
CA ALA E 486 -4.71 -12.91 -7.65
C ALA E 486 -5.53 -13.98 -8.32
N THR E 487 -5.15 -15.24 -8.08
CA THR E 487 -5.90 -16.40 -8.59
C THR E 487 -6.41 -17.43 -7.54
N ALA E 488 -6.00 -17.30 -6.27
CA ALA E 488 -6.34 -18.32 -5.30
C ALA E 488 -6.24 -17.90 -3.85
N ASN E 489 -7.35 -18.09 -3.13
CA ASN E 489 -7.41 -17.95 -1.68
C ASN E 489 -6.95 -19.26 -1.07
N VAL E 490 -5.96 -19.19 -0.17
CA VAL E 490 -5.36 -20.39 0.42
C VAL E 490 -5.54 -20.46 1.92
N THR E 491 -6.42 -19.62 2.47
CA THR E 491 -6.55 -19.52 3.93
C THR E 491 -7.21 -20.76 4.53
N LEU E 492 -8.06 -21.45 3.78
CA LEU E 492 -8.65 -22.68 4.29
C LEU E 492 -8.27 -23.83 3.39
N TRP E 493 -7.09 -23.75 2.81
CA TRP E 493 -6.62 -24.85 2.00
C TRP E 493 -6.14 -26.01 2.90
N GLU E 494 -5.79 -25.71 4.14
CA GLU E 494 -5.36 -26.75 5.08
C GLU E 494 -6.54 -27.32 5.84
N PRO E 495 -6.67 -28.66 5.89
CA PRO E 495 -7.90 -29.21 6.43
C PRO E 495 -8.07 -29.07 7.93
N ASP E 496 -6.97 -28.91 8.66
CA ASP E 496 -7.06 -28.69 10.11
C ASP E 496 -7.67 -27.31 10.43
N THR E 497 -7.90 -26.51 9.38
CA THR E 497 -8.50 -25.20 9.54
C THR E 497 -10.01 -25.24 9.37
N TRP E 498 -10.57 -26.41 9.09
CA TRP E 498 -11.99 -26.48 8.72
C TRP E 498 -12.82 -26.68 9.93
N PRO E 499 -14.10 -26.28 9.85
CA PRO E 499 -15.08 -26.74 10.82
C PRO E 499 -14.91 -28.22 10.99
N THR E 500 -15.29 -28.75 12.14
CA THR E 500 -15.23 -30.19 12.34
C THR E 500 -16.30 -30.91 11.49
N SER E 501 -17.45 -30.27 11.27
CA SER E 501 -18.43 -30.74 10.28
C SER E 501 -19.19 -29.56 9.67
N ALA E 502 -19.59 -29.72 8.41
CA ALA E 502 -20.23 -28.66 7.59
C ALA E 502 -21.03 -29.21 6.37
N LYS E 503 -22.26 -28.69 6.16
CA LYS E 503 -23.08 -28.97 4.95
C LYS E 503 -22.71 -27.98 3.87
N GLY E 504 -22.99 -28.31 2.61
CA GLY E 504 -22.76 -27.36 1.51
C GLY E 504 -23.55 -27.67 0.25
N VAL E 505 -23.89 -26.63 -0.51
CA VAL E 505 -24.48 -26.83 -1.84
C VAL E 505 -23.65 -26.17 -2.89
N GLY E 506 -23.31 -26.93 -3.92
CA GLY E 506 -22.68 -26.37 -5.10
C GLY E 506 -23.70 -26.48 -6.19
N PHE E 507 -23.81 -25.45 -7.02
CA PHE E 507 -24.68 -25.51 -8.17
C PHE E 507 -24.11 -24.82 -9.40
N SER E 508 -24.63 -25.23 -10.53
CA SER E 508 -24.20 -24.71 -11.80
C SER E 508 -25.32 -24.94 -12.81
N GLU E 509 -25.26 -24.22 -13.93
CA GLU E 509 -26.17 -24.45 -15.02
C GLU E 509 -25.27 -24.99 -16.11
N ALA E 510 -25.30 -26.30 -16.22
CA ALA E 510 -24.53 -27.04 -17.21
C ALA E 510 -25.23 -26.95 -18.58
N PRO E 511 -24.55 -27.34 -19.66
CA PRO E 511 -25.13 -27.28 -20.99
C PRO E 511 -26.54 -27.88 -21.14
N ARG E 512 -26.78 -29.01 -20.47
CA ARG E 512 -28.03 -29.77 -20.59
C ARG E 512 -29.09 -29.33 -19.60
N GLY E 513 -28.66 -28.66 -18.53
CA GLY E 513 -29.58 -27.96 -17.63
C GLY E 513 -29.06 -27.72 -16.23
N ALA E 514 -29.96 -27.88 -15.25
CA ALA E 514 -29.69 -27.49 -13.87
C ALA E 514 -29.02 -28.60 -13.05
N LEU E 515 -27.80 -28.30 -12.64
CA LEU E 515 -26.94 -29.23 -11.94
C LEU E 515 -26.65 -28.77 -10.51
N GLY E 516 -26.77 -29.70 -9.55
CA GLY E 516 -26.48 -29.42 -8.15
C GLY E 516 -25.74 -30.56 -7.46
N HIS E 517 -24.91 -30.19 -6.49
CA HIS E 517 -24.17 -31.14 -5.65
C HIS E 517 -24.37 -30.85 -4.17
N TRP E 518 -24.81 -31.86 -3.41
CA TRP E 518 -25.14 -31.68 -2.00
C TRP E 518 -24.22 -32.50 -1.08
N ILE E 519 -23.10 -31.86 -0.76
CA ILE E 519 -22.02 -32.42 0.04
C ILE E 519 -22.18 -32.19 1.55
N LYS E 520 -21.75 -33.15 2.36
CA LYS E 520 -21.56 -32.96 3.82
C LYS E 520 -20.12 -33.35 4.24
N ILE E 521 -19.38 -32.41 4.86
CA ILE E 521 -18.02 -32.70 5.34
C ILE E 521 -18.06 -33.03 6.83
N ALA E 522 -17.24 -33.99 7.23
CA ALA E 522 -17.18 -34.41 8.64
C ALA E 522 -15.83 -35.06 8.96
N ASN E 523 -15.12 -34.46 9.92
CA ASN E 523 -13.77 -34.88 10.26
C ASN E 523 -12.86 -34.90 9.06
N GLN E 524 -12.83 -33.76 8.36
CA GLN E 524 -11.90 -33.54 7.25
C GLN E 524 -12.15 -34.44 6.02
N LYS E 525 -13.25 -35.19 6.07
CA LYS E 525 -13.58 -36.21 5.09
C LYS E 525 -14.99 -35.98 4.58
N ILE E 526 -15.30 -36.53 3.41
CA ILE E 526 -16.66 -36.46 2.89
C ILE E 526 -17.58 -37.47 3.56
N ASP E 527 -18.76 -37.03 3.97
CA ASP E 527 -19.74 -37.90 4.63
C ASP E 527 -20.86 -38.22 3.64
N SER E 528 -21.64 -37.22 3.22
CA SER E 528 -22.57 -37.36 2.07
C SER E 528 -21.88 -36.83 0.85
N TYR E 529 -22.35 -37.25 -0.32
CA TYR E 529 -22.09 -36.54 -1.58
C TYR E 529 -23.12 -36.99 -2.63
N GLN E 530 -24.00 -36.07 -2.99
CA GLN E 530 -25.17 -36.42 -3.77
C GLN E 530 -25.32 -35.50 -4.95
N CYS E 531 -25.54 -36.08 -6.12
CA CYS E 531 -25.61 -35.32 -7.37
C CYS E 531 -27.00 -35.44 -8.00
N VAL E 532 -27.56 -34.29 -8.36
CA VAL E 532 -28.81 -34.21 -9.12
C VAL E 532 -28.49 -33.45 -10.37
N VAL E 533 -28.30 -34.21 -11.45
CA VAL E 533 -27.80 -33.66 -12.72
C VAL E 533 -28.93 -33.50 -13.74
N PRO E 534 -28.74 -32.62 -14.74
CA PRO E 534 -29.86 -32.16 -15.57
C PRO E 534 -30.57 -33.29 -16.25
N THR E 535 -29.81 -34.13 -16.94
CA THR E 535 -30.40 -35.25 -17.64
C THR E 535 -31.08 -36.23 -16.66
N THR E 536 -30.71 -36.20 -15.37
CA THR E 536 -31.49 -36.89 -14.36
C THR E 536 -32.92 -36.33 -14.33
N TRP E 537 -33.06 -35.01 -14.30
CA TRP E 537 -34.41 -34.41 -14.26
C TRP E 537 -35.26 -34.89 -15.44
N ASN E 538 -34.65 -34.81 -16.63
CA ASN E 538 -35.34 -34.96 -17.89
C ASN E 538 -35.64 -36.43 -18.24
N ALA E 539 -34.61 -37.27 -18.17
CA ALA E 539 -34.72 -38.71 -18.49
C ALA E 539 -35.26 -39.55 -17.34
N GLY E 540 -35.45 -38.90 -16.20
CA GLY E 540 -35.94 -39.55 -15.01
C GLY E 540 -37.22 -40.32 -15.28
N PRO E 541 -37.34 -41.51 -14.65
CA PRO E 541 -38.55 -42.29 -14.71
C PRO E 541 -39.70 -41.59 -14.02
N ARG E 542 -40.79 -42.31 -13.79
CA ARG E 542 -41.93 -41.79 -13.06
C ARG E 542 -41.68 -41.82 -11.55
N ASP E 543 -42.67 -41.35 -10.78
CA ASP E 543 -42.54 -41.20 -9.33
C ASP E 543 -43.76 -41.73 -8.58
N ASP E 544 -43.70 -41.66 -7.24
CA ASP E 544 -44.81 -42.03 -6.35
C ASP E 544 -46.18 -41.73 -6.95
N LYS E 545 -46.33 -40.51 -7.47
CA LYS E 545 -47.57 -40.01 -8.05
C LYS E 545 -47.97 -40.66 -9.37
N GLY E 546 -47.03 -41.29 -10.06
CA GLY E 546 -47.26 -41.86 -11.40
C GLY E 546 -47.04 -40.83 -12.50
N GLN E 547 -46.34 -39.77 -12.16
CA GLN E 547 -46.20 -38.58 -12.97
C GLN E 547 -45.00 -38.74 -13.89
N ILE E 548 -45.17 -38.47 -15.19
CA ILE E 548 -44.09 -38.73 -16.16
C ILE E 548 -43.07 -37.59 -16.23
N GLY E 549 -41.91 -37.90 -16.80
CA GLY E 549 -40.79 -36.97 -16.96
C GLY E 549 -40.73 -36.28 -18.31
N ALA E 550 -39.88 -35.26 -18.41
CA ALA E 550 -39.81 -34.41 -19.60
C ALA E 550 -39.64 -35.16 -20.94
N TYR E 551 -38.86 -36.24 -20.93
CA TYR E 551 -38.54 -37.02 -22.15
C TYR E 551 -39.74 -37.78 -22.65
N GLU E 552 -40.31 -38.60 -21.76
CA GLU E 552 -41.52 -39.37 -22.04
C GLU E 552 -42.65 -38.46 -22.55
N ALA E 553 -42.89 -37.35 -21.83
CA ALA E 553 -43.93 -36.39 -22.17
C ALA E 553 -43.83 -35.83 -23.59
N ALA E 554 -42.60 -35.69 -24.07
CA ALA E 554 -42.31 -35.03 -25.34
C ALA E 554 -42.43 -35.95 -26.55
N LEU E 555 -42.28 -37.24 -26.28
CA LEU E 555 -42.54 -38.23 -27.30
C LEU E 555 -44.03 -38.43 -27.50
N MET E 556 -44.84 -38.03 -26.55
CA MET E 556 -46.21 -38.51 -26.47
C MET E 556 -47.10 -38.28 -27.69
N GLY E 557 -47.12 -37.10 -28.27
CA GLY E 557 -48.03 -36.90 -29.42
C GLY E 557 -47.56 -37.46 -30.75
N THR E 558 -46.34 -37.99 -30.78
CA THR E 558 -45.59 -38.11 -32.02
C THR E 558 -46.14 -39.19 -32.93
N LYS E 559 -46.29 -38.87 -34.21
CA LYS E 559 -46.69 -39.86 -35.23
C LYS E 559 -45.45 -40.50 -35.83
N LEU E 560 -45.39 -41.82 -35.82
CA LEU E 560 -44.29 -42.57 -36.46
C LEU E 560 -44.61 -42.92 -37.93
N ALA E 561 -44.05 -42.14 -38.84
CA ALA E 561 -44.28 -42.34 -40.27
C ALA E 561 -43.93 -43.77 -40.65
N VAL E 562 -42.77 -44.23 -40.20
CA VAL E 562 -42.37 -45.64 -40.28
C VAL E 562 -42.02 -46.09 -38.86
N PRO E 563 -42.64 -47.18 -38.37
CA PRO E 563 -42.39 -47.61 -37.00
C PRO E 563 -41.08 -48.41 -36.85
N ASP E 564 -40.83 -49.31 -37.79
CA ASP E 564 -39.56 -50.04 -37.86
C ASP E 564 -38.36 -49.12 -37.71
N GLN E 565 -38.40 -47.97 -38.37
CA GLN E 565 -37.31 -46.96 -38.36
C GLN E 565 -37.75 -45.70 -37.60
N PRO E 566 -37.45 -45.62 -36.29
CA PRO E 566 -38.01 -44.54 -35.45
C PRO E 566 -37.19 -43.22 -35.46
N LEU E 567 -36.99 -42.65 -36.65
CA LEU E 567 -36.30 -41.38 -36.80
C LEU E 567 -36.97 -40.25 -36.01
N GLU E 568 -38.31 -40.30 -35.96
CA GLU E 568 -39.13 -39.31 -35.27
C GLU E 568 -38.85 -39.23 -33.76
N ILE E 569 -38.62 -40.39 -33.15
CA ILE E 569 -38.35 -40.49 -31.71
C ILE E 569 -36.98 -39.93 -31.40
N LEU E 570 -36.01 -40.25 -32.25
CA LEU E 570 -34.66 -39.77 -32.10
C LEU E 570 -34.61 -38.25 -32.13
N ARG E 571 -35.31 -37.62 -33.07
CA ARG E 571 -35.38 -36.14 -33.11
C ARG E 571 -35.68 -35.57 -31.74
N THR E 572 -36.87 -35.87 -31.24
CA THR E 572 -37.36 -35.38 -29.95
C THR E 572 -36.34 -35.67 -28.83
N LEU E 573 -35.99 -36.95 -28.63
CA LEU E 573 -34.96 -37.34 -27.61
C LEU E 573 -33.63 -36.56 -27.74
N HIS E 574 -33.11 -36.46 -28.96
CA HIS E 574 -31.88 -35.73 -29.17
C HIS E 574 -32.02 -34.27 -28.85
N SER E 575 -33.20 -33.68 -29.04
CA SER E 575 -33.39 -32.27 -28.72
C SER E 575 -33.15 -31.94 -27.24
N PHE E 576 -33.31 -32.93 -26.36
CA PHE E 576 -32.99 -32.77 -24.93
C PHE E 576 -31.50 -32.90 -24.59
N ASP E 577 -30.67 -33.19 -25.60
CA ASP E 577 -29.24 -33.41 -25.47
C ASP E 577 -28.86 -34.47 -24.43
N PRO E 578 -29.39 -35.70 -24.60
CA PRO E 578 -29.24 -36.67 -23.52
C PRO E 578 -27.80 -37.00 -23.25
N CYS E 579 -27.49 -37.07 -21.96
CA CYS E 579 -26.24 -37.58 -21.47
C CYS E 579 -26.50 -38.45 -20.25
N LEU E 580 -26.28 -39.76 -20.39
CA LEU E 580 -26.71 -40.69 -19.36
C LEU E 580 -25.68 -41.07 -18.33
N ALA E 581 -24.42 -41.07 -18.72
CA ALA E 581 -23.36 -41.04 -17.72
C ALA E 581 -23.72 -39.95 -16.71
N CYS E 582 -23.91 -38.75 -17.27
CA CYS E 582 -24.24 -37.54 -16.58
C CYS E 582 -25.52 -37.93 -15.67
N SER E 583 -26.61 -38.46 -16.25
CA SER E 583 -27.89 -38.75 -15.50
C SER E 583 -27.82 -39.68 -14.28
N THR E 584 -27.05 -40.75 -14.45
CA THR E 584 -26.95 -41.88 -13.51
C THR E 584 -25.87 -41.68 -12.47
N HIS E 585 -24.85 -40.92 -12.88
CA HIS E 585 -23.56 -40.84 -12.21
C HIS E 585 -23.07 -42.18 -11.64
N PRO F 5 -9.41 -50.44 -49.90
CA PRO F 5 -10.27 -50.67 -48.73
C PRO F 5 -9.64 -50.06 -47.46
N ARG F 6 -10.47 -49.68 -46.49
CA ARG F 6 -10.01 -49.07 -45.24
C ARG F 6 -10.21 -50.05 -44.06
N THR F 7 -9.24 -50.07 -43.14
CA THR F 7 -9.24 -50.98 -41.98
C THR F 7 -10.48 -50.69 -41.14
N PRO F 8 -11.35 -51.66 -41.02
CA PRO F 8 -12.52 -51.38 -40.23
C PRO F 8 -12.19 -51.32 -38.75
N VAL F 9 -12.90 -50.45 -38.04
CA VAL F 9 -12.72 -50.26 -36.60
C VAL F 9 -14.07 -50.23 -35.93
N ILE F 10 -14.27 -51.13 -34.99
CA ILE F 10 -15.51 -51.19 -34.25
C ILE F 10 -15.22 -50.56 -32.88
N TRP F 11 -15.90 -49.46 -32.57
CA TRP F 11 -15.65 -48.71 -31.35
C TRP F 11 -16.79 -48.95 -30.35
N LEU F 12 -16.46 -49.63 -29.27
CA LEU F 12 -17.44 -49.97 -28.26
C LEU F 12 -17.41 -49.04 -27.06
N HIS F 13 -18.59 -48.82 -26.49
CA HIS F 13 -18.70 -48.06 -25.26
C HIS F 13 -19.30 -48.96 -24.20
N GLY F 14 -18.57 -49.15 -23.11
CA GLY F 14 -19.02 -49.87 -21.94
C GLY F 14 -19.42 -48.91 -20.84
N LEU F 15 -18.94 -49.15 -19.61
CA LEU F 15 -19.06 -48.15 -18.54
C LEU F 15 -17.97 -47.11 -18.78
N GLU F 16 -18.32 -45.84 -18.70
CA GLU F 16 -17.50 -44.77 -19.25
C GLU F 16 -18.19 -43.43 -19.09
N CYS F 17 -17.40 -42.37 -19.26
CA CYS F 17 -17.91 -41.01 -19.31
C CYS F 17 -17.78 -40.40 -20.73
N THR F 18 -17.54 -41.27 -21.72
CA THR F 18 -17.39 -40.93 -23.15
C THR F 18 -16.20 -40.03 -23.49
N CYS F 19 -15.18 -40.01 -22.64
CA CYS F 19 -14.22 -38.91 -22.69
C CYS F 19 -13.10 -39.19 -23.64
N CYS F 20 -12.77 -40.45 -23.86
CA CYS F 20 -11.78 -40.75 -24.91
C CYS F 20 -12.31 -40.58 -26.36
N THR F 21 -13.60 -40.80 -26.55
CA THR F 21 -14.23 -40.47 -27.83
C THR F 21 -14.11 -38.96 -28.06
N GLU F 22 -14.43 -38.15 -27.03
CA GLU F 22 -14.35 -36.68 -27.14
C GLU F 22 -12.90 -36.30 -27.45
N SER F 23 -11.95 -36.94 -26.76
CA SER F 23 -10.50 -36.68 -27.00
C SER F 23 -10.04 -36.99 -28.42
N PHE F 24 -10.51 -38.11 -28.95
CA PHE F 24 -10.16 -38.54 -30.27
C PHE F 24 -10.48 -37.43 -31.28
N ILE F 25 -11.65 -36.79 -31.18
CA ILE F 25 -12.06 -35.82 -32.22
C ILE F 25 -11.24 -34.50 -32.19
N ARG F 26 -10.56 -34.29 -31.05
CA ARG F 26 -9.68 -33.13 -30.85
C ARG F 26 -8.38 -33.23 -31.64
N SER F 27 -8.22 -34.36 -32.34
CA SER F 27 -7.02 -34.61 -33.13
C SER F 27 -6.89 -33.60 -34.22
N ALA F 28 -5.66 -33.10 -34.37
CA ALA F 28 -5.33 -32.03 -35.34
C ALA F 28 -4.60 -32.51 -36.56
N HIS F 29 -3.70 -33.46 -36.37
CA HIS F 29 -2.97 -34.11 -37.47
C HIS F 29 -2.81 -35.59 -37.16
N PRO F 30 -3.60 -36.45 -37.82
CA PRO F 30 -4.71 -36.16 -38.72
C PRO F 30 -6.02 -35.69 -38.05
N LEU F 31 -6.81 -34.92 -38.79
CA LEU F 31 -8.15 -34.56 -38.33
C LEU F 31 -9.02 -35.81 -38.22
N ALA F 32 -9.80 -35.87 -37.16
CA ALA F 32 -10.73 -36.97 -37.00
C ALA F 32 -11.62 -37.10 -38.22
N LYS F 33 -11.87 -35.98 -38.90
CA LYS F 33 -12.61 -36.00 -40.17
C LYS F 33 -11.88 -36.84 -41.22
N ASP F 34 -10.58 -36.62 -41.30
CA ASP F 34 -9.73 -37.26 -42.28
C ASP F 34 -9.45 -38.72 -41.90
N ALA F 35 -9.40 -39.01 -40.62
CA ALA F 35 -9.37 -40.40 -40.18
C ALA F 35 -10.64 -41.10 -40.62
N ILE F 36 -11.79 -40.54 -40.27
CA ILE F 36 -13.07 -41.19 -40.53
C ILE F 36 -13.32 -41.44 -42.01
N LEU F 37 -13.05 -40.42 -42.83
CA LEU F 37 -13.35 -40.50 -44.28
C LEU F 37 -12.28 -41.24 -45.06
N SER F 38 -11.03 -41.28 -44.58
CA SER F 38 -9.89 -41.72 -45.43
C SER F 38 -8.90 -42.78 -44.89
N LEU F 39 -8.69 -42.85 -43.57
CA LEU F 39 -7.75 -43.79 -42.96
C LEU F 39 -8.39 -45.07 -42.48
N ILE F 40 -9.55 -44.96 -41.85
CA ILE F 40 -10.22 -46.12 -41.28
C ILE F 40 -11.66 -46.17 -41.77
N SER F 41 -12.38 -47.22 -41.38
CA SER F 41 -13.82 -47.19 -41.48
C SER F 41 -14.38 -47.29 -40.08
N LEU F 42 -14.81 -46.16 -39.53
CA LEU F 42 -15.39 -46.14 -38.19
C LEU F 42 -16.83 -46.68 -38.18
N ASP F 43 -16.93 -48.02 -38.21
CA ASP F 43 -18.12 -48.74 -38.66
C ASP F 43 -19.24 -48.89 -37.65
N TYR F 44 -18.89 -48.92 -36.37
CA TYR F 44 -19.86 -48.85 -35.28
C TYR F 44 -19.27 -47.88 -34.32
N ASP F 45 -20.06 -46.90 -33.88
CA ASP F 45 -19.66 -46.00 -32.80
C ASP F 45 -20.89 -45.31 -32.18
N ASP F 46 -21.35 -45.84 -31.05
CA ASP F 46 -22.53 -45.32 -30.35
C ASP F 46 -22.66 -43.80 -30.48
N THR F 47 -21.58 -43.10 -30.18
CA THR F 47 -21.66 -41.66 -30.00
C THR F 47 -22.05 -40.88 -31.27
N ILE F 48 -21.57 -41.29 -32.45
CA ILE F 48 -21.75 -40.43 -33.62
C ILE F 48 -22.47 -41.05 -34.76
N MET F 49 -22.70 -42.35 -34.69
CA MET F 49 -23.27 -43.06 -35.84
C MET F 49 -24.72 -42.69 -36.13
N ALA F 50 -25.04 -42.56 -37.42
CA ALA F 50 -26.38 -42.16 -37.85
C ALA F 50 -27.46 -43.12 -37.33
N ALA F 51 -27.16 -44.42 -37.40
CA ALA F 51 -28.14 -45.47 -37.12
C ALA F 51 -28.35 -45.73 -35.63
N ALA F 52 -29.58 -46.15 -35.27
CA ALA F 52 -29.92 -46.51 -33.89
C ALA F 52 -30.59 -47.88 -33.82
N GLY F 53 -30.76 -48.37 -32.59
CA GLY F 53 -31.64 -49.52 -32.31
C GLY F 53 -31.30 -50.72 -33.14
N GLN F 54 -32.31 -51.34 -33.76
CA GLN F 54 -32.05 -52.50 -34.65
C GLN F 54 -31.18 -52.12 -35.82
N GLN F 55 -31.41 -50.93 -36.37
CA GLN F 55 -30.63 -50.47 -37.52
C GLN F 55 -29.16 -50.39 -37.17
N ALA F 56 -28.86 -50.10 -35.90
CA ALA F 56 -27.48 -49.92 -35.43
C ALA F 56 -26.83 -51.27 -35.21
N GLU F 57 -27.56 -52.18 -34.56
CA GLU F 57 -27.08 -53.54 -34.34
C GLU F 57 -26.85 -54.26 -35.65
N GLN F 58 -27.76 -54.05 -36.59
CA GLN F 58 -27.66 -54.65 -37.91
C GLN F 58 -26.36 -54.22 -38.55
N ALA F 59 -26.11 -52.92 -38.55
CA ALA F 59 -24.91 -52.37 -39.13
C ALA F 59 -23.66 -53.04 -38.55
N LEU F 60 -23.66 -53.33 -37.26
CA LEU F 60 -22.51 -54.02 -36.65
C LEU F 60 -22.37 -55.46 -37.15
N ALA F 61 -23.47 -56.21 -37.02
CA ALA F 61 -23.50 -57.56 -37.51
C ALA F 61 -22.93 -57.59 -38.94
N ASP F 62 -23.41 -56.68 -39.79
CA ASP F 62 -22.96 -56.55 -41.18
C ASP F 62 -21.45 -56.53 -41.29
N VAL F 63 -20.80 -55.69 -40.49
CA VAL F 63 -19.35 -55.47 -40.61
C VAL F 63 -18.51 -56.58 -39.98
N MET F 64 -19.08 -57.30 -39.03
CA MET F 64 -18.36 -58.38 -38.37
C MET F 64 -18.36 -59.58 -39.29
N ARG F 65 -19.58 -59.98 -39.67
CA ARG F 65 -19.81 -61.02 -40.64
C ARG F 65 -18.91 -60.77 -41.86
N GLU F 66 -18.92 -59.53 -42.35
CA GLU F 66 -18.28 -59.19 -43.61
C GLU F 66 -16.77 -59.07 -43.48
N TYR F 67 -16.29 -58.33 -42.50
CA TYR F 67 -14.84 -58.08 -42.35
C TYR F 67 -14.20 -58.95 -41.28
N LYS F 68 -14.76 -60.14 -41.07
CA LYS F 68 -14.40 -61.02 -39.95
C LYS F 68 -12.91 -61.39 -39.92
N GLY F 69 -12.34 -61.38 -38.70
CA GLY F 69 -10.95 -61.72 -38.49
C GLY F 69 -9.97 -60.64 -38.89
N ASN F 70 -10.44 -59.60 -39.59
CA ASN F 70 -9.61 -58.47 -40.07
C ASN F 70 -9.85 -57.12 -39.41
N TYR F 71 -10.97 -56.96 -38.70
CA TYR F 71 -11.30 -55.69 -38.07
C TYR F 71 -10.65 -55.50 -36.71
N ILE F 72 -10.40 -54.24 -36.38
CA ILE F 72 -9.89 -53.84 -35.07
C ILE F 72 -11.03 -53.42 -34.16
N VAL F 73 -11.04 -53.90 -32.91
CA VAL F 73 -11.98 -53.42 -31.93
C VAL F 73 -11.30 -52.40 -31.06
N ALA F 74 -11.85 -51.19 -31.04
CA ALA F 74 -11.49 -50.18 -30.05
C ALA F 74 -12.52 -50.20 -28.95
N VAL F 75 -12.06 -50.24 -27.72
CA VAL F 75 -12.96 -50.33 -26.60
C VAL F 75 -12.70 -49.14 -25.72
N GLU F 76 -13.73 -48.35 -25.47
CA GLU F 76 -13.61 -47.34 -24.46
C GLU F 76 -14.67 -47.67 -23.43
N GLY F 77 -14.34 -47.41 -22.18
CA GLY F 77 -15.13 -47.91 -21.08
C GLY F 77 -14.69 -49.30 -20.70
N ASN F 78 -15.18 -49.74 -19.54
CA ASN F 78 -14.98 -51.11 -19.05
C ASN F 78 -16.32 -51.83 -18.81
N ALA F 79 -16.27 -53.01 -18.21
CA ALA F 79 -17.45 -53.84 -18.01
C ALA F 79 -17.69 -54.14 -16.54
N PRO F 80 -18.89 -53.82 -16.02
CA PRO F 80 -19.29 -54.24 -14.68
C PRO F 80 -19.74 -55.69 -14.62
N LEU F 81 -19.32 -56.36 -13.54
CA LEU F 81 -19.55 -57.79 -13.36
C LEU F 81 -20.70 -58.07 -12.41
N ASN F 82 -20.86 -57.23 -11.39
CA ASN F 82 -21.93 -57.37 -10.41
C ASN F 82 -23.30 -57.19 -11.02
N GLU F 83 -24.33 -57.65 -10.31
CA GLU F 83 -25.67 -57.74 -10.85
C GLU F 83 -25.67 -58.33 -12.29
N ASP F 84 -24.89 -59.41 -12.47
CA ASP F 84 -24.77 -60.17 -13.73
C ASP F 84 -24.54 -59.29 -14.96
N GLY F 85 -23.80 -58.21 -14.75
CA GLY F 85 -23.37 -57.34 -15.84
C GLY F 85 -24.37 -56.28 -16.25
N MET F 86 -25.54 -56.26 -15.59
CA MET F 86 -26.66 -55.35 -15.92
C MET F 86 -26.56 -53.95 -15.31
N PHE F 87 -25.40 -53.62 -14.78
CA PHE F 87 -25.02 -52.23 -14.52
C PHE F 87 -24.58 -51.52 -15.82
N CYS F 88 -24.64 -52.23 -16.95
CA CYS F 88 -24.35 -51.68 -18.26
C CYS F 88 -24.99 -52.49 -19.38
N ILE F 89 -26.02 -51.92 -20.02
CA ILE F 89 -26.98 -52.70 -20.84
C ILE F 89 -27.11 -52.15 -22.28
N LEU F 90 -26.52 -52.88 -23.23
CA LEU F 90 -26.59 -52.54 -24.66
C LEU F 90 -27.46 -53.47 -25.46
N ALA F 91 -28.57 -52.95 -25.95
CA ALA F 91 -29.55 -53.71 -26.72
C ALA F 91 -30.10 -54.87 -25.88
N GLY F 92 -30.49 -54.54 -24.66
CA GLY F 92 -31.12 -55.49 -23.75
C GLY F 92 -30.16 -56.50 -23.14
N GLU F 93 -28.89 -56.40 -23.49
CA GLU F 93 -27.89 -57.37 -23.07
C GLU F 93 -26.75 -56.72 -22.32
N PRO F 94 -26.21 -57.43 -21.31
CA PRO F 94 -25.09 -56.87 -20.58
C PRO F 94 -23.95 -56.53 -21.53
N PHE F 95 -23.16 -55.53 -21.18
CA PHE F 95 -22.13 -55.09 -22.09
C PHE F 95 -21.10 -56.20 -22.26
N LEU F 96 -20.86 -56.92 -21.17
CA LEU F 96 -19.91 -57.99 -21.20
C LEU F 96 -20.11 -58.98 -22.37
N GLU F 97 -21.33 -59.39 -22.68
CA GLU F 97 -21.57 -60.35 -23.79
C GLU F 97 -21.19 -59.67 -25.09
N LYS F 98 -21.72 -58.46 -25.27
CA LYS F 98 -21.48 -57.73 -26.50
C LYS F 98 -19.97 -57.62 -26.77
N LEU F 99 -19.20 -57.33 -25.71
CA LEU F 99 -17.73 -57.26 -25.82
C LEU F 99 -17.19 -58.60 -26.30
N LYS F 100 -17.52 -59.68 -25.61
CA LYS F 100 -16.98 -60.99 -25.96
C LYS F 100 -17.29 -61.37 -27.41
N ARG F 101 -18.54 -61.18 -27.80
CA ARG F 101 -19.02 -61.54 -29.14
C ARG F 101 -18.25 -60.76 -30.22
N VAL F 102 -18.11 -59.45 -30.04
CA VAL F 102 -17.43 -58.63 -31.02
C VAL F 102 -15.94 -58.95 -31.06
N SER F 103 -15.32 -59.17 -29.91
CA SER F 103 -13.85 -59.32 -29.88
C SER F 103 -13.40 -60.74 -30.17
N ALA F 104 -14.30 -61.71 -30.14
CA ALA F 104 -13.90 -63.05 -30.52
C ALA F 104 -13.42 -63.10 -31.97
N ASP F 105 -14.01 -62.29 -32.84
CA ASP F 105 -13.69 -62.34 -34.26
C ASP F 105 -12.75 -61.22 -34.71
N ALA F 106 -12.10 -60.57 -33.76
CA ALA F 106 -11.31 -59.39 -34.08
C ALA F 106 -9.84 -59.71 -34.29
N LYS F 107 -9.17 -58.86 -35.06
CA LYS F 107 -7.74 -59.00 -35.41
C LYS F 107 -6.87 -58.56 -34.24
N ALA F 108 -7.27 -57.46 -33.59
CA ALA F 108 -6.59 -56.94 -32.40
C ALA F 108 -7.48 -55.93 -31.70
N ILE F 109 -7.15 -55.65 -30.45
CA ILE F 109 -7.99 -54.80 -29.59
C ILE F 109 -7.23 -53.60 -29.04
N ILE F 110 -7.72 -52.41 -29.31
CA ILE F 110 -7.18 -51.24 -28.64
C ILE F 110 -8.09 -50.90 -27.46
N ALA F 111 -7.47 -50.71 -26.29
CA ALA F 111 -8.19 -50.31 -25.10
C ALA F 111 -7.91 -48.86 -24.88
N TRP F 112 -8.83 -48.02 -25.34
CA TRP F 112 -8.72 -46.58 -25.13
C TRP F 112 -8.96 -46.20 -23.67
N GLY F 113 -8.02 -45.48 -23.12
CA GLY F 113 -8.24 -44.79 -21.88
C GLY F 113 -8.01 -45.66 -20.68
N SER F 114 -8.10 -45.04 -19.51
CA SER F 114 -7.85 -45.72 -18.26
C SER F 114 -9.01 -46.63 -17.91
N CYS F 115 -10.22 -46.29 -18.33
CA CYS F 115 -11.37 -47.15 -18.06
C CYS F 115 -11.12 -48.52 -18.62
N ALA F 116 -10.95 -48.60 -19.94
CA ALA F 116 -10.75 -49.87 -20.63
C ALA F 116 -9.42 -50.54 -20.26
N SER F 117 -8.43 -49.74 -19.89
CA SER F 117 -7.12 -50.27 -19.59
C SER F 117 -6.99 -50.80 -18.16
N TRP F 118 -7.52 -50.07 -17.19
CA TRP F 118 -7.28 -50.37 -15.76
C TRP F 118 -8.51 -50.47 -14.89
N GLY F 119 -9.48 -49.57 -15.11
CA GLY F 119 -10.70 -49.39 -14.29
C GLY F 119 -11.19 -47.95 -14.23
N CYS F 120 -10.23 -47.00 -14.12
CA CYS F 120 -10.51 -45.56 -13.85
C CYS F 120 -11.53 -45.35 -12.68
N VAL F 121 -12.33 -44.30 -12.78
CA VAL F 121 -13.07 -43.78 -11.62
C VAL F 121 -14.16 -44.72 -11.06
N GLN F 122 -14.87 -45.44 -11.94
CA GLN F 122 -15.93 -46.40 -11.51
C GLN F 122 -15.36 -47.53 -10.64
N ALA F 123 -14.07 -47.79 -10.86
CA ALA F 123 -13.35 -48.87 -10.21
C ALA F 123 -12.57 -48.41 -9.00
N ALA F 124 -12.57 -47.11 -8.72
CA ALA F 124 -12.03 -46.59 -7.46
C ALA F 124 -12.85 -47.05 -6.24
N ARG F 125 -12.14 -47.30 -5.15
CA ARG F 125 -12.74 -47.78 -3.91
C ARG F 125 -14.08 -47.07 -3.58
N PRO F 126 -15.14 -47.84 -3.28
CA PRO F 126 -15.20 -49.30 -3.13
C PRO F 126 -15.72 -50.03 -4.35
N ASN F 127 -15.66 -49.39 -5.52
CA ASN F 127 -16.04 -50.01 -6.81
C ASN F 127 -17.33 -50.83 -6.74
N PRO F 128 -18.48 -50.17 -6.56
CA PRO F 128 -19.73 -50.88 -6.29
C PRO F 128 -20.19 -51.70 -7.49
N THR F 129 -19.92 -51.18 -8.67
CA THR F 129 -20.40 -51.85 -9.87
C THR F 129 -19.51 -53.00 -10.33
N LYS F 130 -18.45 -53.30 -9.58
CA LYS F 130 -17.46 -54.31 -9.94
C LYS F 130 -16.94 -54.13 -11.36
N ALA F 131 -16.47 -52.91 -11.61
CA ALA F 131 -15.99 -52.52 -12.94
C ALA F 131 -14.62 -53.13 -13.21
N THR F 132 -14.48 -53.77 -14.35
CA THR F 132 -13.34 -54.63 -14.63
C THR F 132 -12.85 -54.33 -16.05
N PRO F 133 -11.53 -54.16 -16.23
CA PRO F 133 -10.97 -53.71 -17.52
C PRO F 133 -10.98 -54.78 -18.59
N VAL F 134 -10.68 -54.37 -19.82
CA VAL F 134 -10.83 -55.29 -20.96
C VAL F 134 -9.97 -56.52 -20.79
N HIS F 135 -8.66 -56.30 -20.56
CA HIS F 135 -7.69 -57.39 -20.54
C HIS F 135 -7.87 -58.43 -19.46
N LYS F 136 -8.60 -58.12 -18.40
CA LYS F 136 -8.98 -59.13 -17.43
C LYS F 136 -10.17 -59.96 -17.90
N LEU F 137 -10.84 -59.55 -18.98
CA LEU F 137 -12.00 -60.28 -19.51
C LEU F 137 -11.73 -60.94 -20.86
N ILE F 138 -11.04 -60.22 -21.76
CA ILE F 138 -10.61 -60.78 -23.05
C ILE F 138 -9.12 -61.14 -22.97
N THR F 139 -8.82 -62.42 -23.13
CA THR F 139 -7.46 -62.88 -22.88
C THR F 139 -6.93 -63.77 -23.99
N ASP F 140 -7.63 -63.81 -25.12
CA ASP F 140 -7.20 -64.65 -26.25
C ASP F 140 -6.93 -63.82 -27.47
N LYS F 141 -6.78 -62.53 -27.26
CA LYS F 141 -6.49 -61.59 -28.32
C LYS F 141 -5.47 -60.60 -27.81
N PRO F 142 -4.61 -60.10 -28.70
CA PRO F 142 -3.69 -59.03 -28.35
C PRO F 142 -4.35 -57.68 -27.96
N ILE F 143 -3.91 -57.12 -26.83
CA ILE F 143 -4.49 -55.87 -26.37
C ILE F 143 -3.46 -54.75 -26.26
N ILE F 144 -3.73 -53.64 -26.94
CA ILE F 144 -2.94 -52.43 -26.80
C ILE F 144 -3.69 -51.55 -25.83
N LYS F 145 -3.04 -51.27 -24.71
CA LYS F 145 -3.58 -50.36 -23.72
C LYS F 145 -3.03 -48.98 -24.05
N VAL F 146 -3.92 -48.01 -24.24
CA VAL F 146 -3.50 -46.64 -24.46
C VAL F 146 -4.15 -45.81 -23.38
N PRO F 147 -3.54 -45.78 -22.17
CA PRO F 147 -4.23 -45.24 -20.97
C PRO F 147 -4.14 -43.72 -20.77
N GLY F 148 -4.75 -43.24 -19.70
CA GLY F 148 -4.90 -41.81 -19.43
C GLY F 148 -6.37 -41.49 -19.44
N CYS F 149 -6.78 -40.47 -18.68
CA CYS F 149 -8.19 -40.11 -18.52
C CYS F 149 -8.43 -38.68 -18.99
N PRO F 150 -8.51 -38.47 -20.30
CA PRO F 150 -8.33 -39.40 -21.40
C PRO F 150 -6.91 -39.49 -21.89
N PRO F 151 -6.69 -40.32 -22.90
CA PRO F 151 -5.42 -40.26 -23.60
C PRO F 151 -5.32 -38.93 -24.27
N ILE F 152 -4.10 -38.62 -24.66
CA ILE F 152 -3.81 -37.41 -25.40
C ILE F 152 -4.38 -37.56 -26.82
N PRO F 153 -5.21 -36.61 -27.24
CA PRO F 153 -5.72 -36.62 -28.58
C PRO F 153 -4.71 -37.08 -29.66
N GLU F 154 -3.54 -36.44 -29.75
CA GLU F 154 -2.62 -36.72 -30.88
C GLU F 154 -1.82 -38.00 -30.67
N VAL F 155 -1.85 -38.53 -29.45
CA VAL F 155 -1.30 -39.87 -29.18
C VAL F 155 -2.24 -40.93 -29.78
N MET F 156 -3.53 -40.82 -29.44
CA MET F 156 -4.52 -41.74 -29.94
C MET F 156 -4.41 -41.83 -31.44
N SER F 157 -4.35 -40.67 -32.10
CA SER F 157 -4.32 -40.63 -33.57
C SER F 157 -3.00 -41.17 -34.12
N ALA F 158 -1.90 -40.89 -33.43
CA ALA F 158 -0.60 -41.35 -33.91
C ALA F 158 -0.46 -42.85 -33.75
N VAL F 159 -1.05 -43.42 -32.70
CA VAL F 159 -1.07 -44.88 -32.57
C VAL F 159 -1.78 -45.58 -33.73
N ILE F 160 -2.94 -45.07 -34.11
CA ILE F 160 -3.69 -45.63 -35.23
C ILE F 160 -2.94 -45.46 -36.53
N THR F 161 -2.43 -44.25 -36.79
CA THR F 161 -1.75 -44.00 -38.06
C THR F 161 -0.50 -44.83 -38.16
N TYR F 162 0.11 -45.14 -37.01
CA TYR F 162 1.29 -46.02 -36.98
C TYR F 162 0.97 -47.44 -37.37
N MET F 163 -0.09 -47.96 -36.78
CA MET F 163 -0.48 -49.33 -36.98
C MET F 163 -0.87 -49.54 -38.42
N LEU F 164 -1.59 -48.58 -39.00
CA LEU F 164 -1.98 -48.66 -40.42
C LEU F 164 -0.77 -48.60 -41.33
N ALA F 165 0.14 -47.71 -41.02
CA ALA F 165 1.24 -47.42 -41.91
C ALA F 165 2.26 -48.52 -41.92
N PHE F 166 2.54 -49.05 -40.75
CA PHE F 166 3.57 -50.06 -40.62
C PHE F 166 2.98 -51.46 -40.53
N ASP F 167 1.66 -51.54 -40.44
CA ASP F 167 0.96 -52.81 -40.40
C ASP F 167 1.58 -53.70 -39.34
N ARG F 168 1.57 -53.20 -38.11
CA ARG F 168 2.25 -53.83 -37.00
C ARG F 168 1.56 -53.39 -35.70
N ILE F 169 1.66 -54.20 -34.66
CA ILE F 169 1.40 -53.73 -33.31
C ILE F 169 2.67 -53.04 -32.83
N PRO F 170 2.56 -51.81 -32.33
CA PRO F 170 3.77 -51.16 -31.83
C PRO F 170 4.39 -51.92 -30.63
N PRO F 171 5.68 -51.72 -30.36
CA PRO F 171 6.34 -52.25 -29.18
C PRO F 171 5.63 -51.90 -27.89
N LEU F 172 5.22 -52.91 -27.13
CA LEU F 172 4.53 -52.64 -25.87
C LEU F 172 5.47 -52.82 -24.70
N ASP F 173 5.11 -52.20 -23.56
CA ASP F 173 5.85 -52.40 -22.32
C ASP F 173 5.21 -53.59 -21.56
N ARG F 174 5.51 -53.77 -20.29
CA ARG F 174 4.95 -54.90 -19.50
C ARG F 174 3.47 -54.80 -19.32
N LEU F 175 2.92 -53.62 -19.51
CA LEU F 175 1.52 -53.39 -19.19
C LEU F 175 0.73 -53.30 -20.48
N GLY F 176 1.44 -53.38 -21.60
CA GLY F 176 0.78 -53.39 -22.90
C GLY F 176 0.61 -52.00 -23.47
N ARG F 177 1.46 -51.09 -23.03
CA ARG F 177 1.36 -49.71 -23.47
C ARG F 177 2.38 -49.48 -24.56
N PRO F 178 2.00 -48.76 -25.62
CA PRO F 178 2.98 -48.46 -26.64
C PRO F 178 4.13 -47.69 -26.04
N LYS F 179 5.33 -48.24 -26.15
CA LYS F 179 6.50 -47.63 -25.56
C LYS F 179 6.77 -46.23 -26.11
N MET F 180 6.54 -46.09 -27.41
CA MET F 180 6.70 -44.82 -28.07
C MET F 180 6.21 -43.63 -27.22
N PHE F 181 5.03 -43.77 -26.59
CA PHE F 181 4.45 -42.65 -25.81
C PHE F 181 4.40 -42.88 -24.30
N TYR F 182 4.20 -44.12 -23.88
CA TYR F 182 4.14 -44.43 -22.45
C TYR F 182 5.48 -45.00 -21.91
N GLY F 183 6.54 -44.83 -22.69
CA GLY F 183 7.84 -45.36 -22.31
C GLY F 183 8.60 -44.56 -21.26
N GLN F 184 8.29 -43.26 -21.13
CA GLN F 184 9.06 -42.40 -20.25
C GLN F 184 8.19 -41.58 -19.33
N ARG F 185 8.69 -41.41 -18.11
CA ARG F 185 7.96 -40.65 -17.10
C ARG F 185 7.77 -39.20 -17.50
N ILE F 186 6.57 -38.68 -17.24
CA ILE F 186 6.32 -37.25 -17.42
C ILE F 186 7.48 -36.49 -16.78
N HIS F 187 7.81 -36.88 -15.55
CA HIS F 187 8.81 -36.18 -14.75
C HIS F 187 10.21 -36.24 -15.34
N ASP F 188 10.49 -37.25 -16.17
CA ASP F 188 11.81 -37.39 -16.80
C ASP F 188 11.87 -36.61 -18.12
N LYS F 189 10.82 -35.90 -18.48
CA LYS F 189 10.88 -34.92 -19.58
C LYS F 189 10.06 -33.66 -19.27
N CYS F 190 9.97 -33.35 -17.97
CA CYS F 190 9.20 -32.20 -17.53
C CYS F 190 10.06 -30.95 -17.59
N TYR F 191 9.47 -29.84 -18.04
CA TYR F 191 10.18 -28.58 -18.16
C TYR F 191 10.46 -27.91 -16.82
N ARG F 192 9.62 -28.18 -15.83
CA ARG F 192 9.78 -27.57 -14.52
C ARG F 192 10.82 -28.30 -13.69
N ARG F 193 11.49 -29.25 -14.32
CA ARG F 193 12.32 -30.18 -13.60
C ARG F 193 13.52 -29.52 -13.02
N ALA F 194 14.12 -28.66 -13.80
CA ALA F 194 15.20 -27.83 -13.33
C ALA F 194 14.99 -27.33 -11.90
N HIS F 195 13.77 -26.90 -11.61
CA HIS F 195 13.38 -26.35 -10.32
C HIS F 195 13.31 -27.39 -9.24
N PHE F 196 12.68 -28.53 -9.55
CA PHE F 196 12.67 -29.68 -8.66
C PHE F 196 14.07 -29.93 -8.20
N ASP F 197 14.96 -30.12 -9.17
CA ASP F 197 16.36 -30.40 -8.91
C ASP F 197 17.10 -29.35 -8.10
N ALA F 198 16.65 -28.11 -8.14
CA ALA F 198 17.28 -27.03 -7.37
C ALA F 198 16.44 -26.64 -6.14
N GLY F 199 15.43 -27.47 -5.82
CA GLY F 199 14.60 -27.27 -4.62
C GLY F 199 13.66 -26.08 -4.69
N GLN F 200 13.28 -25.69 -5.90
CA GLN F 200 12.46 -24.53 -6.09
C GLN F 200 11.03 -25.01 -6.21
N PHE F 201 10.20 -24.80 -5.19
CA PHE F 201 8.83 -25.33 -5.21
C PHE F 201 7.70 -24.35 -4.99
N VAL F 202 6.55 -24.70 -5.55
CA VAL F 202 5.33 -24.08 -5.11
C VAL F 202 5.05 -24.71 -3.80
N GLU F 203 4.88 -23.86 -2.78
CA GLU F 203 4.55 -24.30 -1.42
C GLU F 203 3.07 -24.12 -1.10
N ALA F 204 2.47 -23.09 -1.68
CA ALA F 204 1.03 -22.93 -1.63
C ALA F 204 0.61 -22.15 -2.85
N TRP F 205 -0.67 -22.25 -3.19
CA TRP F 205 -1.12 -21.72 -4.47
C TRP F 205 -0.88 -20.20 -4.53
N ASP F 206 -0.60 -19.76 -5.76
CA ASP F 206 -0.36 -18.37 -6.09
C ASP F 206 0.75 -17.73 -5.24
N ASP F 207 1.71 -18.52 -4.78
CA ASP F 207 2.87 -17.96 -4.10
C ASP F 207 3.91 -17.57 -5.14
N GLU F 208 4.98 -16.91 -4.70
CA GLU F 208 6.00 -16.45 -5.64
C GLU F 208 6.42 -17.61 -6.52
N GLY F 209 6.48 -18.80 -5.93
CA GLY F 209 6.84 -20.01 -6.68
C GLY F 209 5.91 -20.31 -7.83
N ALA F 210 4.62 -20.42 -7.54
CA ALA F 210 3.63 -20.66 -8.56
C ALA F 210 3.76 -19.67 -9.69
N ARG F 211 3.85 -18.39 -9.35
CA ARG F 211 3.87 -17.36 -10.37
C ARG F 211 5.16 -17.38 -11.19
N LYS F 212 6.16 -18.12 -10.73
CA LYS F 212 7.48 -18.19 -11.39
C LYS F 212 7.67 -19.51 -12.16
N GLY F 213 6.64 -20.36 -12.13
CA GLY F 213 6.72 -21.70 -12.78
C GLY F 213 7.41 -22.84 -12.02
N TYR F 214 7.51 -22.71 -10.71
CA TYR F 214 8.21 -23.71 -9.90
C TYR F 214 7.59 -25.11 -9.92
N CYS F 215 8.37 -26.08 -9.46
CA CYS F 215 7.95 -27.46 -9.47
C CYS F 215 6.83 -27.74 -8.47
N LEU F 216 5.86 -28.51 -8.95
CA LEU F 216 4.61 -28.73 -8.24
C LEU F 216 4.63 -29.93 -7.33
N TYR F 217 5.82 -30.47 -7.10
CA TYR F 217 5.98 -31.73 -6.36
C TYR F 217 5.35 -31.69 -4.96
N LYS F 218 5.55 -30.57 -4.28
CA LYS F 218 5.08 -30.39 -2.93
C LYS F 218 3.59 -30.17 -2.92
N MET F 219 3.03 -29.74 -4.05
CA MET F 219 1.58 -29.59 -4.20
C MET F 219 0.91 -30.87 -4.71
N GLY F 220 1.67 -31.97 -4.70
CA GLY F 220 1.11 -33.32 -4.88
C GLY F 220 1.20 -33.84 -6.28
N CYS F 221 2.09 -33.26 -7.08
CA CYS F 221 2.29 -33.72 -8.45
C CYS F 221 2.76 -35.18 -8.43
N LYS F 222 2.14 -36.02 -9.26
CA LYS F 222 2.53 -37.42 -9.38
C LYS F 222 3.26 -37.71 -10.71
N GLY F 223 3.77 -36.66 -11.35
CA GLY F 223 4.56 -36.80 -12.57
C GLY F 223 5.72 -37.79 -12.47
N PRO F 224 6.38 -37.89 -11.29
CA PRO F 224 7.51 -38.80 -11.19
C PRO F 224 7.19 -40.29 -11.11
N THR F 225 5.92 -40.65 -10.93
CA THR F 225 5.51 -42.06 -10.88
C THR F 225 4.65 -42.40 -12.12
N THR F 226 4.59 -41.50 -13.11
CA THR F 226 3.52 -41.51 -14.12
C THR F 226 4.01 -41.41 -15.55
N TYR F 227 3.63 -42.39 -16.35
CA TYR F 227 4.05 -42.51 -17.74
C TYR F 227 2.94 -42.07 -18.66
N ASN F 228 3.31 -41.14 -19.54
CA ASN F 228 2.42 -40.62 -20.56
C ASN F 228 3.31 -39.70 -21.38
N ALA F 229 2.77 -39.09 -22.42
CA ALA F 229 3.52 -38.11 -23.20
C ALA F 229 3.15 -36.66 -22.93
N CYS F 230 2.44 -36.39 -21.85
CA CYS F 230 1.92 -35.05 -21.59
C CYS F 230 2.97 -33.94 -21.60
N SER F 231 4.21 -34.26 -21.16
CA SER F 231 5.24 -33.22 -21.00
C SER F 231 5.91 -32.86 -22.30
N THR F 232 5.61 -33.64 -23.33
CA THR F 232 6.32 -33.60 -24.59
C THR F 232 5.37 -33.33 -25.73
N VAL F 233 4.49 -34.29 -25.99
CA VAL F 233 3.50 -34.17 -27.05
C VAL F 233 2.52 -33.08 -26.65
N ARG F 234 2.19 -33.04 -25.35
CA ARG F 234 1.32 -32.02 -24.76
C ARG F 234 -0.11 -32.14 -25.27
N TRP F 235 -1.01 -31.30 -24.76
CA TRP F 235 -2.43 -31.42 -25.08
C TRP F 235 -3.00 -30.40 -26.06
N ASN F 236 -3.95 -30.87 -26.87
CA ASN F 236 -4.70 -30.04 -27.78
C ASN F 236 -3.84 -29.22 -28.71
N ASP F 237 -3.16 -29.90 -29.61
CA ASP F 237 -2.27 -29.22 -30.56
C ASP F 237 -1.11 -28.64 -29.80
N GLY F 238 -0.67 -29.39 -28.79
CA GLY F 238 0.45 -28.98 -27.99
C GLY F 238 0.33 -27.61 -27.40
N VAL F 239 -0.87 -27.20 -27.02
CA VAL F 239 -1.12 -25.90 -26.40
C VAL F 239 -0.61 -25.88 -24.96
N SER F 240 -0.89 -26.91 -24.18
CA SER F 240 -0.43 -26.98 -22.79
C SER F 240 -0.51 -28.40 -22.24
N PHE F 241 -0.28 -28.57 -20.94
CA PHE F 241 -0.50 -29.84 -20.25
C PHE F 241 -0.67 -29.53 -18.76
N PRO F 242 -1.27 -30.44 -17.98
CA PRO F 242 -1.75 -30.09 -16.65
C PRO F 242 -0.79 -29.25 -15.80
N ILE F 243 0.46 -29.70 -15.77
CA ILE F 243 1.52 -29.10 -15.00
C ILE F 243 1.81 -27.69 -15.51
N GLN F 244 2.16 -27.57 -16.78
CA GLN F 244 2.32 -26.25 -17.41
C GLN F 244 1.23 -25.27 -17.07
N SER F 245 -0.04 -25.70 -17.00
CA SER F 245 -1.15 -24.79 -16.64
C SER F 245 -1.42 -24.71 -15.13
N GLY F 246 -0.43 -25.06 -14.31
CA GLY F 246 -0.44 -24.73 -12.87
C GLY F 246 -0.80 -25.79 -11.81
N HIS F 247 -1.24 -26.97 -12.28
CA HIS F 247 -1.70 -28.06 -11.43
C HIS F 247 -0.85 -29.34 -11.59
N GLY F 248 -0.54 -29.97 -10.45
CA GLY F 248 0.28 -31.17 -10.45
C GLY F 248 -0.38 -32.29 -11.22
N CYS F 249 0.45 -33.16 -11.78
CA CYS F 249 -0.06 -34.39 -12.39
C CYS F 249 -0.90 -35.17 -11.37
N LEU F 250 -2.05 -35.67 -11.83
CA LEU F 250 -2.92 -36.51 -11.01
C LEU F 250 -2.46 -37.97 -11.01
N GLY F 251 -1.55 -38.30 -11.92
CA GLY F 251 -1.19 -39.68 -12.21
C GLY F 251 -2.23 -40.46 -13.00
N CYS F 252 -3.04 -39.78 -13.81
CA CYS F 252 -4.24 -40.40 -14.38
C CYS F 252 -4.05 -41.49 -15.45
N SER F 253 -2.81 -41.73 -15.87
CA SER F 253 -2.55 -42.78 -16.85
C SER F 253 -2.09 -44.08 -16.19
N GLU F 254 -1.96 -44.05 -14.87
CA GLU F 254 -1.49 -45.20 -14.10
C GLU F 254 -2.59 -45.90 -13.32
N ASP F 255 -2.41 -47.21 -13.13
CA ASP F 255 -3.38 -48.03 -12.44
C ASP F 255 -3.57 -47.54 -11.01
N GLY F 256 -4.82 -47.32 -10.62
CA GLY F 256 -5.20 -47.05 -9.25
C GLY F 256 -4.92 -45.66 -8.74
N PHE F 257 -4.60 -44.73 -9.63
CA PHE F 257 -4.28 -43.35 -9.21
C PHE F 257 -5.35 -42.70 -8.32
N TRP F 258 -6.59 -43.15 -8.44
CA TRP F 258 -7.69 -42.67 -7.59
C TRP F 258 -7.50 -43.02 -6.12
N ASP F 259 -7.01 -44.22 -5.86
CA ASP F 259 -6.77 -44.68 -4.51
C ASP F 259 -5.31 -44.65 -4.11
N TYR F 260 -4.51 -43.88 -4.82
CA TYR F 260 -3.10 -43.73 -4.48
C TYR F 260 -2.88 -42.69 -3.35
N GLY F 261 -3.92 -42.40 -2.57
CA GLY F 261 -3.87 -41.32 -1.58
C GLY F 261 -4.47 -40.06 -2.18
N SER F 262 -4.26 -38.91 -1.54
CA SER F 262 -4.79 -37.64 -2.03
C SER F 262 -3.99 -37.10 -3.21
N PHE F 263 -4.63 -36.26 -4.01
CA PHE F 263 -3.97 -35.63 -5.16
C PHE F 263 -3.03 -34.53 -4.74
N TYR F 264 -3.21 -34.01 -3.53
CA TYR F 264 -2.38 -32.89 -3.13
C TYR F 264 -1.38 -33.30 -2.07
N SER F 265 -1.10 -34.62 -1.99
CA SER F 265 -0.10 -35.16 -1.05
C SER F 265 1.03 -35.82 -1.80
N ARG F 266 2.20 -35.79 -1.15
CA ARG F 266 3.49 -36.08 -1.78
C ARG F 266 3.65 -37.57 -2.12
N ALA F 267 2.94 -38.43 -1.37
CA ALA F 267 3.01 -39.91 -1.50
C ALA F 267 4.44 -40.45 -1.63
#